data_3M0E
#
_entry.id   3M0E
#
_cell.length_a   251.209
_cell.length_b   242.586
_cell.length_c   40.703
_cell.angle_alpha   90.00
_cell.angle_beta   90.00
_cell.angle_gamma   90.00
#
_symmetry.space_group_name_H-M   'P 21 21 2'
#
loop_
_entity.id
_entity.type
_entity.pdbx_description
1 polymer 'Transcriptional regulator (NtrC family)'
2 non-polymer "ADENOSINE-5'-TRIPHOSPHATE"
3 non-polymer 'MAGNESIUM ION'
4 water water
#
_entity_poly.entity_id   1
_entity_poly.type   'polypeptide(L)'
_entity_poly.pdbx_seq_one_letter_code
;RKENELLRREKDLKEEEYVFESPKMKEILEKIKKISCAECPVLITGESGVGKEVVARLIHKLSDRSKEPFVALNVASIPR
DIFEAELFGYEKGAFTGAVSSKEGFFELADGGTLFLDAIGELSLEAQAKLLRVIESGKFYRLGGRKEIEVNVRILAATNR
NIKELVKEGKFREDLYYRLGVIEIEIPPLRERKEDIIPLANHFLKKFSRKYAKEVEGFTKSAQELLLSYPWYGNVRELKN
VIERAVLFSEGKFIDRGELSCLVNSK
;
_entity_poly.pdbx_strand_id   A,B,C,D,E,F,G
#
# COMPACT_ATOMS: atom_id res chain seq x y z
N GLU A 17 42.80 -26.54 15.30
CA GLU A 17 42.10 -26.47 16.58
C GLU A 17 40.62 -26.80 16.45
N TYR A 18 40.23 -27.42 15.34
CA TYR A 18 38.87 -27.91 15.18
C TYR A 18 38.81 -29.40 15.44
N VAL A 19 37.71 -29.86 16.00
CA VAL A 19 37.56 -31.26 16.38
C VAL A 19 36.71 -32.08 15.40
N PHE A 20 37.32 -33.11 14.82
CA PHE A 20 36.61 -34.05 13.96
C PHE A 20 36.99 -35.48 14.37
N GLU A 21 36.12 -36.15 15.11
CA GLU A 21 36.44 -37.46 15.68
C GLU A 21 35.48 -38.56 15.26
N SER A 22 34.19 -38.26 15.28
CA SER A 22 33.21 -39.27 14.90
C SER A 22 33.43 -39.71 13.44
N PRO A 23 32.88 -40.87 13.08
CA PRO A 23 33.05 -41.34 11.72
C PRO A 23 32.59 -40.28 10.71
N LYS A 24 31.34 -39.81 10.79
CA LYS A 24 30.81 -38.89 9.77
C LYS A 24 31.64 -37.60 9.65
N MET A 25 32.10 -37.07 10.79
CA MET A 25 32.89 -35.84 10.76
C MET A 25 34.22 -36.09 10.09
N LYS A 26 34.77 -37.27 10.31
CA LYS A 26 36.01 -37.67 9.65
C LYS A 26 35.82 -37.81 8.12
N GLU A 27 34.70 -38.38 7.69
CA GLU A 27 34.39 -38.43 6.26
C GLU A 27 34.26 -37.00 5.71
N ILE A 28 33.54 -36.15 6.44
CA ILE A 28 33.34 -34.78 6.01
C ILE A 28 34.69 -34.08 5.84
N LEU A 29 35.54 -34.20 6.84
CA LEU A 29 36.88 -33.65 6.76
C LEU A 29 37.63 -34.14 5.52
N GLU A 30 37.44 -35.41 5.16
CA GLU A 30 38.09 -35.98 3.99
C GLU A 30 37.56 -35.34 2.71
N LYS A 31 36.23 -35.23 2.59
CA LYS A 31 35.63 -34.58 1.42
C LYS A 31 36.19 -33.17 1.27
N ILE A 32 36.35 -32.49 2.40
CA ILE A 32 36.85 -31.13 2.35
C ILE A 32 38.22 -31.11 1.72
N LYS A 33 39.07 -32.04 2.13
CA LYS A 33 40.44 -32.14 1.57
C LYS A 33 40.41 -32.52 0.09
N LYS A 34 39.59 -33.51 -0.26
CA LYS A 34 39.53 -33.96 -1.65
C LYS A 34 39.01 -32.89 -2.63
N ILE A 35 38.30 -31.87 -2.15
CA ILE A 35 37.79 -30.83 -3.07
C ILE A 35 38.64 -29.57 -3.11
N SER A 36 39.75 -29.57 -2.37
CA SER A 36 40.75 -28.49 -2.40
C SER A 36 41.12 -28.01 -3.80
N CYS A 37 41.27 -28.94 -4.74
CA CYS A 37 41.67 -28.63 -6.10
C CYS A 37 40.50 -28.12 -6.94
N ALA A 38 39.30 -28.19 -6.39
CA ALA A 38 38.11 -27.81 -7.14
C ALA A 38 37.55 -26.46 -6.72
N GLU A 39 36.64 -25.95 -7.52
CA GLU A 39 36.00 -24.66 -7.27
C GLU A 39 34.49 -24.73 -7.40
N CYS A 40 33.94 -25.93 -7.29
CA CYS A 40 32.53 -26.07 -7.59
C CYS A 40 31.71 -25.72 -6.38
N PRO A 41 30.47 -25.30 -6.61
CA PRO A 41 29.60 -24.86 -5.50
C PRO A 41 29.42 -25.97 -4.44
N VAL A 42 29.51 -25.58 -3.18
CA VAL A 42 29.24 -26.50 -2.08
C VAL A 42 28.01 -26.06 -1.30
N LEU A 43 27.10 -27.00 -1.05
CA LEU A 43 25.89 -26.72 -0.27
C LEU A 43 25.94 -27.41 1.08
N ILE A 44 26.07 -26.61 2.13
CA ILE A 44 26.27 -27.12 3.49
C ILE A 44 25.00 -27.01 4.34
N THR A 45 24.49 -28.13 4.83
CA THR A 45 23.26 -28.09 5.59
C THR A 45 23.38 -28.76 6.95
N GLY A 46 22.42 -28.49 7.83
CA GLY A 46 22.40 -29.06 9.17
C GLY A 46 21.79 -28.12 10.20
N GLU A 47 21.38 -28.68 11.33
CA GLU A 47 20.80 -27.91 12.42
C GLU A 47 21.70 -26.80 12.92
N SER A 48 21.07 -25.85 13.62
CA SER A 48 21.80 -24.73 14.21
C SER A 48 22.92 -25.22 15.14
N GLY A 49 24.13 -24.74 14.91
CA GLY A 49 25.24 -25.03 15.78
C GLY A 49 26.05 -26.29 15.42
N VAL A 50 25.79 -26.90 14.28
CA VAL A 50 26.51 -28.13 13.97
C VAL A 50 27.84 -27.87 13.31
N GLY A 51 28.11 -26.62 12.95
CA GLY A 51 29.40 -26.22 12.39
C GLY A 51 29.43 -25.87 10.90
N LYS A 52 28.29 -25.41 10.36
CA LYS A 52 28.24 -25.13 8.94
C LYS A 52 29.24 -24.03 8.54
N GLU A 53 29.29 -22.95 9.32
CA GLU A 53 30.21 -21.87 9.05
C GLU A 53 31.68 -22.30 9.24
N VAL A 54 31.94 -23.15 10.23
CA VAL A 54 33.27 -23.69 10.38
C VAL A 54 33.66 -24.46 9.11
N VAL A 55 32.78 -25.35 8.67
CA VAL A 55 33.05 -26.09 7.45
C VAL A 55 33.25 -25.17 6.22
N ALA A 56 32.47 -24.10 6.13
CA ALA A 56 32.58 -23.23 4.96
C ALA A 56 33.94 -22.52 4.98
N ARG A 57 34.35 -22.02 6.14
CA ARG A 57 35.62 -21.30 6.23
C ARG A 57 36.83 -22.25 6.07
N LEU A 58 36.68 -23.49 6.55
CA LEU A 58 37.68 -24.54 6.33
C LEU A 58 37.87 -24.87 4.84
N ILE A 59 36.76 -25.05 4.13
CA ILE A 59 36.81 -25.31 2.71
C ILE A 59 37.57 -24.19 2.04
N HIS A 60 37.36 -22.97 2.52
CA HIS A 60 38.01 -21.81 1.94
C HIS A 60 39.53 -21.84 2.21
N LYS A 61 39.89 -22.06 3.47
CA LYS A 61 41.31 -22.12 3.90
C LYS A 61 42.11 -23.19 3.15
N LEU A 62 41.50 -24.36 2.90
CA LEU A 62 42.17 -25.46 2.17
C LEU A 62 42.11 -25.34 0.66
N SER A 63 41.44 -24.32 0.15
CA SER A 63 41.20 -24.21 -1.28
C SER A 63 42.28 -23.39 -1.97
N ASP A 64 42.22 -23.31 -3.29
CA ASP A 64 43.17 -22.54 -4.08
C ASP A 64 42.94 -21.03 -3.95
N ARG A 65 41.93 -20.62 -3.19
CA ARG A 65 41.65 -19.20 -2.98
C ARG A 65 41.86 -18.78 -1.53
N SER A 66 42.55 -19.61 -0.76
CA SER A 66 42.72 -19.34 0.66
C SER A 66 43.17 -17.90 0.93
N LYS A 67 43.87 -17.30 -0.03
CA LYS A 67 44.48 -16.00 0.16
C LYS A 67 43.62 -14.88 -0.40
N GLU A 68 42.52 -15.26 -1.04
CA GLU A 68 41.60 -14.28 -1.60
C GLU A 68 40.48 -14.05 -0.60
N PRO A 69 39.66 -13.02 -0.85
CA PRO A 69 38.64 -12.62 0.11
C PRO A 69 37.59 -13.69 0.34
N PHE A 70 37.10 -13.78 1.58
CA PHE A 70 35.96 -14.63 1.91
C PHE A 70 34.80 -13.73 2.34
N VAL A 71 33.91 -13.43 1.39
CA VAL A 71 32.79 -12.52 1.59
C VAL A 71 31.55 -13.25 2.11
N ALA A 72 31.23 -13.04 3.39
CA ALA A 72 30.05 -13.65 4.00
C ALA A 72 28.83 -12.74 3.87
N LEU A 73 27.66 -13.35 3.67
CA LEU A 73 26.46 -12.58 3.36
C LEU A 73 25.22 -13.34 3.80
N ASN A 74 24.45 -12.81 4.75
CA ASN A 74 23.16 -13.42 5.07
C ASN A 74 22.21 -13.05 3.95
N VAL A 75 22.13 -13.90 2.94
CA VAL A 75 21.49 -13.50 1.69
C VAL A 75 19.98 -13.33 1.83
N ALA A 76 19.37 -13.99 2.82
CA ALA A 76 17.92 -13.89 2.99
C ALA A 76 17.50 -12.64 3.75
N SER A 77 18.44 -12.02 4.48
CA SER A 77 18.14 -10.82 5.26
C SER A 77 18.23 -9.47 4.47
N ILE A 78 18.79 -9.50 3.26
CA ILE A 78 18.75 -8.36 2.36
C ILE A 78 17.32 -8.07 1.93
N PRO A 79 16.86 -6.83 2.11
CA PRO A 79 15.48 -6.45 1.75
C PRO A 79 15.25 -6.54 0.25
N ARG A 80 14.08 -7.02 -0.14
CA ARG A 80 13.79 -7.36 -1.53
C ARG A 80 14.01 -6.22 -2.53
N ASP A 81 13.75 -4.99 -2.11
CA ASP A 81 13.83 -3.87 -3.02
C ASP A 81 15.26 -3.46 -3.34
N ILE A 82 16.23 -3.95 -2.58
CA ILE A 82 17.62 -3.65 -2.92
C ILE A 82 18.45 -4.88 -3.25
N PHE A 83 17.79 -6.01 -3.45
CA PHE A 83 18.51 -7.25 -3.66
C PHE A 83 19.47 -7.18 -4.85
N GLU A 84 18.98 -6.78 -6.01
CA GLU A 84 19.84 -6.65 -7.18
C GLU A 84 20.97 -5.66 -6.93
N ALA A 85 20.63 -4.48 -6.43
CA ALA A 85 21.63 -3.46 -6.18
C ALA A 85 22.76 -3.99 -5.32
N GLU A 86 22.41 -4.78 -4.32
CA GLU A 86 23.38 -5.24 -3.38
C GLU A 86 24.25 -6.38 -3.96
N LEU A 87 23.65 -7.28 -4.72
CA LEU A 87 24.39 -8.39 -5.32
C LEU A 87 25.10 -8.00 -6.61
N PHE A 88 24.47 -7.16 -7.41
CA PHE A 88 24.97 -6.91 -8.76
C PHE A 88 25.45 -5.49 -8.95
N GLY A 89 25.20 -4.64 -7.95
CA GLY A 89 25.53 -3.24 -8.04
C GLY A 89 24.61 -2.47 -8.98
N TYR A 90 24.91 -1.20 -9.22
CA TYR A 90 24.04 -0.40 -10.06
C TYR A 90 24.87 0.59 -10.85
N GLU A 91 24.37 0.96 -12.02
CA GLU A 91 25.10 1.86 -12.89
C GLU A 91 24.69 3.29 -12.55
N LYS A 92 25.61 4.23 -12.69
CA LYS A 92 25.26 5.62 -12.52
C LYS A 92 24.21 5.94 -13.57
N GLY A 93 23.21 6.71 -13.19
CA GLY A 93 22.09 7.02 -14.05
C GLY A 93 20.88 6.35 -13.45
N ALA A 94 20.37 5.36 -14.17
CA ALA A 94 19.66 4.23 -13.59
C ALA A 94 18.72 4.56 -12.44
N PHE A 95 17.73 5.40 -12.72
CA PHE A 95 16.74 5.78 -11.73
C PHE A 95 17.40 6.33 -10.46
N THR A 96 17.38 7.67 -10.34
CA THR A 96 18.21 8.44 -9.39
C THR A 96 19.12 7.50 -8.68
N GLY A 97 19.73 6.64 -9.48
CA GLY A 97 20.79 5.81 -8.98
C GLY A 97 21.87 6.78 -8.70
N ALA A 98 21.66 7.77 -7.80
CA ALA A 98 22.89 8.30 -7.37
C ALA A 98 23.61 8.94 -8.56
N VAL A 99 24.90 9.17 -8.33
CA VAL A 99 25.76 9.93 -9.18
C VAL A 99 26.69 8.97 -9.92
N SER A 100 27.20 7.97 -9.19
CA SER A 100 28.17 7.05 -9.76
C SER A 100 27.80 5.57 -9.58
N SER A 101 28.45 4.72 -10.37
CA SER A 101 28.27 3.27 -10.28
C SER A 101 28.79 2.69 -8.97
N LYS A 102 28.26 1.53 -8.58
CA LYS A 102 28.66 0.89 -7.34
C LYS A 102 28.74 -0.62 -7.57
N GLU A 103 29.85 -1.23 -7.17
CA GLU A 103 30.02 -2.68 -7.23
C GLU A 103 29.06 -3.38 -6.31
N GLY A 104 28.54 -4.52 -6.74
CA GLY A 104 27.76 -5.39 -5.85
C GLY A 104 28.69 -6.38 -5.17
N PHE A 105 28.14 -7.27 -4.35
CA PHE A 105 28.96 -8.24 -3.64
C PHE A 105 29.60 -9.30 -4.56
N PHE A 106 28.97 -9.60 -5.71
CA PHE A 106 29.58 -10.55 -6.63
C PHE A 106 30.90 -10.00 -7.11
N GLU A 107 30.94 -8.73 -7.50
CA GLU A 107 32.20 -8.13 -7.95
C GLU A 107 33.18 -8.01 -6.81
N LEU A 108 32.71 -7.67 -5.62
CA LEU A 108 33.58 -7.53 -4.47
C LEU A 108 34.29 -8.86 -4.18
N ALA A 109 33.71 -9.95 -4.61
CA ALA A 109 34.25 -11.27 -4.31
C ALA A 109 34.94 -11.88 -5.51
N ASP A 110 34.97 -11.15 -6.63
CA ASP A 110 35.68 -11.61 -7.81
C ASP A 110 37.04 -12.19 -7.46
N GLY A 111 37.32 -13.40 -7.94
CA GLY A 111 38.56 -14.07 -7.68
C GLY A 111 38.63 -14.69 -6.30
N GLY A 112 37.56 -14.53 -5.54
CA GLY A 112 37.52 -15.03 -4.18
C GLY A 112 36.41 -16.02 -3.96
N THR A 113 35.86 -16.01 -2.76
CA THR A 113 34.80 -16.91 -2.38
C THR A 113 33.63 -16.09 -1.83
N LEU A 114 32.42 -16.39 -2.30
CA LEU A 114 31.21 -15.75 -1.83
C LEU A 114 30.37 -16.77 -1.06
N PHE A 115 30.10 -16.48 0.21
CA PHE A 115 29.39 -17.41 1.06
C PHE A 115 27.95 -16.94 1.28
N LEU A 116 27.00 -17.59 0.63
CA LEU A 116 25.59 -17.28 0.79
C LEU A 116 25.01 -18.05 1.98
N ASP A 117 24.91 -17.38 3.13
CA ASP A 117 24.36 -17.96 4.35
C ASP A 117 22.83 -17.81 4.38
N ALA A 118 22.16 -18.74 5.04
CA ALA A 118 20.70 -18.74 5.11
C ALA A 118 20.06 -18.85 3.73
N ILE A 119 20.76 -19.50 2.80
CA ILE A 119 20.28 -19.70 1.44
C ILE A 119 18.85 -20.26 1.39
N GLY A 120 18.49 -21.12 2.34
CA GLY A 120 17.18 -21.75 2.34
C GLY A 120 16.03 -20.85 2.80
N GLU A 121 16.35 -19.67 3.27
CA GLU A 121 15.31 -18.74 3.69
C GLU A 121 15.07 -17.69 2.60
N LEU A 122 15.84 -17.74 1.53
CA LEU A 122 15.72 -16.76 0.46
C LEU A 122 14.33 -16.87 -0.17
N SER A 123 13.78 -15.74 -0.56
CA SER A 123 12.46 -15.73 -1.21
C SER A 123 12.55 -16.29 -2.62
N LEU A 124 11.44 -16.85 -3.08
CA LEU A 124 11.35 -17.35 -4.45
C LEU A 124 11.72 -16.27 -5.44
N GLU A 125 11.28 -15.05 -5.18
CA GLU A 125 11.59 -13.94 -6.05
C GLU A 125 13.11 -13.76 -6.14
N ALA A 126 13.78 -13.87 -4.99
CA ALA A 126 15.21 -13.60 -4.97
C ALA A 126 16.03 -14.77 -5.52
N GLN A 127 15.59 -16.00 -5.24
CA GLN A 127 16.25 -17.19 -5.78
C GLN A 127 16.33 -17.06 -7.29
N ALA A 128 15.25 -16.61 -7.92
CA ALA A 128 15.21 -16.51 -9.37
C ALA A 128 16.24 -15.54 -9.89
N LYS A 129 16.46 -14.44 -9.15
CA LYS A 129 17.46 -13.43 -9.56
C LYS A 129 18.90 -13.94 -9.49
N LEU A 130 19.14 -14.99 -8.72
CA LEU A 130 20.48 -15.57 -8.52
C LEU A 130 20.81 -16.62 -9.55
N LEU A 131 19.76 -17.11 -10.21
CA LEU A 131 19.80 -18.30 -11.03
C LEU A 131 20.91 -18.35 -12.08
N ARG A 132 20.94 -17.35 -12.96
CA ARG A 132 21.87 -17.36 -14.09
C ARG A 132 23.31 -17.07 -13.68
N VAL A 133 23.49 -16.37 -12.57
CA VAL A 133 24.83 -16.00 -12.13
C VAL A 133 25.65 -17.20 -11.66
N ILE A 134 24.98 -18.13 -10.96
CA ILE A 134 25.68 -19.24 -10.34
C ILE A 134 26.54 -20.02 -11.31
N GLU A 135 26.01 -20.35 -12.48
CA GLU A 135 26.80 -21.11 -13.45
C GLU A 135 27.57 -20.26 -14.47
N SER A 136 27.01 -19.12 -14.87
CA SER A 136 27.65 -18.34 -15.94
C SER A 136 28.60 -17.24 -15.47
N GLY A 137 28.52 -16.89 -14.18
CA GLY A 137 29.33 -15.82 -13.65
C GLY A 137 29.05 -14.47 -14.30
N LYS A 138 27.91 -14.36 -14.96
CA LYS A 138 27.59 -13.15 -15.72
C LYS A 138 26.25 -12.52 -15.28
N PHE A 139 26.20 -11.20 -15.33
CA PHE A 139 25.00 -10.47 -14.93
C PHE A 139 25.09 -9.04 -15.42
N TYR A 140 23.95 -8.35 -15.42
CA TYR A 140 23.92 -6.91 -15.67
C TYR A 140 23.72 -6.16 -14.36
N ARG A 141 24.36 -5.01 -14.23
CA ARG A 141 24.13 -4.19 -13.05
C ARG A 141 22.72 -3.64 -13.16
N LEU A 142 22.09 -3.41 -12.02
CA LEU A 142 20.85 -2.67 -12.01
C LEU A 142 21.03 -1.41 -12.85
N GLY A 143 20.29 -1.33 -13.96
CA GLY A 143 20.32 -0.18 -14.85
C GLY A 143 21.39 -0.14 -15.92
N GLY A 144 22.23 -1.18 -15.95
CA GLY A 144 23.37 -1.20 -16.84
C GLY A 144 23.11 -2.02 -18.09
N ARG A 145 23.90 -1.79 -19.12
CA ARG A 145 23.71 -2.50 -20.39
C ARG A 145 25.01 -3.20 -20.82
N LYS A 146 25.92 -3.39 -19.89
CA LYS A 146 27.16 -4.11 -20.16
C LYS A 146 27.17 -5.36 -19.31
N GLU A 147 27.22 -6.52 -19.95
CA GLU A 147 27.35 -7.75 -19.19
C GLU A 147 28.67 -7.74 -18.40
N ILE A 148 28.59 -8.04 -17.12
CA ILE A 148 29.77 -8.11 -16.29
C ILE A 148 30.07 -9.55 -16.03
N GLU A 149 31.35 -9.90 -15.99
CA GLU A 149 31.73 -11.29 -15.73
C GLU A 149 32.66 -11.38 -14.53
N VAL A 150 32.40 -12.34 -13.64
CA VAL A 150 33.23 -12.51 -12.46
C VAL A 150 33.52 -13.97 -12.29
N ASN A 151 34.54 -14.25 -11.51
CA ASN A 151 34.92 -15.62 -11.28
C ASN A 151 34.87 -15.84 -9.78
N VAL A 152 33.74 -16.37 -9.33
CA VAL A 152 33.49 -16.41 -7.90
C VAL A 152 33.19 -17.83 -7.47
N ARG A 153 33.85 -18.29 -6.41
CA ARG A 153 33.50 -19.60 -5.92
C ARG A 153 32.39 -19.48 -4.91
N ILE A 154 31.32 -20.23 -5.11
CA ILE A 154 30.16 -20.15 -4.27
C ILE A 154 30.07 -21.20 -3.18
N LEU A 155 29.85 -20.78 -1.95
CA LEU A 155 29.51 -21.68 -0.88
C LEU A 155 28.13 -21.25 -0.38
N ALA A 156 27.31 -22.18 0.09
CA ALA A 156 26.02 -21.82 0.68
C ALA A 156 25.71 -22.72 1.86
N ALA A 157 25.02 -22.17 2.85
CA ALA A 157 24.65 -22.92 4.02
C ALA A 157 23.23 -22.59 4.45
N THR A 158 22.55 -23.54 5.10
CA THR A 158 21.28 -23.27 5.69
C THR A 158 20.97 -24.31 6.74
N ASN A 159 20.18 -23.91 7.73
CA ASN A 159 19.70 -24.83 8.73
C ASN A 159 18.26 -25.23 8.45
N ARG A 160 17.80 -24.94 7.24
CA ARG A 160 16.44 -25.33 6.83
C ARG A 160 16.54 -26.66 6.11
N ASN A 161 15.48 -27.43 6.16
CA ASN A 161 15.40 -28.70 5.44
C ASN A 161 15.28 -28.46 3.92
N ILE A 162 16.41 -28.32 3.22
CA ILE A 162 16.34 -27.77 1.86
C ILE A 162 15.75 -28.73 0.84
N LYS A 163 15.92 -30.02 1.09
CA LYS A 163 15.30 -31.01 0.23
C LYS A 163 13.77 -30.97 0.35
N GLU A 164 13.27 -30.78 1.56
CA GLU A 164 11.83 -30.63 1.77
C GLU A 164 11.30 -29.35 1.11
N LEU A 165 12.09 -28.28 1.18
CA LEU A 165 11.68 -27.01 0.56
C LEU A 165 11.57 -27.16 -0.97
N VAL A 166 12.47 -27.95 -1.56
CA VAL A 166 12.34 -28.22 -2.98
C VAL A 166 11.06 -28.99 -3.29
N LYS A 167 10.79 -30.04 -2.52
CA LYS A 167 9.58 -30.84 -2.73
C LYS A 167 8.31 -30.00 -2.57
N GLU A 168 8.32 -29.03 -1.67
CA GLU A 168 7.14 -28.23 -1.43
C GLU A 168 7.08 -27.02 -2.34
N GLY A 169 8.05 -26.92 -3.25
CA GLY A 169 8.09 -25.77 -4.14
C GLY A 169 8.50 -24.45 -3.49
N LYS A 170 8.98 -24.49 -2.25
CA LYS A 170 9.39 -23.30 -1.56
C LYS A 170 10.80 -22.90 -1.98
N PHE A 171 11.50 -23.82 -2.63
CA PHE A 171 12.84 -23.56 -3.13
C PHE A 171 12.94 -24.16 -4.53
N ARG A 172 13.46 -23.35 -5.48
CA ARG A 172 13.58 -23.77 -6.88
C ARG A 172 14.46 -25.00 -7.10
N GLU A 173 13.92 -25.99 -7.80
CA GLU A 173 14.68 -27.15 -8.21
C GLU A 173 15.90 -26.74 -9.02
N ASP A 174 15.72 -25.84 -9.98
CA ASP A 174 16.86 -25.44 -10.80
C ASP A 174 18.01 -24.73 -10.07
N LEU A 175 17.70 -24.08 -8.96
CA LEU A 175 18.75 -23.43 -8.19
C LEU A 175 19.41 -24.47 -7.32
N TYR A 176 18.62 -25.38 -6.78
CA TYR A 176 19.17 -26.48 -5.99
C TYR A 176 20.24 -27.29 -6.71
N TYR A 177 19.98 -27.69 -7.96
CA TYR A 177 20.97 -28.46 -8.68
C TYR A 177 22.18 -27.63 -9.09
N ARG A 178 22.05 -26.31 -9.05
CA ARG A 178 23.21 -25.46 -9.34
C ARG A 178 24.10 -25.28 -8.12
N LEU A 179 23.49 -25.24 -6.94
CA LEU A 179 24.22 -24.95 -5.72
C LEU A 179 24.81 -26.20 -5.14
N GLY A 180 24.04 -27.29 -5.20
CA GLY A 180 24.46 -28.54 -4.58
C GLY A 180 25.29 -29.49 -5.44
N VAL A 181 26.32 -28.96 -6.10
CA VAL A 181 27.27 -29.79 -6.83
C VAL A 181 27.99 -30.69 -5.84
N ILE A 182 28.53 -30.10 -4.78
CA ILE A 182 29.01 -30.89 -3.65
C ILE A 182 28.07 -30.67 -2.49
N GLU A 183 27.63 -31.73 -1.82
CA GLU A 183 26.69 -31.61 -0.69
C GLU A 183 27.24 -32.15 0.61
N ILE A 184 27.42 -31.28 1.59
CA ILE A 184 27.84 -31.68 2.92
C ILE A 184 26.71 -31.52 3.94
N GLU A 185 26.19 -32.64 4.43
CA GLU A 185 25.10 -32.61 5.39
C GLU A 185 25.70 -32.95 6.72
N ILE A 186 25.86 -31.95 7.58
CA ILE A 186 26.47 -32.18 8.87
C ILE A 186 25.44 -32.64 9.89
N PRO A 187 25.70 -33.78 10.53
CA PRO A 187 24.70 -34.35 11.45
C PRO A 187 24.65 -33.62 12.79
N PRO A 188 23.52 -33.75 13.51
CA PRO A 188 23.40 -33.12 14.83
C PRO A 188 24.42 -33.74 15.79
N LEU A 189 24.73 -33.03 16.85
CA LEU A 189 25.72 -33.51 17.81
C LEU A 189 25.26 -34.85 18.40
N ARG A 190 23.95 -34.99 18.58
CA ARG A 190 23.40 -36.16 19.27
C ARG A 190 23.59 -37.45 18.47
N GLU A 191 23.98 -37.33 17.21
CA GLU A 191 24.27 -38.48 16.34
C GLU A 191 25.75 -38.53 16.02
N ARG A 192 26.55 -37.84 16.83
CA ARG A 192 28.01 -37.82 16.68
C ARG A 192 28.63 -37.96 18.06
N LYS A 193 28.08 -38.86 18.88
CA LYS A 193 28.49 -38.94 20.28
C LYS A 193 30.01 -39.01 20.47
N GLU A 194 30.72 -39.56 19.49
CA GLU A 194 32.16 -39.62 19.60
C GLU A 194 32.81 -38.23 19.64
N ASP A 195 32.07 -37.22 19.22
CA ASP A 195 32.59 -35.86 19.17
C ASP A 195 32.40 -35.13 20.50
N ILE A 196 31.38 -35.54 21.25
CA ILE A 196 30.97 -34.82 22.45
C ILE A 196 32.10 -34.58 23.47
N ILE A 197 32.67 -35.66 24.00
CA ILE A 197 33.76 -35.54 24.99
C ILE A 197 35.00 -34.80 24.45
N PRO A 198 35.50 -35.18 23.26
CA PRO A 198 36.65 -34.39 22.78
C PRO A 198 36.31 -32.89 22.63
N LEU A 199 35.09 -32.57 22.19
CA LEU A 199 34.65 -31.17 22.09
C LEU A 199 34.62 -30.52 23.48
N ALA A 200 33.90 -31.13 24.42
CA ALA A 200 33.90 -30.62 25.78
C ALA A 200 35.31 -30.38 26.29
N ASN A 201 36.20 -31.37 26.09
CA ASN A 201 37.58 -31.23 26.57
C ASN A 201 38.26 -30.02 25.91
N HIS A 202 38.08 -29.91 24.60
CA HIS A 202 38.68 -28.80 23.84
C HIS A 202 38.24 -27.46 24.42
N PHE A 203 36.97 -27.34 24.76
CA PHE A 203 36.46 -26.06 25.29
C PHE A 203 36.95 -25.82 26.71
N LEU A 204 36.89 -26.86 27.53
CA LEU A 204 37.39 -26.76 28.89
C LEU A 204 38.82 -26.25 28.90
N LYS A 205 39.65 -26.77 28.00
CA LYS A 205 41.03 -26.31 27.93
C LYS A 205 41.06 -24.82 27.53
N LYS A 206 40.31 -24.49 26.49
CA LYS A 206 40.30 -23.13 25.97
C LYS A 206 39.86 -22.11 27.03
N PHE A 207 38.74 -22.40 27.70
CA PHE A 207 38.19 -21.44 28.65
C PHE A 207 38.97 -21.40 29.95
N SER A 208 39.45 -22.55 30.41
CA SER A 208 40.29 -22.61 31.61
C SER A 208 41.52 -21.72 31.45
N ARG A 209 42.14 -21.80 30.28
CA ARG A 209 43.24 -20.90 29.96
C ARG A 209 42.75 -19.45 29.95
N LYS A 210 41.75 -19.16 29.12
CA LYS A 210 41.24 -17.81 28.95
C LYS A 210 40.85 -17.08 30.26
N TYR A 211 40.16 -17.78 31.15
CA TYR A 211 39.71 -17.18 32.40
C TYR A 211 40.58 -17.52 33.61
N ALA A 212 41.80 -18.00 33.35
CA ALA A 212 42.76 -18.31 34.41
C ALA A 212 42.13 -19.12 35.55
N LYS A 213 41.59 -20.28 35.21
CA LYS A 213 41.02 -21.15 36.22
C LYS A 213 41.79 -22.49 36.27
N GLU A 214 41.48 -23.28 37.29
CA GLU A 214 42.27 -24.48 37.52
C GLU A 214 41.53 -25.75 37.12
N VAL A 215 40.47 -25.60 36.34
CA VAL A 215 39.73 -26.77 35.91
C VAL A 215 40.57 -27.55 34.90
N GLU A 216 40.46 -28.88 34.96
CA GLU A 216 41.33 -29.77 34.19
C GLU A 216 40.52 -30.78 33.39
N GLY A 217 39.35 -31.16 33.90
CA GLY A 217 38.58 -32.23 33.31
C GLY A 217 37.23 -32.44 33.96
N PHE A 218 36.53 -33.47 33.51
CA PHE A 218 35.19 -33.79 34.01
C PHE A 218 35.22 -35.12 34.75
N THR A 219 34.40 -35.23 35.79
CA THR A 219 34.21 -36.54 36.42
C THR A 219 33.54 -37.50 35.43
N LYS A 220 33.54 -38.78 35.78
CA LYS A 220 32.96 -39.79 34.91
C LYS A 220 31.46 -39.59 34.87
N SER A 221 30.93 -39.07 35.98
CA SER A 221 29.51 -38.83 36.11
C SER A 221 29.06 -37.69 35.18
N ALA A 222 29.89 -36.63 35.13
CA ALA A 222 29.64 -35.50 34.27
C ALA A 222 29.67 -35.92 32.80
N GLN A 223 30.67 -36.72 32.44
CA GLN A 223 30.81 -37.19 31.07
C GLN A 223 29.58 -37.98 30.61
N GLU A 224 28.98 -38.75 31.51
CA GLU A 224 27.77 -39.48 31.15
C GLU A 224 26.67 -38.50 30.78
N LEU A 225 26.59 -37.43 31.56
CA LEU A 225 25.57 -36.42 31.34
C LEU A 225 25.75 -35.79 29.96
N LEU A 226 26.97 -35.36 29.68
CA LEU A 226 27.30 -34.76 28.40
C LEU A 226 26.87 -35.66 27.24
N LEU A 227 27.03 -36.97 27.39
CA LEU A 227 26.75 -37.87 26.27
C LEU A 227 25.28 -38.14 26.04
N SER A 228 24.46 -37.92 27.08
CA SER A 228 23.05 -38.29 27.03
C SER A 228 22.14 -37.08 26.77
N TYR A 229 22.69 -35.89 26.98
CA TYR A 229 21.97 -34.66 26.69
C TYR A 229 21.84 -34.49 25.16
N PRO A 230 20.64 -34.12 24.69
CA PRO A 230 20.30 -34.04 23.26
C PRO A 230 21.08 -32.97 22.49
N TRP A 231 21.50 -31.90 23.15
CA TRP A 231 22.21 -30.79 22.49
C TRP A 231 21.44 -30.17 21.32
N TYR A 232 20.27 -29.64 21.60
CA TYR A 232 19.42 -29.08 20.54
C TYR A 232 20.09 -27.88 19.88
N GLY A 233 21.02 -27.24 20.57
CA GLY A 233 21.79 -26.15 20.02
C GLY A 233 23.14 -26.62 19.54
N ASN A 234 23.31 -27.94 19.57
CA ASN A 234 24.51 -28.61 19.05
C ASN A 234 25.85 -28.06 19.54
N VAL A 235 26.86 -27.97 18.68
CA VAL A 235 28.17 -27.59 19.19
C VAL A 235 28.17 -26.25 19.93
N ARG A 236 27.35 -25.32 19.47
CA ARG A 236 27.24 -24.02 20.14
C ARG A 236 26.64 -24.12 21.54
N GLU A 237 25.58 -24.91 21.70
CA GLU A 237 25.07 -25.12 23.04
C GLU A 237 26.13 -25.77 23.94
N LEU A 238 26.87 -26.74 23.39
CA LEU A 238 27.88 -27.43 24.19
C LEU A 238 28.91 -26.41 24.63
N LYS A 239 29.47 -25.68 23.68
CA LYS A 239 30.42 -24.63 24.01
C LYS A 239 29.90 -23.64 25.06
N ASN A 240 28.60 -23.32 25.02
CA ASN A 240 28.07 -22.41 26.00
C ASN A 240 28.09 -23.05 27.38
N VAL A 241 27.65 -24.31 27.45
CA VAL A 241 27.58 -25.01 28.72
C VAL A 241 28.96 -25.18 29.35
N ILE A 242 29.97 -25.46 28.53
CA ILE A 242 31.31 -25.58 29.09
C ILE A 242 31.79 -24.21 29.55
N GLU A 243 31.54 -23.17 28.75
CA GLU A 243 31.94 -21.82 29.17
C GLU A 243 31.31 -21.43 30.53
N ARG A 244 30.06 -21.82 30.76
CA ARG A 244 29.45 -21.61 32.08
C ARG A 244 30.14 -22.43 33.18
N ALA A 245 30.30 -23.73 32.92
CA ALA A 245 30.90 -24.63 33.90
C ALA A 245 32.27 -24.13 34.37
N VAL A 246 33.10 -23.70 33.43
CA VAL A 246 34.41 -23.15 33.76
C VAL A 246 34.32 -21.85 34.59
N LEU A 247 33.48 -20.91 34.16
CA LEU A 247 33.31 -19.65 34.90
C LEU A 247 32.78 -19.82 36.33
N PHE A 248 31.92 -20.82 36.54
CA PHE A 248 31.30 -21.04 37.85
C PHE A 248 31.98 -22.17 38.65
N SER A 249 33.03 -22.76 38.07
CA SER A 249 33.68 -23.92 38.67
C SER A 249 34.51 -23.55 39.89
N GLU A 250 34.68 -24.53 40.78
CA GLU A 250 35.54 -24.40 41.95
C GLU A 250 36.72 -25.38 41.90
N GLY A 251 36.42 -26.66 41.71
CA GLY A 251 37.45 -27.68 41.81
C GLY A 251 38.56 -27.63 40.78
N LYS A 252 39.11 -28.81 40.51
CA LYS A 252 39.99 -29.01 39.37
C LYS A 252 39.18 -29.81 38.38
N PHE A 253 38.03 -30.29 38.87
CA PHE A 253 37.14 -31.10 38.05
C PHE A 253 35.69 -30.64 38.13
N ILE A 254 34.99 -30.79 37.01
CA ILE A 254 33.57 -30.47 36.94
C ILE A 254 32.77 -31.74 37.18
N ASP A 255 31.90 -31.71 38.19
CA ASP A 255 31.10 -32.88 38.54
C ASP A 255 29.70 -32.79 37.93
N ARG A 256 28.96 -33.90 37.96
CA ARG A 256 27.62 -33.93 37.40
C ARG A 256 26.71 -32.82 37.94
N GLY A 257 26.87 -32.49 39.21
CA GLY A 257 26.04 -31.47 39.82
C GLY A 257 26.19 -30.11 39.15
N GLU A 258 27.44 -29.72 38.88
CA GLU A 258 27.73 -28.42 38.27
C GLU A 258 27.14 -28.31 36.85
N LEU A 259 27.03 -29.45 36.16
CA LEU A 259 26.46 -29.49 34.80
C LEU A 259 24.95 -29.52 34.83
N SER A 260 24.42 -30.40 35.67
CA SER A 260 22.98 -30.62 35.75
C SER A 260 22.17 -29.33 35.97
N CYS A 261 22.74 -28.40 36.74
CA CYS A 261 22.08 -27.13 36.98
C CYS A 261 22.39 -26.12 35.88
N LEU A 262 23.13 -26.57 34.87
CA LEU A 262 23.48 -25.75 33.71
C LEU A 262 22.73 -26.17 32.45
N VAL A 263 22.08 -27.33 32.46
CA VAL A 263 21.34 -27.82 31.29
C VAL A 263 19.84 -27.95 31.55
N GLU B 17 23.60 -0.11 46.90
CA GLU B 17 22.26 0.27 47.34
C GLU B 17 21.20 -0.58 46.64
N TYR B 18 21.60 -1.71 46.07
CA TYR B 18 20.62 -2.65 45.55
C TYR B 18 20.42 -3.80 46.52
N VAL B 19 19.19 -4.31 46.59
CA VAL B 19 18.83 -5.36 47.52
C VAL B 19 18.80 -6.76 46.93
N PHE B 20 19.65 -7.64 47.45
CA PHE B 20 19.63 -9.05 47.07
C PHE B 20 19.64 -9.93 48.33
N GLU B 21 18.48 -10.43 48.74
CA GLU B 21 18.37 -11.15 49.99
C GLU B 21 17.87 -12.58 49.84
N SER B 22 16.86 -12.79 49.00
CA SER B 22 16.34 -14.13 48.80
C SER B 22 17.42 -15.07 48.22
N PRO B 23 17.21 -16.39 48.36
CA PRO B 23 18.21 -17.32 47.84
C PRO B 23 18.50 -17.07 46.35
N LYS B 24 17.46 -17.06 45.50
CA LYS B 24 17.70 -16.93 44.07
C LYS B 24 18.42 -15.63 43.70
N MET B 25 18.05 -14.53 44.35
CA MET B 25 18.71 -13.26 44.07
C MET B 25 20.18 -13.32 44.47
N LYS B 26 20.47 -14.01 45.57
CA LYS B 26 21.85 -14.16 46.02
C LYS B 26 22.66 -15.00 45.01
N GLU B 27 22.03 -16.05 44.47
CA GLU B 27 22.68 -16.84 43.42
C GLU B 27 22.95 -15.94 42.21
N ILE B 28 21.94 -15.17 41.80
CA ILE B 28 22.06 -14.30 40.65
C ILE B 28 23.22 -13.32 40.86
N LEU B 29 23.25 -12.68 42.02
CA LEU B 29 24.37 -11.80 42.36
C LEU B 29 25.71 -12.52 42.24
N GLU B 30 25.76 -13.78 42.66
CA GLU B 30 27.00 -14.52 42.54
C GLU B 30 27.41 -14.74 41.09
N LYS B 31 26.47 -15.18 40.25
CA LYS B 31 26.75 -15.37 38.82
C LYS B 31 27.27 -14.07 38.24
N ILE B 32 26.66 -12.96 38.62
CA ILE B 32 27.09 -11.68 38.08
C ILE B 32 28.56 -11.47 38.38
N LYS B 33 28.97 -11.76 39.62
CA LYS B 33 30.36 -11.60 40.02
C LYS B 33 31.28 -12.57 39.28
N LYS B 34 30.86 -13.83 39.19
CA LYS B 34 31.69 -14.81 38.53
C LYS B 34 31.92 -14.55 37.04
N ILE B 35 31.06 -13.75 36.38
CA ILE B 35 31.25 -13.49 34.95
C ILE B 35 31.97 -12.18 34.66
N SER B 36 32.37 -11.49 35.72
CA SER B 36 33.14 -10.24 35.62
C SER B 36 34.33 -10.30 34.65
N CYS B 37 35.05 -11.42 34.67
CA CYS B 37 36.20 -11.62 33.79
C CYS B 37 35.81 -11.96 32.35
N ALA B 38 34.52 -12.22 32.11
CA ALA B 38 34.07 -12.65 30.79
C ALA B 38 33.36 -11.53 30.03
N GLU B 39 33.13 -11.78 28.75
CA GLU B 39 32.50 -10.81 27.86
C GLU B 39 31.40 -11.47 27.03
N CYS B 40 30.96 -12.65 27.44
CA CYS B 40 30.01 -13.38 26.62
C CYS B 40 28.60 -12.81 26.79
N PRO B 41 27.77 -13.01 25.75
CA PRO B 41 26.41 -12.45 25.78
C PRO B 41 25.63 -12.95 26.98
N VAL B 42 24.87 -12.05 27.60
CA VAL B 42 23.98 -12.43 28.67
C VAL B 42 22.54 -12.14 28.32
N LEU B 43 21.67 -13.13 28.55
CA LEU B 43 20.24 -13.02 28.26
C LEU B 43 19.42 -12.99 29.53
N ILE B 44 18.85 -11.83 29.82
CA ILE B 44 18.17 -11.58 31.10
C ILE B 44 16.66 -11.55 30.88
N THR B 45 15.93 -12.43 31.58
CA THR B 45 14.50 -12.51 31.39
C THR B 45 13.74 -12.43 32.71
N GLY B 46 12.44 -12.16 32.62
CA GLY B 46 11.57 -12.02 33.77
C GLY B 46 10.45 -11.00 33.57
N GLU B 47 9.43 -11.09 34.42
CA GLU B 47 8.29 -10.18 34.37
C GLU B 47 8.68 -8.72 34.51
N SER B 48 7.76 -7.84 34.14
CA SER B 48 7.99 -6.42 34.25
C SER B 48 8.24 -6.00 35.69
N GLY B 49 9.32 -5.27 35.90
CA GLY B 49 9.65 -4.77 37.23
C GLY B 49 10.47 -5.68 38.13
N VAL B 50 11.00 -6.79 37.61
CA VAL B 50 11.75 -7.70 38.48
C VAL B 50 13.21 -7.34 38.59
N GLY B 51 13.66 -6.42 37.77
CA GLY B 51 15.00 -5.88 37.89
C GLY B 51 15.96 -6.18 36.77
N LYS B 52 15.42 -6.38 35.57
CA LYS B 52 16.28 -6.82 34.48
C LYS B 52 17.31 -5.74 34.13
N GLU B 53 16.86 -4.49 34.06
CA GLU B 53 17.76 -3.40 33.74
C GLU B 53 18.80 -3.17 34.85
N VAL B 54 18.38 -3.32 36.10
CA VAL B 54 19.32 -3.23 37.22
C VAL B 54 20.41 -4.29 37.02
N VAL B 55 19.99 -5.53 36.78
CA VAL B 55 20.97 -6.59 36.55
C VAL B 55 21.89 -6.30 35.34
N ALA B 56 21.33 -5.77 34.27
CA ALA B 56 22.17 -5.48 33.12
C ALA B 56 23.21 -4.41 33.44
N ARG B 57 22.79 -3.36 34.13
CA ARG B 57 23.72 -2.28 34.45
C ARG B 57 24.75 -2.73 35.49
N LEU B 58 24.35 -3.62 36.38
CA LEU B 58 25.27 -4.19 37.37
C LEU B 58 26.35 -5.05 36.71
N ILE B 59 25.94 -5.88 35.76
CA ILE B 59 26.88 -6.72 35.03
C ILE B 59 27.91 -5.81 34.38
N HIS B 60 27.45 -4.67 33.90
CA HIS B 60 28.31 -3.72 33.21
C HIS B 60 29.32 -3.12 34.19
N LYS B 61 28.82 -2.63 35.31
CA LYS B 61 29.63 -1.98 36.34
C LYS B 61 30.72 -2.90 36.90
N LEU B 62 30.42 -4.21 37.05
CA LEU B 62 31.38 -5.19 37.55
C LEU B 62 32.31 -5.79 36.47
N SER B 63 32.09 -5.41 35.22
CA SER B 63 32.80 -6.04 34.12
C SER B 63 34.05 -5.26 33.79
N ASP B 64 34.83 -5.79 32.86
CA ASP B 64 36.06 -5.16 32.41
C ASP B 64 35.83 -3.93 31.54
N ARG B 65 34.56 -3.61 31.28
CA ARG B 65 34.23 -2.45 30.46
C ARG B 65 33.50 -1.39 31.27
N SER B 66 33.57 -1.48 32.59
CA SER B 66 32.78 -0.58 33.45
C SER B 66 32.96 0.87 33.08
N LYS B 67 34.11 1.20 32.49
CA LYS B 67 34.45 2.59 32.20
C LYS B 67 34.16 2.96 30.75
N GLU B 68 33.72 1.98 29.96
CA GLU B 68 33.34 2.21 28.57
C GLU B 68 31.84 2.48 28.51
N PRO B 69 31.36 2.96 27.35
CA PRO B 69 29.95 3.33 27.20
C PRO B 69 29.00 2.14 27.42
N PHE B 70 27.85 2.43 28.00
CA PHE B 70 26.75 1.48 28.09
C PHE B 70 25.56 1.99 27.25
N VAL B 71 25.48 1.52 26.01
CA VAL B 71 24.48 1.96 25.05
C VAL B 71 23.18 1.14 25.16
N ALA B 72 22.13 1.79 25.65
CA ALA B 72 20.81 1.15 25.79
C ALA B 72 19.97 1.42 24.56
N LEU B 73 19.21 0.41 24.16
CA LEU B 73 18.45 0.47 22.92
C LEU B 73 17.20 -0.40 23.03
N ASN B 74 16.01 0.18 22.93
CA ASN B 74 14.81 -0.64 22.79
C ASN B 74 14.75 -1.16 21.36
N VAL B 75 15.28 -2.35 21.13
CA VAL B 75 15.60 -2.75 19.77
C VAL B 75 14.35 -3.09 18.96
N ALA B 76 13.25 -3.39 19.65
CA ALA B 76 12.01 -3.75 18.95
C ALA B 76 11.20 -2.52 18.51
N SER B 77 11.49 -1.36 19.11
CA SER B 77 10.75 -0.15 18.77
C SER B 77 11.33 0.62 17.56
N ILE B 78 12.54 0.26 17.13
CA ILE B 78 13.09 0.80 15.88
C ILE B 78 12.23 0.35 14.69
N PRO B 79 11.72 1.30 13.90
CA PRO B 79 10.90 0.98 12.72
C PRO B 79 11.68 0.18 11.68
N ARG B 80 11.01 -0.80 11.08
CA ARG B 80 11.68 -1.80 10.23
C ARG B 80 12.48 -1.21 9.07
N ASP B 81 12.01 -0.11 8.52
CA ASP B 81 12.64 0.45 7.33
C ASP B 81 13.96 1.15 7.64
N ILE B 82 14.22 1.43 8.91
CA ILE B 82 15.51 2.01 9.28
C ILE B 82 16.36 1.13 10.18
N PHE B 83 15.94 -0.11 10.37
CA PHE B 83 16.65 -0.99 11.28
C PHE B 83 18.16 -1.10 10.97
N GLU B 84 18.51 -1.47 9.74
CA GLU B 84 19.92 -1.57 9.36
C GLU B 84 20.64 -0.24 9.57
N ALA B 85 20.06 0.82 9.05
CA ALA B 85 20.69 2.13 9.12
C ALA B 85 21.03 2.47 10.56
N GLU B 86 20.15 2.11 11.47
CA GLU B 86 20.30 2.47 12.85
C GLU B 86 21.31 1.59 13.59
N LEU B 87 21.33 0.30 13.28
CA LEU B 87 22.28 -0.62 13.89
C LEU B 87 23.65 -0.61 13.23
N PHE B 88 23.67 -0.50 11.91
CA PHE B 88 24.91 -0.68 11.17
C PHE B 88 25.42 0.60 10.51
N GLY B 89 24.59 1.63 10.52
CA GLY B 89 24.93 2.88 9.84
C GLY B 89 24.74 2.81 8.34
N TYR B 90 25.13 3.85 7.61
CA TYR B 90 24.99 3.83 6.17
C TYR B 90 26.13 4.58 5.55
N GLU B 91 26.48 4.23 4.33
CA GLU B 91 27.62 4.84 3.65
C GLU B 91 27.09 6.02 2.87
N LYS B 92 27.90 7.06 2.73
CA LYS B 92 27.53 8.17 1.87
C LYS B 92 27.38 7.58 0.48
N GLY B 93 26.34 8.00 -0.23
CA GLY B 93 26.08 7.44 -1.53
C GLY B 93 24.66 6.95 -1.68
N ALA B 94 24.45 5.99 -2.58
CA ALA B 94 23.09 5.51 -2.82
C ALA B 94 22.50 5.02 -1.52
N PHE B 95 21.24 4.60 -1.58
CA PHE B 95 20.49 4.31 -0.37
C PHE B 95 20.77 5.55 0.47
N THR B 96 20.20 6.65 -0.01
CA THR B 96 20.67 7.99 0.30
C THR B 96 19.77 8.81 1.23
N GLY B 97 19.28 9.92 0.69
CA GLY B 97 18.93 11.05 1.51
C GLY B 97 20.17 11.63 2.16
N ALA B 98 21.36 11.15 1.76
CA ALA B 98 22.52 11.73 2.41
C ALA B 98 23.83 11.96 1.67
N VAL B 99 24.65 12.76 2.33
CA VAL B 99 25.86 13.34 1.82
C VAL B 99 27.03 12.54 2.38
N SER B 100 26.95 12.22 3.67
CA SER B 100 28.06 11.56 4.35
C SER B 100 27.65 10.29 5.10
N SER B 101 28.66 9.46 5.40
CA SER B 101 28.46 8.24 6.19
C SER B 101 28.03 8.53 7.63
N LYS B 102 27.38 7.56 8.27
CA LYS B 102 26.89 7.70 9.63
C LYS B 102 27.09 6.38 10.40
N GLU B 103 27.71 6.45 11.57
CA GLU B 103 27.88 5.28 12.41
C GLU B 103 26.55 4.76 12.89
N GLY B 104 26.42 3.44 13.00
CA GLY B 104 25.25 2.85 13.63
C GLY B 104 25.55 2.63 15.11
N PHE B 105 24.59 2.08 15.84
CA PHE B 105 24.79 1.86 17.28
C PHE B 105 25.86 0.80 17.62
N PHE B 106 26.10 -0.16 16.72
CA PHE B 106 27.15 -1.14 16.98
C PHE B 106 28.48 -0.43 17.06
N GLU B 107 28.73 0.49 16.12
CA GLU B 107 29.98 1.23 16.13
C GLU B 107 30.06 2.14 17.32
N LEU B 108 28.94 2.78 17.65
CA LEU B 108 28.91 3.72 18.77
C LEU B 108 29.25 3.00 20.08
N ALA B 109 29.08 1.69 20.08
CA ALA B 109 29.30 0.93 21.28
C ALA B 109 30.60 0.13 21.22
N ASP B 110 31.33 0.24 20.11
CA ASP B 110 32.64 -0.39 19.98
C ASP B 110 33.47 -0.23 21.27
N GLY B 111 34.01 -1.34 21.77
CA GLY B 111 34.80 -1.31 22.97
C GLY B 111 33.96 -1.22 24.24
N GLY B 112 32.65 -1.10 24.06
CA GLY B 112 31.77 -0.95 25.19
C GLY B 112 30.77 -2.08 25.31
N THR B 113 29.58 -1.71 25.79
CA THR B 113 28.51 -2.65 26.02
C THR B 113 27.25 -2.17 25.31
N LEU B 114 26.60 -3.08 24.59
CA LEU B 114 25.37 -2.75 23.84
C LEU B 114 24.25 -3.55 24.44
N PHE B 115 23.25 -2.85 24.96
CA PHE B 115 22.15 -3.49 25.68
C PHE B 115 20.89 -3.52 24.81
N LEU B 116 20.57 -4.69 24.26
CA LEU B 116 19.38 -4.85 23.44
C LEU B 116 18.17 -5.18 24.33
N ASP B 117 17.41 -4.15 24.67
CA ASP B 117 16.22 -4.30 25.50
C ASP B 117 14.98 -4.69 24.62
N ALA B 118 14.01 -5.39 25.22
CA ALA B 118 12.84 -5.89 24.51
C ALA B 118 13.19 -6.83 23.35
N ILE B 119 14.30 -7.54 23.48
CA ILE B 119 14.80 -8.43 22.44
C ILE B 119 13.73 -9.42 21.98
N GLY B 120 12.87 -9.84 22.90
CA GLY B 120 11.83 -10.81 22.59
C GLY B 120 10.67 -10.27 21.78
N GLU B 121 10.65 -8.97 21.53
CA GLU B 121 9.56 -8.39 20.77
C GLU B 121 10.03 -8.07 19.37
N LEU B 122 11.32 -8.32 19.12
CA LEU B 122 11.92 -8.06 17.82
C LEU B 122 11.23 -8.90 16.74
N SER B 123 11.04 -8.31 15.56
CA SER B 123 10.42 -9.05 14.47
C SER B 123 11.38 -10.12 13.94
N LEU B 124 10.81 -11.18 13.39
CA LEU B 124 11.62 -12.21 12.74
C LEU B 124 12.53 -11.58 11.69
N GLU B 125 12.00 -10.64 10.93
CA GLU B 125 12.78 -10.00 9.88
C GLU B 125 14.00 -9.36 10.53
N ALA B 126 13.80 -8.71 11.68
CA ALA B 126 14.90 -7.97 12.29
C ALA B 126 15.90 -8.89 13.00
N GLN B 127 15.38 -9.94 13.66
CA GLN B 127 16.22 -10.94 14.29
C GLN B 127 17.25 -11.48 13.28
N ALA B 128 16.80 -11.71 12.05
CA ALA B 128 17.65 -12.30 11.04
C ALA B 128 18.80 -11.37 10.69
N LYS B 129 18.53 -10.07 10.70
CA LYS B 129 19.55 -9.05 10.40
C LYS B 129 20.62 -8.92 11.51
N LEU B 130 20.32 -9.41 12.71
CA LEU B 130 21.23 -9.31 13.85
C LEU B 130 22.14 -10.51 13.95
N LEU B 131 21.72 -11.57 13.27
CA LEU B 131 22.29 -12.90 13.41
C LEU B 131 23.81 -12.98 13.33
N ARG B 132 24.37 -12.49 12.22
CA ARG B 132 25.80 -12.71 11.98
C ARG B 132 26.66 -11.81 12.84
N VAL B 133 26.11 -10.69 13.26
CA VAL B 133 26.87 -9.72 14.03
C VAL B 133 27.21 -10.20 15.43
N ILE B 134 26.25 -10.87 16.07
CA ILE B 134 26.42 -11.29 17.45
C ILE B 134 27.73 -12.05 17.72
N GLU B 135 28.04 -13.04 16.88
CA GLU B 135 29.26 -13.81 17.11
C GLU B 135 30.49 -13.29 16.37
N SER B 136 30.32 -12.74 15.17
CA SER B 136 31.49 -12.34 14.37
C SER B 136 31.92 -10.89 14.55
N GLY B 137 31.06 -10.07 15.13
CA GLY B 137 31.35 -8.65 15.30
C GLY B 137 31.55 -7.92 13.98
N LYS B 138 31.10 -8.52 12.89
CA LYS B 138 31.32 -7.97 11.57
C LYS B 138 30.01 -7.70 10.82
N PHE B 139 29.98 -6.64 10.03
CA PHE B 139 28.81 -6.29 9.21
C PHE B 139 29.20 -5.27 8.15
N TYR B 140 28.35 -5.13 7.14
CA TYR B 140 28.50 -4.05 6.18
C TYR B 140 27.52 -2.94 6.54
N ARG B 141 27.92 -1.70 6.31
CA ARG B 141 26.95 -0.61 6.45
C ARG B 141 25.95 -0.68 5.30
N LEU B 142 24.73 -0.25 5.57
CA LEU B 142 23.76 -0.06 4.52
C LEU B 142 24.42 0.68 3.37
N GLY B 143 24.59 -0.02 2.25
CA GLY B 143 25.14 0.60 1.05
C GLY B 143 26.65 0.57 0.92
N GLY B 144 27.31 -0.02 1.90
CA GLY B 144 28.77 -0.04 1.92
C GLY B 144 29.35 -1.35 1.43
N ARG B 145 30.61 -1.33 1.04
CA ARG B 145 31.25 -2.53 0.55
C ARG B 145 32.54 -2.86 1.34
N LYS B 146 32.66 -2.27 2.53
CA LYS B 146 33.79 -2.58 3.41
C LYS B 146 33.28 -3.24 4.68
N GLU B 147 33.72 -4.47 4.94
CA GLU B 147 33.35 -5.11 6.19
C GLU B 147 33.86 -4.29 7.37
N ILE B 148 32.98 -4.02 8.31
CA ILE B 148 33.38 -3.29 9.49
C ILE B 148 33.45 -4.26 10.65
N GLU B 149 34.45 -4.09 11.51
CA GLU B 149 34.57 -4.97 12.67
C GLU B 149 34.55 -4.20 14.00
N VAL B 150 33.79 -4.71 14.96
CA VAL B 150 33.66 -4.02 16.23
C VAL B 150 33.75 -5.05 17.30
N ASN B 151 34.07 -4.60 18.49
CA ASN B 151 34.21 -5.49 19.61
C ASN B 151 33.24 -5.02 20.66
N VAL B 152 32.07 -5.64 20.68
CA VAL B 152 30.97 -5.17 21.50
C VAL B 152 30.47 -6.25 22.43
N ARG B 153 30.35 -5.93 23.71
CA ARG B 153 29.77 -6.93 24.57
C ARG B 153 28.25 -6.80 24.59
N ILE B 154 27.56 -7.90 24.32
CA ILE B 154 26.12 -7.86 24.20
C ILE B 154 25.36 -8.28 25.45
N LEU B 155 24.41 -7.45 25.85
CA LEU B 155 23.45 -7.85 26.88
C LEU B 155 22.07 -7.77 26.23
N ALA B 156 21.13 -8.60 26.66
CA ALA B 156 19.77 -8.52 26.14
C ALA B 156 18.78 -8.85 27.24
N ALA B 157 17.65 -8.17 27.24
CA ALA B 157 16.60 -8.43 28.22
C ALA B 157 15.23 -8.50 27.53
N THR B 158 14.32 -9.26 28.13
CA THR B 158 12.92 -9.20 27.71
C THR B 158 12.01 -9.73 28.78
N ASN B 159 10.77 -9.21 28.82
CA ASN B 159 9.75 -9.68 29.72
C ASN B 159 8.80 -10.65 29.04
N ARG B 160 9.21 -11.11 27.86
CA ARG B 160 8.43 -12.07 27.11
C ARG B 160 8.96 -13.45 27.42
N ASN B 161 8.08 -14.43 27.32
CA ASN B 161 8.47 -15.83 27.54
C ASN B 161 9.35 -16.35 26.38
N ILE B 162 10.67 -16.18 26.45
CA ILE B 162 11.50 -16.34 25.24
C ILE B 162 11.73 -17.78 24.81
N LYS B 163 11.68 -18.68 25.77
CA LYS B 163 11.71 -20.10 25.42
C LYS B 163 10.43 -20.54 24.69
N GLU B 164 9.27 -20.04 25.12
CA GLU B 164 8.04 -20.32 24.41
C GLU B 164 8.08 -19.74 22.98
N LEU B 165 8.64 -18.55 22.84
CA LEU B 165 8.68 -17.89 21.54
C LEU B 165 9.51 -18.72 20.57
N VAL B 166 10.58 -19.31 21.08
CA VAL B 166 11.38 -20.20 20.26
C VAL B 166 10.56 -21.41 19.83
N LYS B 167 9.88 -22.04 20.78
CA LYS B 167 9.06 -23.21 20.46
C LYS B 167 7.97 -22.88 19.44
N GLU B 168 7.45 -21.67 19.48
CA GLU B 168 6.37 -21.32 18.58
C GLU B 168 6.91 -20.73 17.28
N GLY B 169 8.22 -20.74 17.12
CA GLY B 169 8.82 -20.16 15.94
C GLY B 169 8.70 -18.64 15.83
N LYS B 170 8.30 -17.97 16.91
CA LYS B 170 8.23 -16.51 16.89
C LYS B 170 9.60 -15.89 17.15
N PHE B 171 10.56 -16.72 17.55
CA PHE B 171 11.93 -16.27 17.81
C PHE B 171 12.86 -17.31 17.29
N ARG B 172 13.86 -16.88 16.53
CA ARG B 172 14.82 -17.79 15.91
C ARG B 172 15.65 -18.60 16.90
N GLU B 173 15.70 -19.91 16.69
CA GLU B 173 16.50 -20.79 17.51
C GLU B 173 17.99 -20.39 17.42
N ASP B 174 18.47 -20.14 16.21
CA ASP B 174 19.87 -19.80 16.07
C ASP B 174 20.29 -18.48 16.73
N LEU B 175 19.35 -17.56 16.93
CA LEU B 175 19.68 -16.28 17.57
C LEU B 175 19.63 -16.54 19.07
N TYR B 176 18.70 -17.38 19.49
CA TYR B 176 18.60 -17.71 20.91
C TYR B 176 19.89 -18.34 21.46
N TYR B 177 20.45 -19.31 20.75
CA TYR B 177 21.69 -19.91 21.23
C TYR B 177 22.88 -18.93 21.14
N ARG B 178 22.77 -17.88 20.34
CA ARG B 178 23.85 -16.91 20.28
C ARG B 178 23.78 -15.92 21.47
N LEU B 179 22.56 -15.59 21.89
CA LEU B 179 22.36 -14.55 22.87
C LEU B 179 22.48 -15.12 24.26
N GLY B 180 21.91 -16.30 24.45
CA GLY B 180 21.82 -16.91 25.77
C GLY B 180 23.01 -17.80 26.15
N VAL B 181 24.22 -17.29 25.98
CA VAL B 181 25.39 -17.97 26.45
C VAL B 181 25.31 -18.04 27.98
N ILE B 182 25.09 -16.90 28.62
CA ILE B 182 24.77 -16.87 30.04
C ILE B 182 23.29 -16.50 30.20
N GLU B 183 22.53 -17.26 30.98
CA GLU B 183 21.11 -16.99 31.12
C GLU B 183 20.69 -16.66 32.54
N ILE B 184 20.21 -15.45 32.75
CA ILE B 184 19.72 -15.04 34.05
C ILE B 184 18.21 -14.86 34.02
N GLU B 185 17.49 -15.77 34.66
CA GLU B 185 16.04 -15.67 34.72
C GLU B 185 15.65 -15.17 36.09
N ILE B 186 15.25 -13.90 36.18
CA ILE B 186 14.90 -13.27 37.45
C ILE B 186 13.49 -13.58 37.82
N PRO B 187 13.27 -14.17 38.99
CA PRO B 187 11.92 -14.58 39.37
C PRO B 187 11.04 -13.40 39.78
N PRO B 188 9.72 -13.57 39.74
CA PRO B 188 8.79 -12.53 40.21
C PRO B 188 8.94 -12.28 41.70
N LEU B 189 8.53 -11.10 42.16
CA LEU B 189 8.69 -10.74 43.55
C LEU B 189 7.94 -11.72 44.46
N ARG B 190 6.81 -12.22 43.97
CA ARG B 190 5.97 -13.10 44.77
C ARG B 190 6.61 -14.46 45.06
N GLU B 191 7.72 -14.78 44.38
CA GLU B 191 8.48 -15.99 44.63
C GLU B 191 9.85 -15.66 45.22
N ARG B 192 9.96 -14.45 45.77
CA ARG B 192 11.18 -13.98 46.43
C ARG B 192 10.76 -13.26 47.71
N LYS B 193 9.82 -13.85 48.45
CA LYS B 193 9.28 -13.16 49.61
C LYS B 193 10.33 -12.62 50.59
N GLU B 194 11.51 -13.25 50.64
CA GLU B 194 12.60 -12.75 51.49
C GLU B 194 13.09 -11.37 51.06
N ASP B 195 12.81 -10.99 49.81
CA ASP B 195 13.22 -9.69 49.30
C ASP B 195 12.21 -8.57 49.64
N ILE B 196 10.95 -8.93 49.84
CA ILE B 196 9.89 -7.94 50.03
C ILE B 196 10.12 -6.91 51.14
N ILE B 197 10.24 -7.36 52.38
CA ILE B 197 10.45 -6.43 53.49
C ILE B 197 11.78 -5.64 53.35
N PRO B 198 12.90 -6.30 53.04
CA PRO B 198 14.10 -5.47 52.88
C PRO B 198 13.96 -4.42 51.78
N LEU B 199 13.28 -4.76 50.69
CA LEU B 199 12.99 -3.79 49.63
C LEU B 199 12.08 -2.67 50.11
N ALA B 200 10.95 -3.02 50.71
CA ALA B 200 10.11 -2.00 51.31
C ALA B 200 10.91 -1.08 52.25
N ASN B 201 11.74 -1.67 53.11
CA ASN B 201 12.50 -0.87 54.07
C ASN B 201 13.44 0.08 53.36
N HIS B 202 14.15 -0.45 52.37
CA HIS B 202 15.04 0.35 51.53
C HIS B 202 14.34 1.58 50.93
N PHE B 203 13.14 1.40 50.39
CA PHE B 203 12.43 2.49 49.76
C PHE B 203 11.92 3.46 50.79
N LEU B 204 11.39 2.93 51.89
CA LEU B 204 10.92 3.77 52.97
C LEU B 204 12.03 4.71 53.43
N LYS B 205 13.24 4.18 53.53
CA LYS B 205 14.35 5.01 53.97
C LYS B 205 14.63 6.08 52.93
N LYS B 206 14.72 5.65 51.67
CA LYS B 206 15.00 6.54 50.55
C LYS B 206 14.00 7.69 50.40
N PHE B 207 12.72 7.35 50.36
CA PHE B 207 11.69 8.37 50.21
C PHE B 207 11.51 9.25 51.45
N SER B 208 11.61 8.67 52.63
CA SER B 208 11.45 9.44 53.86
C SER B 208 12.51 10.55 53.89
N ARG B 209 13.73 10.19 53.51
CA ARG B 209 14.80 11.17 53.40
C ARG B 209 14.46 12.19 52.32
N LYS B 210 14.21 11.70 51.11
CA LYS B 210 13.90 12.57 49.98
C LYS B 210 12.77 13.58 50.22
N TYR B 211 11.68 13.16 50.85
CA TYR B 211 10.54 14.06 51.06
C TYR B 211 10.46 14.65 52.48
N ALA B 212 11.59 14.57 53.19
CA ALA B 212 11.68 15.08 54.57
C ALA B 212 10.49 14.68 55.45
N LYS B 213 10.29 13.37 55.60
CA LYS B 213 9.19 12.90 56.41
C LYS B 213 9.74 12.11 57.61
N GLU B 214 8.87 11.83 58.57
CA GLU B 214 9.32 11.18 59.78
C GLU B 214 8.99 9.69 59.82
N VAL B 215 8.67 9.10 58.68
CA VAL B 215 8.34 7.69 58.68
C VAL B 215 9.60 6.87 58.88
N GLU B 216 9.48 5.78 59.62
CA GLU B 216 10.64 5.01 60.07
C GLU B 216 10.50 3.57 59.72
N GLY B 217 9.25 3.08 59.67
CA GLY B 217 9.02 1.66 59.45
C GLY B 217 7.56 1.29 59.31
N PHE B 218 7.29 -0.01 59.25
CA PHE B 218 5.93 -0.53 59.07
C PHE B 218 5.48 -1.29 60.30
N THR B 219 4.20 -1.23 60.61
CA THR B 219 3.66 -2.09 61.64
C THR B 219 3.75 -3.55 61.19
N LYS B 220 3.55 -4.45 62.13
CA LYS B 220 3.61 -5.88 61.85
C LYS B 220 2.47 -6.24 60.90
N SER B 221 1.35 -5.54 61.08
CA SER B 221 0.16 -5.75 60.26
C SER B 221 0.42 -5.36 58.80
N ALA B 222 1.11 -4.25 58.61
CA ALA B 222 1.47 -3.77 57.30
C ALA B 222 2.42 -4.73 56.62
N GLN B 223 3.38 -5.24 57.37
CA GLN B 223 4.34 -6.17 56.82
C GLN B 223 3.67 -7.44 56.31
N GLU B 224 2.65 -7.91 57.00
CA GLU B 224 1.93 -9.09 56.55
C GLU B 224 1.31 -8.81 55.19
N LEU B 225 0.73 -7.63 55.07
CA LEU B 225 0.10 -7.22 53.82
C LEU B 225 1.10 -7.21 52.68
N LEU B 226 2.24 -6.56 52.88
CA LEU B 226 3.29 -6.55 51.89
C LEU B 226 3.70 -7.95 51.44
N LEU B 227 3.70 -8.92 52.34
CA LEU B 227 4.20 -10.25 51.98
C LEU B 227 3.19 -11.10 51.21
N SER B 228 1.91 -10.75 51.34
CA SER B 228 0.82 -11.56 50.79
C SER B 228 0.26 -11.01 49.47
N TYR B 229 0.54 -9.75 49.20
CA TYR B 229 0.17 -9.12 47.95
C TYR B 229 1.05 -9.70 46.83
N PRO B 230 0.43 -10.00 45.67
CA PRO B 230 1.07 -10.65 44.51
C PRO B 230 2.17 -9.85 43.81
N TRP B 231 2.09 -8.52 43.84
CA TRP B 231 3.07 -7.65 43.18
C TRP B 231 3.21 -7.93 41.69
N TYR B 232 2.13 -7.72 40.97
CA TYR B 232 2.10 -8.02 39.55
C TYR B 232 3.02 -7.11 38.77
N GLY B 233 3.32 -5.95 39.34
CA GLY B 233 4.30 -5.03 38.78
C GLY B 233 5.66 -5.19 39.44
N ASN B 234 5.77 -6.22 40.28
CA ASN B 234 7.04 -6.55 40.93
C ASN B 234 7.77 -5.40 41.63
N VAL B 235 9.09 -5.35 41.57
CA VAL B 235 9.80 -4.37 42.38
C VAL B 235 9.33 -2.95 42.11
N ARG B 236 8.94 -2.68 40.88
CA ARG B 236 8.49 -1.34 40.51
C ARG B 236 7.16 -1.00 41.17
N GLU B 237 6.23 -1.95 41.16
CA GLU B 237 4.99 -1.72 41.89
C GLU B 237 5.26 -1.52 43.39
N LEU B 238 6.15 -2.30 43.96
CA LEU B 238 6.46 -2.17 45.37
C LEU B 238 6.95 -0.76 45.64
N LYS B 239 7.99 -0.35 44.91
CA LYS B 239 8.53 1.01 45.00
C LYS B 239 7.46 2.11 44.85
N ASN B 240 6.51 1.91 43.95
CA ASN B 240 5.45 2.89 43.81
C ASN B 240 4.58 2.97 45.08
N VAL B 241 4.19 1.81 45.58
CA VAL B 241 3.34 1.76 46.76
C VAL B 241 4.04 2.39 47.98
N ILE B 242 5.34 2.16 48.14
CA ILE B 242 6.05 2.74 49.25
C ILE B 242 6.13 4.25 49.05
N GLU B 243 6.48 4.67 47.84
CA GLU B 243 6.51 6.11 47.56
C GLU B 243 5.16 6.80 47.89
N ARG B 244 4.05 6.13 47.61
CA ARG B 244 2.76 6.68 47.99
C ARG B 244 2.65 6.73 49.51
N ALA B 245 2.94 5.61 50.16
CA ALA B 245 2.74 5.48 51.59
C ALA B 245 3.50 6.58 52.33
N VAL B 246 4.73 6.83 51.93
CA VAL B 246 5.52 7.90 52.52
C VAL B 246 4.94 9.29 52.27
N LEU B 247 4.58 9.61 51.03
CA LEU B 247 3.99 10.92 50.75
C LEU B 247 2.69 11.20 51.51
N PHE B 248 1.87 10.17 51.72
CA PHE B 248 0.56 10.35 52.35
C PHE B 248 0.58 10.03 53.85
N SER B 249 1.75 9.64 54.36
CA SER B 249 1.88 9.16 55.74
C SER B 249 1.81 10.28 56.76
N GLU B 250 1.35 9.91 57.96
CA GLU B 250 1.29 10.85 59.07
C GLU B 250 2.21 10.42 60.20
N GLY B 251 2.08 9.18 60.64
CA GLY B 251 2.82 8.75 61.81
C GLY B 251 4.35 8.72 61.72
N LYS B 252 4.94 7.81 62.50
CA LYS B 252 6.34 7.46 62.33
C LYS B 252 6.31 6.08 61.71
N PHE B 253 5.13 5.49 61.70
CA PHE B 253 4.95 4.15 61.16
C PHE B 253 3.78 4.07 60.17
N ILE B 254 3.93 3.21 59.18
CA ILE B 254 2.86 2.94 58.22
C ILE B 254 2.09 1.70 58.68
N ASP B 255 0.79 1.87 58.91
CA ASP B 255 -0.07 0.77 59.36
C ASP B 255 -0.81 0.12 58.18
N ARG B 256 -1.42 -1.04 58.42
CA ARG B 256 -2.10 -1.80 57.38
C ARG B 256 -3.13 -0.96 56.63
N GLY B 257 -3.78 -0.05 57.33
CA GLY B 257 -4.81 0.74 56.73
C GLY B 257 -4.28 1.63 55.63
N GLU B 258 -3.13 2.25 55.86
CA GLU B 258 -2.53 3.16 54.90
C GLU B 258 -2.09 2.43 53.63
N LEU B 259 -1.75 1.16 53.76
CA LEU B 259 -1.34 0.34 52.62
C LEU B 259 -2.54 -0.19 51.87
N SER B 260 -3.50 -0.74 52.61
CA SER B 260 -4.66 -1.42 52.04
C SER B 260 -5.42 -0.53 51.04
N CYS B 261 -5.44 0.77 51.31
CA CYS B 261 -6.11 1.70 50.41
C CYS B 261 -5.16 2.16 49.29
N LEU B 262 -3.95 1.60 49.27
CA LEU B 262 -2.97 1.89 48.22
C LEU B 262 -2.78 0.71 47.26
N VAL B 263 -3.30 -0.47 47.61
CA VAL B 263 -3.12 -1.65 46.78
C VAL B 263 -4.45 -2.19 46.24
N GLU C 17 -11.18 28.98 42.56
CA GLU C 17 -12.49 28.99 41.94
C GLU C 17 -12.89 27.61 41.43
N TYR C 18 -12.20 26.57 41.92
CA TYR C 18 -12.62 25.21 41.61
C TYR C 18 -13.37 24.61 42.78
N VAL C 19 -14.35 23.77 42.49
CA VAL C 19 -15.19 23.19 43.52
C VAL C 19 -14.85 21.77 43.91
N PHE C 20 -14.50 21.58 45.17
CA PHE C 20 -14.27 20.25 45.71
C PHE C 20 -15.03 20.09 47.03
N GLU C 21 -16.18 19.42 46.99
CA GLU C 21 -17.05 19.32 48.17
C GLU C 21 -17.32 17.89 48.63
N SER C 22 -17.59 17.00 47.69
CA SER C 22 -17.86 15.60 48.05
C SER C 22 -16.65 14.99 48.75
N PRO C 23 -16.88 13.89 49.47
CA PRO C 23 -15.77 13.25 50.18
C PRO C 23 -14.62 12.91 49.23
N LYS C 24 -14.88 12.17 48.15
CA LYS C 24 -13.81 11.74 47.25
C LYS C 24 -13.03 12.90 46.63
N MET C 25 -13.73 13.98 46.28
CA MET C 25 -13.05 15.13 45.67
C MET C 25 -12.18 15.81 46.70
N LYS C 26 -12.61 15.80 47.96
CA LYS C 26 -11.81 16.36 49.04
C LYS C 26 -10.55 15.53 49.29
N GLU C 27 -10.67 14.20 49.19
CA GLU C 27 -9.50 13.33 49.30
C GLU C 27 -8.54 13.65 48.18
N ILE C 28 -9.09 13.75 46.96
CA ILE C 28 -8.28 13.99 45.79
C ILE C 28 -7.51 15.29 45.97
N LEU C 29 -8.22 16.33 46.40
CA LEU C 29 -7.59 17.62 46.65
C LEU C 29 -6.44 17.50 47.64
N GLU C 30 -6.63 16.65 48.66
CA GLU C 30 -5.58 16.41 49.64
C GLU C 30 -4.37 15.72 49.04
N LYS C 31 -4.59 14.64 48.29
CA LYS C 31 -3.47 13.99 47.57
C LYS C 31 -2.71 14.99 46.74
N ILE C 32 -3.44 15.87 46.04
CA ILE C 32 -2.77 16.85 45.20
C ILE C 32 -1.82 17.69 46.02
N LYS C 33 -2.29 18.14 47.18
CA LYS C 33 -1.44 18.95 48.08
C LYS C 33 -0.26 18.16 48.63
N LYS C 34 -0.52 16.92 49.06
CA LYS C 34 0.56 16.09 49.59
C LYS C 34 1.67 15.74 48.57
N ILE C 35 1.38 15.81 47.27
CA ILE C 35 2.43 15.49 46.29
C ILE C 35 3.15 16.69 45.72
N SER C 36 2.81 17.89 46.22
CA SER C 36 3.46 19.15 45.83
C SER C 36 4.99 19.09 45.85
N CYS C 37 5.54 18.39 46.84
CA CYS C 37 6.99 18.30 46.99
C CYS C 37 7.59 17.24 46.07
N ALA C 38 6.74 16.47 45.40
CA ALA C 38 7.21 15.38 44.56
C ALA C 38 7.12 15.70 43.07
N GLU C 39 7.75 14.86 42.28
CA GLU C 39 7.80 15.04 40.84
C GLU C 39 7.48 13.74 40.12
N CYS C 40 6.85 12.80 40.80
CA CYS C 40 6.67 11.50 40.20
C CYS C 40 5.49 11.52 39.27
N PRO C 41 5.48 10.59 38.32
CA PRO C 41 4.39 10.57 37.33
C PRO C 41 3.03 10.41 37.98
N VAL C 42 2.03 11.13 37.48
CA VAL C 42 0.68 10.97 37.95
C VAL C 42 -0.23 10.54 36.81
N LEU C 43 -1.03 9.51 37.05
CA LEU C 43 -1.96 8.97 36.08
C LEU C 43 -3.41 9.26 36.48
N ILE C 44 -4.05 10.15 35.71
CA ILE C 44 -5.38 10.66 36.03
C ILE C 44 -6.43 10.05 35.12
N THR C 45 -7.41 9.34 35.68
CA THR C 45 -8.42 8.69 34.88
C THR C 45 -9.83 9.04 35.31
N GLY C 46 -10.79 8.79 34.41
CA GLY C 46 -12.18 9.09 34.66
C GLY C 46 -12.95 9.44 33.40
N GLU C 47 -14.27 9.35 33.49
CA GLU C 47 -15.17 9.67 32.38
C GLU C 47 -14.98 11.08 31.84
N SER C 48 -15.45 11.28 30.61
CA SER C 48 -15.36 12.59 30.00
C SER C 48 -16.07 13.64 30.86
N GLY C 49 -15.35 14.71 31.17
CA GLY C 49 -15.94 15.83 31.85
C GLY C 49 -15.86 15.79 33.37
N VAL C 50 -15.12 14.84 33.91
CA VAL C 50 -15.07 14.75 35.36
C VAL C 50 -14.02 15.65 35.96
N GLY C 51 -13.17 16.23 35.12
CA GLY C 51 -12.18 17.20 35.57
C GLY C 51 -10.71 16.78 35.56
N LYS C 52 -10.36 15.85 34.67
CA LYS C 52 -8.99 15.35 34.61
C LYS C 52 -8.01 16.47 34.27
N GLU C 53 -8.35 17.31 33.30
CA GLU C 53 -7.46 18.39 32.92
C GLU C 53 -7.33 19.45 34.05
N VAL C 54 -8.44 19.70 34.75
CA VAL C 54 -8.41 20.59 35.88
C VAL C 54 -7.44 20.05 36.93
N VAL C 55 -7.59 18.78 37.27
CA VAL C 55 -6.66 18.16 38.20
C VAL C 55 -5.21 18.22 37.71
N ALA C 56 -4.98 18.00 36.44
CA ALA C 56 -3.60 18.00 35.97
C ALA C 56 -3.01 19.39 36.10
N ARG C 57 -3.77 20.41 35.72
CA ARG C 57 -3.25 21.78 35.78
C ARG C 57 -3.08 22.25 37.24
N LEU C 58 -3.96 21.80 38.13
CA LEU C 58 -3.85 22.08 39.56
C LEU C 58 -2.59 21.45 40.17
N ILE C 59 -2.30 20.19 39.83
CA ILE C 59 -1.10 19.53 40.29
C ILE C 59 0.11 20.34 39.87
N HIS C 60 0.04 20.91 38.68
CA HIS C 60 1.15 21.70 38.15
C HIS C 60 1.30 22.99 38.96
N LYS C 61 0.18 23.71 39.13
CA LYS C 61 0.18 24.98 39.85
C LYS C 61 0.71 24.84 41.29
N LEU C 62 0.40 23.74 41.96
CA LEU C 62 0.81 23.50 43.33
C LEU C 62 2.19 22.86 43.45
N SER C 63 2.81 22.55 42.33
CA SER C 63 4.07 21.84 42.35
C SER C 63 5.25 22.79 42.34
N ASP C 64 6.45 22.23 42.41
CA ASP C 64 7.69 23.01 42.41
C ASP C 64 8.03 23.51 41.02
N ARG C 65 7.23 23.17 40.03
CA ARG C 65 7.45 23.69 38.68
C ARG C 65 6.37 24.66 38.22
N SER C 66 5.60 25.22 39.16
CA SER C 66 4.44 26.02 38.81
C SER C 66 4.80 27.12 37.81
N LYS C 67 6.05 27.56 37.86
CA LYS C 67 6.49 28.69 37.04
C LYS C 67 7.18 28.24 35.77
N GLU C 68 7.34 26.93 35.60
CA GLU C 68 7.87 26.36 34.36
C GLU C 68 6.74 26.00 33.39
N PRO C 69 7.10 25.71 32.15
CA PRO C 69 6.09 25.49 31.12
C PRO C 69 5.23 24.26 31.44
N PHE C 70 3.96 24.33 31.05
CA PHE C 70 3.05 23.20 31.11
C PHE C 70 2.67 22.86 29.65
N VAL C 71 3.39 21.90 29.07
CA VAL C 71 3.19 21.47 27.68
C VAL C 71 2.12 20.37 27.56
N ALA C 72 0.97 20.73 27.01
CA ALA C 72 -0.13 19.78 26.78
C ALA C 72 -0.06 19.16 25.38
N LEU C 73 -0.41 17.89 25.29
CA LEU C 73 -0.19 17.14 24.07
C LEU C 73 -1.20 15.99 23.97
N ASN C 74 -2.06 15.99 22.95
CA ASN C 74 -2.92 14.83 22.75
C ASN C 74 -2.07 13.76 22.09
N VAL C 75 -1.49 12.88 22.89
CA VAL C 75 -0.39 12.06 22.42
C VAL C 75 -0.86 10.97 21.45
N ALA C 76 -2.12 10.57 21.54
CA ALA C 76 -2.65 9.56 20.62
C ALA C 76 -3.03 10.11 19.22
N SER C 77 -3.18 11.43 19.10
CA SER C 77 -3.57 12.02 17.82
C SER C 77 -2.37 12.34 16.89
N ILE C 78 -1.15 12.26 17.41
CA ILE C 78 0.03 12.38 16.60
C ILE C 78 0.14 11.18 15.65
N PRO C 79 0.22 11.44 14.35
CA PRO C 79 0.33 10.37 13.34
C PRO C 79 1.59 9.53 13.54
N ARG C 80 1.46 8.22 13.37
CA ARG C 80 2.51 7.27 13.73
C ARG C 80 3.85 7.53 13.05
N ASP C 81 3.81 8.00 11.82
CA ASP C 81 5.04 8.19 11.06
C ASP C 81 5.86 9.38 11.52
N ILE C 82 5.28 10.27 12.31
CA ILE C 82 6.06 11.37 12.88
C ILE C 82 6.16 11.35 14.40
N PHE C 83 5.73 10.25 15.01
CA PHE C 83 5.73 10.17 16.46
C PHE C 83 7.09 10.49 17.10
N GLU C 84 8.15 9.77 16.68
CA GLU C 84 9.48 10.04 17.20
C GLU C 84 9.91 11.48 16.95
N ALA C 85 9.80 11.91 15.69
CA ALA C 85 10.19 13.28 15.36
C ALA C 85 9.56 14.31 16.29
N GLU C 86 8.30 14.11 16.61
CA GLU C 86 7.54 15.07 17.40
C GLU C 86 7.91 15.01 18.90
N LEU C 87 8.12 13.81 19.43
CA LEU C 87 8.47 13.67 20.84
C LEU C 87 9.95 13.88 21.10
N PHE C 88 10.78 13.41 20.19
CA PHE C 88 12.23 13.37 20.44
C PHE C 88 13.03 14.30 19.54
N GLY C 89 12.38 14.84 18.53
CA GLY C 89 13.04 15.71 17.57
C GLY C 89 13.86 14.92 16.57
N TYR C 90 14.57 15.62 15.70
CA TYR C 90 15.37 14.94 14.70
C TYR C 90 16.65 15.70 14.48
N GLU C 91 17.69 14.99 14.06
CA GLU C 91 19.00 15.59 13.84
C GLU C 91 19.10 16.02 12.39
N LYS C 92 19.79 17.12 12.13
CA LYS C 92 20.00 17.53 10.76
C LYS C 92 20.76 16.39 10.11
N GLY C 93 20.38 16.04 8.90
CA GLY C 93 20.98 14.88 8.28
C GLY C 93 20.01 13.91 7.66
N ALA C 94 20.50 12.70 7.42
CA ALA C 94 19.92 11.78 6.42
C ALA C 94 18.44 11.48 6.59
N PHE C 95 18.06 11.00 7.76
CA PHE C 95 16.66 10.81 8.10
C PHE C 95 16.05 12.20 8.08
N THR C 96 15.74 12.68 6.88
CA THR C 96 15.50 14.09 6.65
C THR C 96 14.42 14.44 5.64
N GLY C 97 13.89 15.65 5.80
CA GLY C 97 13.47 16.50 4.70
C GLY C 97 14.12 17.83 5.04
N ALA C 98 15.21 17.74 5.80
CA ALA C 98 15.72 18.92 6.48
C ALA C 98 17.20 19.24 6.52
N VAL C 99 17.41 20.48 6.94
CA VAL C 99 18.65 21.18 6.92
C VAL C 99 19.22 21.20 8.33
N SER C 100 18.36 21.48 9.31
CA SER C 100 18.82 21.61 10.70
C SER C 100 18.03 20.77 11.70
N SER C 101 18.63 20.60 12.89
CA SER C 101 18.01 19.84 13.98
C SER C 101 16.77 20.54 14.53
N LYS C 102 15.89 19.78 15.17
CA LYS C 102 14.65 20.32 15.70
C LYS C 102 14.35 19.62 17.03
N GLU C 103 14.07 20.42 18.07
CA GLU C 103 13.70 19.90 19.37
C GLU C 103 12.37 19.18 19.28
N GLY C 104 12.21 18.10 20.02
CA GLY C 104 10.90 17.50 20.18
C GLY C 104 10.21 18.07 21.41
N PHE C 105 9.00 17.59 21.72
CA PHE C 105 8.28 18.08 22.87
C PHE C 105 8.92 17.74 24.23
N PHE C 106 9.65 16.63 24.33
CA PHE C 106 10.34 16.32 25.59
C PHE C 106 11.32 17.42 25.92
N GLU C 107 12.12 17.86 24.93
CA GLU C 107 13.08 18.94 25.19
C GLU C 107 12.38 20.25 25.45
N LEU C 108 11.30 20.51 24.72
CA LEU C 108 10.54 21.76 24.89
C LEU C 108 10.02 21.88 26.32
N ALA C 109 9.87 20.75 27.00
CA ALA C 109 9.31 20.72 28.33
C ALA C 109 10.40 20.49 29.39
N ASP C 110 11.65 20.37 28.97
CA ASP C 110 12.74 20.23 29.92
C ASP C 110 12.59 21.23 31.05
N GLY C 111 12.69 20.73 32.28
CA GLY C 111 12.57 21.56 33.47
C GLY C 111 11.14 21.90 33.82
N GLY C 112 10.20 21.45 33.00
CA GLY C 112 8.80 21.75 33.21
C GLY C 112 7.96 20.50 33.37
N THR C 113 6.73 20.59 32.88
CA THR C 113 5.78 19.50 32.99
C THR C 113 5.22 19.14 31.61
N LEU C 114 5.22 17.84 31.30
CA LEU C 114 4.70 17.35 30.03
C LEU C 114 3.43 16.57 30.32
N PHE C 115 2.32 17.01 29.74
CA PHE C 115 1.04 16.39 30.02
C PHE C 115 0.61 15.54 28.82
N LEU C 116 0.69 14.22 28.97
CA LEU C 116 0.26 13.30 27.92
C LEU C 116 -1.23 13.00 28.04
N ASP C 117 -2.05 13.73 27.29
CA ASP C 117 -3.49 13.53 27.28
C ASP C 117 -3.88 12.39 26.31
N ALA C 118 -4.99 11.70 26.62
CA ALA C 118 -5.45 10.55 25.84
C ALA C 118 -4.45 9.39 25.80
N ILE C 119 -3.65 9.30 26.86
CA ILE C 119 -2.61 8.27 26.95
C ILE C 119 -3.15 6.86 26.64
N GLY C 120 -4.39 6.61 27.03
CA GLY C 120 -4.99 5.28 26.88
C GLY C 120 -5.40 4.95 25.45
N GLU C 121 -5.32 5.92 24.56
CA GLU C 121 -5.67 5.68 23.16
C GLU C 121 -4.42 5.51 22.32
N LEU C 122 -3.27 5.68 22.94
CA LEU C 122 -2.00 5.52 22.24
C LEU C 122 -1.88 4.11 21.71
N SER C 123 -1.29 3.98 20.52
CA SER C 123 -1.05 2.68 19.91
C SER C 123 0.06 1.89 20.63
N LEU C 124 -0.04 0.57 20.57
CA LEU C 124 0.99 -0.27 21.15
C LEU C 124 2.33 0.11 20.58
N GLU C 125 2.38 0.40 19.30
CA GLU C 125 3.63 0.76 18.67
C GLU C 125 4.19 1.99 19.37
N ALA C 126 3.35 2.98 19.60
CA ALA C 126 3.82 4.24 20.18
C ALA C 126 4.14 4.13 21.67
N GLN C 127 3.34 3.35 22.42
CA GLN C 127 3.61 3.12 23.82
C GLN C 127 5.03 2.62 24.03
N ALA C 128 5.44 1.68 23.18
CA ALA C 128 6.76 1.10 23.28
C ALA C 128 7.86 2.14 23.10
N LYS C 129 7.67 3.09 22.18
CA LYS C 129 8.65 4.17 21.95
C LYS C 129 8.79 5.15 23.14
N LEU C 130 7.79 5.17 24.03
CA LEU C 130 7.77 6.09 25.19
C LEU C 130 8.43 5.46 26.40
N LEU C 131 8.54 4.14 26.36
CA LEU C 131 8.91 3.31 27.49
C LEU C 131 10.15 3.75 28.26
N ARG C 132 11.29 3.85 27.57
CA ARG C 132 12.55 4.13 28.25
C ARG C 132 12.69 5.58 28.73
N VAL C 133 11.98 6.48 28.08
CA VAL C 133 12.08 7.90 28.43
C VAL C 133 11.47 8.21 29.77
N ILE C 134 10.35 7.57 30.08
CA ILE C 134 9.59 7.91 31.29
C ILE C 134 10.45 7.83 32.54
N GLU C 135 11.24 6.78 32.69
CA GLU C 135 12.04 6.66 33.91
C GLU C 135 13.47 7.21 33.80
N SER C 136 14.09 7.11 32.62
CA SER C 136 15.49 7.53 32.48
C SER C 136 15.68 8.98 32.01
N GLY C 137 14.64 9.60 31.48
CA GLY C 137 14.75 10.93 30.91
C GLY C 137 15.72 11.02 29.74
N LYS C 138 16.05 9.88 29.14
CA LYS C 138 17.04 9.83 28.09
C LYS C 138 16.49 9.25 26.79
N PHE C 139 16.97 9.78 25.66
CA PHE C 139 16.56 9.29 24.34
C PHE C 139 17.49 9.77 23.27
N TYR C 140 17.43 9.16 22.09
CA TYR C 140 18.16 9.67 20.93
C TYR C 140 17.19 10.41 20.04
N ARG C 141 17.64 11.46 19.37
CA ARG C 141 16.80 12.10 18.37
C ARG C 141 16.72 11.19 17.17
N LEU C 142 15.59 11.24 16.47
CA LEU C 142 15.47 10.55 15.20
C LEU C 142 16.70 10.91 14.39
N GLY C 143 17.53 9.90 14.13
CA GLY C 143 18.71 10.07 13.31
C GLY C 143 19.99 10.52 13.99
N GLY C 144 19.91 10.75 15.30
CA GLY C 144 21.04 11.28 16.04
C GLY C 144 21.80 10.18 16.76
N ARG C 145 23.04 10.49 17.13
CA ARG C 145 23.85 9.50 17.85
C ARG C 145 24.36 10.03 19.19
N LYS C 146 23.69 11.07 19.72
CA LYS C 146 24.03 11.61 21.03
C LYS C 146 22.84 11.42 21.96
N GLU C 147 23.02 10.67 23.04
CA GLU C 147 21.94 10.58 24.02
C GLU C 147 21.63 11.96 24.58
N ILE C 148 20.35 12.29 24.63
CA ILE C 148 19.93 13.56 25.17
C ILE C 148 19.27 13.28 26.49
N GLU C 149 19.45 14.18 27.45
CA GLU C 149 18.85 13.97 28.75
C GLU C 149 18.00 15.17 29.15
N VAL C 150 16.80 14.91 29.67
CA VAL C 150 15.90 15.97 30.07
C VAL C 150 15.34 15.64 31.41
N ASN C 151 14.82 16.64 32.08
CA ASN C 151 14.26 16.45 33.37
C ASN C 151 12.83 16.93 33.30
N VAL C 152 11.92 15.99 33.04
CA VAL C 152 10.54 16.36 32.75
C VAL C 152 9.59 15.69 33.69
N ARG C 153 8.70 16.47 34.30
CA ARG C 153 7.70 15.82 35.11
C ARG C 153 6.52 15.41 34.25
N ILE C 154 6.15 14.13 34.33
CA ILE C 154 5.07 13.60 33.50
C ILE C 154 3.71 13.53 34.17
N LEU C 155 2.70 14.05 33.50
CA LEU C 155 1.33 13.81 33.91
C LEU C 155 0.66 13.11 32.74
N ALA C 156 -0.32 12.24 33.00
CA ALA C 156 -1.07 11.61 31.93
C ALA C 156 -2.52 11.45 32.33
N ALA C 157 -3.41 11.59 31.35
CA ALA C 157 -4.84 11.44 31.59
C ALA C 157 -5.49 10.61 30.48
N THR C 158 -6.58 9.93 30.81
CA THR C 158 -7.39 9.27 29.82
C THR C 158 -8.79 8.98 30.34
N ASN C 159 -9.75 8.95 29.44
CA ASN C 159 -11.12 8.59 29.80
C ASN C 159 -11.41 7.15 29.40
N ARG C 160 -10.35 6.41 29.06
CA ARG C 160 -10.49 4.98 28.76
C ARG C 160 -10.26 4.20 30.03
N ASN C 161 -10.85 3.01 30.09
CA ASN C 161 -10.66 2.11 31.21
C ASN C 161 -9.26 1.49 31.15
N ILE C 162 -8.27 2.16 31.74
CA ILE C 162 -6.88 1.77 31.47
C ILE C 162 -6.47 0.44 32.13
N LYS C 163 -7.09 0.12 33.26
CA LYS C 163 -6.82 -1.16 33.89
C LYS C 163 -7.35 -2.31 33.02
N GLU C 164 -8.52 -2.11 32.42
CA GLU C 164 -9.04 -3.10 31.50
C GLU C 164 -8.14 -3.24 30.27
N LEU C 165 -7.61 -2.12 29.80
CA LEU C 165 -6.76 -2.16 28.60
C LEU C 165 -5.48 -2.97 28.88
N VAL C 166 -4.96 -2.82 30.09
CA VAL C 166 -3.80 -3.61 30.47
C VAL C 166 -4.14 -5.09 30.47
N LYS C 167 -5.28 -5.45 31.07
CA LYS C 167 -5.71 -6.86 31.11
C LYS C 167 -5.88 -7.45 29.73
N GLU C 168 -6.37 -6.64 28.79
CA GLU C 168 -6.65 -7.13 27.45
C GLU C 168 -5.44 -7.04 26.56
N GLY C 169 -4.30 -6.63 27.10
CA GLY C 169 -3.10 -6.45 26.30
C GLY C 169 -3.14 -5.27 25.32
N LYS C 170 -4.14 -4.40 25.45
CA LYS C 170 -4.21 -3.24 24.59
C LYS C 170 -3.31 -2.11 25.11
N PHE C 171 -2.86 -2.23 26.36
CA PHE C 171 -1.94 -1.25 26.91
C PHE C 171 -0.85 -1.99 27.67
N ARG C 172 0.40 -1.61 27.44
CA ARG C 172 1.54 -2.31 28.02
C ARG C 172 1.59 -2.23 29.54
N GLU C 173 1.69 -3.38 30.19
CA GLU C 173 1.90 -3.45 31.63
C GLU C 173 3.12 -2.63 32.07
N ASP C 174 4.24 -2.79 31.39
CA ASP C 174 5.43 -2.07 31.81
C ASP C 174 5.35 -0.54 31.67
N LEU C 175 4.49 -0.05 30.80
CA LEU C 175 4.29 1.40 30.71
C LEU C 175 3.33 1.86 31.79
N TYR C 176 2.33 1.03 32.07
CA TYR C 176 1.38 1.34 33.15
C TYR C 176 2.06 1.54 34.50
N TYR C 177 2.96 0.62 34.89
CA TYR C 177 3.65 0.77 36.17
C TYR C 177 4.62 1.93 36.18
N ARG C 178 5.02 2.41 35.00
CA ARG C 178 5.88 3.60 34.97
C ARG C 178 5.08 4.89 35.11
N LEU C 179 3.86 4.90 34.59
CA LEU C 179 3.07 6.12 34.54
C LEU C 179 2.28 6.31 35.81
N GLY C 180 1.72 5.21 36.32
CA GLY C 180 0.84 5.28 37.47
C GLY C 180 1.53 5.11 38.82
N VAL C 181 2.60 5.88 39.05
CA VAL C 181 3.24 5.96 40.35
C VAL C 181 2.22 6.55 41.35
N ILE C 182 1.62 7.68 41.00
CA ILE C 182 0.49 8.22 41.74
C ILE C 182 -0.76 8.06 40.88
N GLU C 183 -1.84 7.50 41.42
CA GLU C 183 -3.05 7.27 40.63
C GLU C 183 -4.26 8.02 41.17
N ILE C 184 -4.79 8.92 40.35
CA ILE C 184 -6.00 9.66 40.72
C ILE C 184 -7.18 9.26 39.83
N GLU C 185 -8.12 8.53 40.40
CA GLU C 185 -9.28 8.11 39.65
C GLU C 185 -10.44 9.00 40.07
N ILE C 186 -10.81 9.93 39.20
CA ILE C 186 -11.89 10.85 39.50
C ILE C 186 -13.24 10.24 39.19
N PRO C 187 -14.16 10.24 40.16
CA PRO C 187 -15.44 9.55 39.96
C PRO C 187 -16.40 10.38 39.12
N PRO C 188 -17.40 9.73 38.51
CA PRO C 188 -18.42 10.44 37.72
C PRO C 188 -19.20 11.38 38.63
N LEU C 189 -19.80 12.41 38.07
CA LEU C 189 -20.55 13.36 38.85
C LEU C 189 -21.69 12.66 39.59
N ARG C 190 -22.30 11.66 38.97
CA ARG C 190 -23.43 11.01 39.60
C ARG C 190 -23.11 10.24 40.89
N GLU C 191 -21.81 10.05 41.16
CA GLU C 191 -21.35 9.42 42.41
C GLU C 191 -20.65 10.46 43.29
N ARG C 192 -20.96 11.73 43.04
CA ARG C 192 -20.39 12.82 43.82
C ARG C 192 -21.51 13.82 44.05
N LYS C 193 -22.70 13.34 44.39
CA LYS C 193 -23.88 14.20 44.45
C LYS C 193 -23.68 15.48 45.30
N GLU C 194 -22.79 15.42 46.28
CA GLU C 194 -22.50 16.59 47.08
C GLU C 194 -21.88 17.72 46.26
N ASP C 195 -21.34 17.39 45.09
CA ASP C 195 -20.67 18.39 44.25
C ASP C 195 -21.68 19.11 43.34
N ILE C 196 -22.77 18.41 43.02
CA ILE C 196 -23.72 18.93 42.04
C ILE C 196 -24.23 20.34 42.29
N ILE C 197 -24.91 20.54 43.42
CA ILE C 197 -25.46 21.88 43.71
C ILE C 197 -24.38 22.97 43.84
N PRO C 198 -23.30 22.70 44.60
CA PRO C 198 -22.27 23.76 44.63
C PRO C 198 -21.73 24.09 43.24
N LEU C 199 -21.54 23.06 42.40
CA LEU C 199 -21.11 23.28 41.01
C LEU C 199 -22.13 24.12 40.24
N ALA C 200 -23.38 23.67 40.22
CA ALA C 200 -24.45 24.46 39.58
C ALA C 200 -24.44 25.93 40.06
N ASN C 201 -24.36 26.12 41.37
CA ASN C 201 -24.34 27.48 41.92
C ASN C 201 -23.16 28.26 41.38
N HIS C 202 -21.99 27.62 41.35
CA HIS C 202 -20.76 28.28 40.92
C HIS C 202 -20.92 28.77 39.48
N PHE C 203 -21.53 27.94 38.63
CA PHE C 203 -21.68 28.32 37.22
C PHE C 203 -22.75 29.40 37.08
N LEU C 204 -23.86 29.23 37.78
CA LEU C 204 -24.92 30.22 37.75
C LEU C 204 -24.37 31.60 38.11
N LYS C 205 -23.51 31.66 39.12
CA LYS C 205 -22.92 32.93 39.50
C LYS C 205 -22.04 33.45 38.35
N LYS C 206 -21.18 32.58 37.82
CA LYS C 206 -20.24 32.95 36.75
C LYS C 206 -20.96 33.47 35.50
N PHE C 207 -21.94 32.71 35.02
CA PHE C 207 -22.64 33.09 33.80
C PHE C 207 -23.59 34.27 33.97
N SER C 208 -24.26 34.33 35.11
CA SER C 208 -25.14 35.46 35.41
C SER C 208 -24.33 36.77 35.34
N ARG C 209 -23.15 36.76 35.93
CA ARG C 209 -22.26 37.91 35.86
C ARG C 209 -21.86 38.16 34.41
N LYS C 210 -21.30 37.13 33.77
CA LYS C 210 -20.82 37.25 32.39
C LYS C 210 -21.85 37.79 31.41
N TYR C 211 -23.09 37.29 31.48
CA TYR C 211 -24.11 37.71 30.52
C TYR C 211 -25.07 38.76 31.07
N ALA C 212 -24.67 39.42 32.16
CA ALA C 212 -25.45 40.50 32.76
C ALA C 212 -26.93 40.12 32.92
N LYS C 213 -27.16 39.02 33.64
CA LYS C 213 -28.53 38.59 33.92
C LYS C 213 -28.85 38.67 35.43
N GLU C 214 -30.12 38.52 35.76
CA GLU C 214 -30.53 38.70 37.15
C GLU C 214 -30.84 37.39 37.84
N VAL C 215 -30.38 36.27 37.27
CA VAL C 215 -30.59 34.99 37.93
C VAL C 215 -29.72 34.90 39.19
N GLU C 216 -30.26 34.26 40.22
CA GLU C 216 -29.63 34.25 41.54
C GLU C 216 -29.48 32.84 42.09
N GLY C 217 -30.40 31.94 41.70
CA GLY C 217 -30.42 30.60 42.27
C GLY C 217 -31.48 29.73 41.64
N PHE C 218 -31.60 28.52 42.16
CA PHE C 218 -32.56 27.54 41.63
C PHE C 218 -33.67 27.28 42.63
N THR C 219 -34.87 26.98 42.13
CA THR C 219 -35.93 26.54 43.02
C THR C 219 -35.57 25.17 43.58
N LYS C 220 -36.30 24.76 44.62
CA LYS C 220 -36.04 23.51 45.28
C LYS C 220 -36.35 22.38 44.30
N SER C 221 -37.31 22.64 43.43
CA SER C 221 -37.76 21.66 42.43
C SER C 221 -36.66 21.43 41.42
N ALA C 222 -36.00 22.51 41.00
CA ALA C 222 -34.91 22.45 40.04
C ALA C 222 -33.73 21.68 40.63
N GLN C 223 -33.43 21.98 41.89
CA GLN C 223 -32.32 21.32 42.58
C GLN C 223 -32.51 19.81 42.64
N GLU C 224 -33.75 19.35 42.82
CA GLU C 224 -34.00 17.91 42.83
C GLU C 224 -33.64 17.34 41.48
N LEU C 225 -34.01 18.08 40.43
CA LEU C 225 -33.75 17.63 39.07
C LEU C 225 -32.25 17.47 38.86
N LEU C 226 -31.49 18.51 39.24
CA LEU C 226 -30.04 18.48 39.09
C LEU C 226 -29.43 17.27 39.78
N LEU C 227 -29.99 16.86 40.91
CA LEU C 227 -29.36 15.80 41.70
C LEU C 227 -29.68 14.40 41.17
N SER C 228 -30.76 14.29 40.40
CA SER C 228 -31.23 12.99 39.95
C SER C 228 -30.80 12.68 38.52
N TYR C 229 -30.42 13.72 37.79
CA TYR C 229 -29.96 13.55 36.42
C TYR C 229 -28.57 12.89 36.44
N PRO C 230 -28.34 11.91 35.55
CA PRO C 230 -27.12 11.08 35.52
C PRO C 230 -25.84 11.84 35.18
N TRP C 231 -25.94 12.91 34.38
CA TRP C 231 -24.77 13.68 33.96
C TRP C 231 -23.73 12.83 33.23
N TYR C 232 -24.13 12.28 32.10
CA TYR C 232 -23.24 11.43 31.34
C TYR C 232 -22.03 12.20 30.82
N GLY C 233 -22.17 13.51 30.65
CA GLY C 233 -21.08 14.38 30.27
C GLY C 233 -20.43 15.04 31.48
N ASN C 234 -20.86 14.59 32.65
CA ASN C 234 -20.30 15.06 33.92
C ASN C 234 -20.21 16.57 34.10
N VAL C 235 -19.13 17.06 34.70
CA VAL C 235 -19.10 18.48 35.03
C VAL C 235 -19.29 19.38 33.79
N ARG C 236 -18.77 18.94 32.65
CA ARG C 236 -18.92 19.71 31.42
C ARG C 236 -20.38 19.78 30.99
N GLU C 237 -21.09 18.66 31.03
CA GLU C 237 -22.53 18.70 30.72
C GLU C 237 -23.28 19.64 31.70
N LEU C 238 -22.95 19.56 32.97
CA LEU C 238 -23.58 20.39 33.97
C LEU C 238 -23.33 21.86 33.60
N LYS C 239 -22.07 22.21 33.41
CA LYS C 239 -21.73 23.57 33.01
C LYS C 239 -22.49 24.02 31.76
N ASN C 240 -22.68 23.14 30.79
CA ASN C 240 -23.41 23.52 29.59
C ASN C 240 -24.88 23.82 29.92
N VAL C 241 -25.50 22.93 30.70
CA VAL C 241 -26.90 23.11 31.07
C VAL C 241 -27.14 24.39 31.87
N ILE C 242 -26.23 24.73 32.77
CA ILE C 242 -26.41 25.98 33.50
C ILE C 242 -26.21 27.16 32.54
N GLU C 243 -25.17 27.11 31.70
CA GLU C 243 -24.98 28.18 30.70
C GLU C 243 -26.24 28.39 29.86
N ARG C 244 -26.94 27.31 29.51
CA ARG C 244 -28.20 27.47 28.78
C ARG C 244 -29.26 28.12 29.66
N ALA C 245 -29.43 27.57 30.86
CA ALA C 245 -30.48 28.03 31.75
C ALA C 245 -30.33 29.54 31.97
N VAL C 246 -29.11 30.01 32.22
CA VAL C 246 -28.88 31.44 32.40
C VAL C 246 -29.20 32.28 31.16
N LEU C 247 -28.72 31.87 29.99
CA LEU C 247 -29.02 32.61 28.76
C LEU C 247 -30.51 32.69 28.42
N PHE C 248 -31.26 31.64 28.73
CA PHE C 248 -32.70 31.59 28.38
C PHE C 248 -33.61 31.97 29.55
N SER C 249 -33.00 32.33 30.69
CA SER C 249 -33.76 32.57 31.91
C SER C 249 -34.49 33.90 31.87
N GLU C 250 -35.58 33.97 32.64
CA GLU C 250 -36.33 35.20 32.81
C GLU C 250 -36.30 35.71 34.26
N GLY C 251 -36.68 34.83 35.20
CA GLY C 251 -36.82 35.25 36.58
C GLY C 251 -35.57 35.71 37.30
N LYS C 252 -35.58 35.54 38.61
CA LYS C 252 -34.38 35.67 39.43
C LYS C 252 -33.99 34.26 39.80
N PHE C 253 -34.92 33.34 39.52
CA PHE C 253 -34.72 31.94 39.83
C PHE C 253 -35.03 31.02 38.65
N ILE C 254 -34.25 29.94 38.56
CA ILE C 254 -34.47 28.90 37.57
C ILE C 254 -35.35 27.81 38.16
N ASP C 255 -36.51 27.56 37.52
CA ASP C 255 -37.44 26.54 38.00
C ASP C 255 -37.26 25.22 37.27
N ARG C 256 -37.88 24.16 37.79
CA ARG C 256 -37.76 22.83 37.18
C ARG C 256 -38.09 22.82 35.69
N GLY C 257 -39.06 23.64 35.30
CA GLY C 257 -39.50 23.66 33.92
C GLY C 257 -38.40 24.11 32.98
N GLU C 258 -37.69 25.16 33.37
CA GLU C 258 -36.60 25.70 32.57
C GLU C 258 -35.46 24.69 32.37
N LEU C 259 -35.26 23.81 33.36
CA LEU C 259 -34.21 22.79 33.28
C LEU C 259 -34.67 21.57 32.49
N SER C 260 -35.88 21.11 32.79
CA SER C 260 -36.42 19.89 32.20
C SER C 260 -36.39 19.90 30.67
N CYS C 261 -36.61 21.08 30.08
CA CYS C 261 -36.56 21.22 28.62
C CYS C 261 -35.11 21.45 28.13
N LEU C 262 -34.16 21.44 29.05
CA LEU C 262 -32.75 21.58 28.71
C LEU C 262 -31.98 20.26 28.86
N VAL C 263 -32.59 19.26 29.49
CA VAL C 263 -31.91 17.97 29.68
C VAL C 263 -32.60 16.82 28.94
N GLU D 17 -35.73 38.25 5.23
CA GLU D 17 -36.36 37.51 4.15
C GLU D 17 -36.32 36.01 4.41
N TYR D 18 -36.11 35.61 5.66
CA TYR D 18 -36.22 34.21 6.03
C TYR D 18 -37.54 33.94 6.74
N VAL D 19 -38.12 32.78 6.48
CA VAL D 19 -39.41 32.41 7.01
C VAL D 19 -39.36 31.52 8.25
N PHE D 20 -39.92 32.04 9.35
CA PHE D 20 -40.07 31.25 10.56
C PHE D 20 -41.49 31.39 11.09
N GLU D 21 -42.35 30.41 10.83
CA GLU D 21 -43.76 30.53 11.19
C GLU D 21 -44.26 29.45 12.13
N SER D 22 -43.86 28.21 11.90
CA SER D 22 -44.28 27.12 12.78
C SER D 22 -43.81 27.38 14.21
N PRO D 23 -44.44 26.69 15.18
CA PRO D 23 -44.02 26.85 16.57
C PRO D 23 -42.53 26.58 16.76
N LYS D 24 -42.03 25.42 16.34
CA LYS D 24 -40.62 25.08 16.59
C LYS D 24 -39.65 26.07 15.94
N MET D 25 -39.96 26.50 14.72
CA MET D 25 -39.08 27.46 14.06
C MET D 25 -39.05 28.77 14.82
N LYS D 26 -40.20 29.16 15.37
CA LYS D 26 -40.28 30.39 16.17
C LYS D 26 -39.46 30.27 17.45
N GLU D 27 -39.51 29.11 18.10
CA GLU D 27 -38.65 28.83 19.27
C GLU D 27 -37.19 28.94 18.86
N ILE D 28 -36.85 28.31 17.73
CA ILE D 28 -35.48 28.30 17.28
C ILE D 28 -35.00 29.73 17.08
N LEU D 29 -35.81 30.52 16.36
CA LEU D 29 -35.50 31.93 16.15
C LEU D 29 -35.27 32.66 17.46
N GLU D 30 -36.06 32.32 18.49
CA GLU D 30 -35.89 32.95 19.80
C GLU D 30 -34.57 32.59 20.45
N LYS D 31 -34.23 31.30 20.48
CA LYS D 31 -32.91 30.83 20.95
C LYS D 31 -31.80 31.58 20.25
N ILE D 32 -31.91 31.70 18.93
CA ILE D 32 -30.88 32.41 18.18
C ILE D 32 -30.69 33.81 18.74
N LYS D 33 -31.79 34.50 19.01
CA LYS D 33 -31.71 35.87 19.53
C LYS D 33 -31.12 35.88 20.94
N LYS D 34 -31.57 34.96 21.78
CA LYS D 34 -31.10 34.92 23.15
C LYS D 34 -29.60 34.60 23.29
N ILE D 35 -28.99 33.98 22.28
CA ILE D 35 -27.55 33.66 22.39
C ILE D 35 -26.63 34.67 21.71
N SER D 36 -27.22 35.76 21.19
CA SER D 36 -26.48 36.86 20.57
C SER D 36 -25.32 37.37 21.42
N CYS D 37 -25.53 37.43 22.73
CA CYS D 37 -24.51 37.94 23.65
C CYS D 37 -23.44 36.90 23.97
N ALA D 38 -23.69 35.66 23.55
CA ALA D 38 -22.77 34.57 23.87
C ALA D 38 -21.88 34.19 22.70
N GLU D 39 -20.88 33.38 23.00
CA GLU D 39 -19.92 32.92 22.00
C GLU D 39 -19.72 31.41 22.08
N CYS D 40 -20.63 30.72 22.72
CA CYS D 40 -20.41 29.31 22.96
C CYS D 40 -20.71 28.47 21.74
N PRO D 41 -20.09 27.31 21.65
CA PRO D 41 -20.28 26.46 20.47
C PRO D 41 -21.76 26.11 20.26
N VAL D 42 -22.20 26.15 19.00
CA VAL D 42 -23.55 25.70 18.68
C VAL D 42 -23.51 24.52 17.73
N LEU D 43 -24.29 23.49 18.06
CA LEU D 43 -24.39 22.29 17.24
C LEU D 43 -25.75 22.18 16.57
N ILE D 44 -25.77 22.37 15.25
CA ILE D 44 -27.01 22.44 14.48
C ILE D 44 -27.23 21.17 13.67
N THR D 45 -28.35 20.49 13.90
CA THR D 45 -28.61 19.22 13.24
C THR D 45 -29.96 19.17 12.56
N GLY D 46 -30.14 18.20 11.67
CA GLY D 46 -31.39 18.00 10.95
C GLY D 46 -31.17 17.51 9.53
N GLU D 47 -32.21 16.99 8.92
CA GLU D 47 -32.17 16.44 7.57
C GLU D 47 -31.70 17.46 6.54
N SER D 48 -31.29 16.94 5.38
CA SER D 48 -30.83 17.76 4.27
C SER D 48 -31.92 18.76 3.83
N GLY D 49 -31.56 20.03 3.76
CA GLY D 49 -32.47 21.05 3.29
C GLY D 49 -33.37 21.69 4.34
N VAL D 50 -33.15 21.44 5.63
CA VAL D 50 -34.04 22.00 6.65
C VAL D 50 -33.60 23.38 7.11
N GLY D 51 -32.41 23.79 6.70
CA GLY D 51 -31.96 25.16 6.95
C GLY D 51 -30.80 25.33 7.93
N LYS D 52 -29.95 24.31 8.02
CA LYS D 52 -28.86 24.35 8.99
C LYS D 52 -27.90 25.48 8.68
N GLU D 53 -27.50 25.61 7.43
CA GLU D 53 -26.62 26.71 7.04
C GLU D 53 -27.29 28.08 7.23
N VAL D 54 -28.59 28.18 6.93
CA VAL D 54 -29.29 29.43 7.17
C VAL D 54 -29.22 29.79 8.65
N VAL D 55 -29.51 28.82 9.51
CA VAL D 55 -29.42 29.06 10.94
C VAL D 55 -27.99 29.44 11.38
N ALA D 56 -26.97 28.81 10.79
CA ALA D 56 -25.61 29.12 11.20
C ALA D 56 -25.25 30.55 10.80
N ARG D 57 -25.64 30.95 9.60
CA ARG D 57 -25.25 32.28 9.14
C ARG D 57 -26.07 33.35 9.89
N LEU D 58 -27.29 33.00 10.29
CA LEU D 58 -28.13 33.88 11.09
C LEU D 58 -27.53 34.12 12.47
N ILE D 59 -27.10 33.05 13.10
CA ILE D 59 -26.46 33.13 14.42
C ILE D 59 -25.28 34.07 14.33
N HIS D 60 -24.56 33.97 13.22
CA HIS D 60 -23.40 34.82 12.99
C HIS D 60 -23.82 36.29 12.89
N LYS D 61 -24.78 36.57 12.02
CA LYS D 61 -25.24 37.93 11.74
C LYS D 61 -25.77 38.62 13.01
N LEU D 62 -26.45 37.88 13.89
CA LEU D 62 -26.98 38.44 15.13
C LEU D 62 -25.97 38.47 16.29
N SER D 63 -24.77 37.95 16.07
CA SER D 63 -23.81 37.81 17.15
C SER D 63 -22.88 39.01 17.21
N ASP D 64 -22.00 39.00 18.21
CA ASP D 64 -21.06 40.10 18.43
C ASP D 64 -19.92 40.06 17.43
N ARG D 65 -19.92 39.07 16.55
CA ARG D 65 -18.89 38.98 15.52
C ARG D 65 -19.44 39.19 14.11
N SER D 66 -20.64 39.73 13.99
CA SER D 66 -21.31 39.87 12.70
C SER D 66 -20.39 40.49 11.65
N LYS D 67 -19.43 41.29 12.11
CA LYS D 67 -18.60 42.05 11.21
C LYS D 67 -17.27 41.37 10.95
N GLU D 68 -17.02 40.28 11.66
CA GLU D 68 -15.80 39.50 11.48
C GLU D 68 -16.06 38.39 10.47
N PRO D 69 -14.99 37.75 10.00
CA PRO D 69 -15.14 36.73 8.97
C PRO D 69 -16.01 35.55 9.42
N PHE D 70 -16.74 34.96 8.47
CA PHE D 70 -17.44 33.70 8.67
C PHE D 70 -16.82 32.66 7.74
N VAL D 71 -15.89 31.86 8.28
CA VAL D 71 -15.14 30.85 7.53
C VAL D 71 -15.87 29.52 7.51
N ALA D 72 -16.42 29.15 6.35
CA ALA D 72 -17.10 27.87 6.17
C ALA D 72 -16.12 26.81 5.67
N LEU D 73 -16.34 25.58 6.13
CA LEU D 73 -15.41 24.48 5.89
C LEU D 73 -16.14 23.14 5.96
N ASN D 74 -16.20 22.40 4.86
CA ASN D 74 -16.68 21.02 4.92
C ASN D 74 -15.56 20.20 5.54
N VAL D 75 -15.60 20.05 6.87
CA VAL D 75 -14.46 19.53 7.60
C VAL D 75 -14.19 18.04 7.35
N ALA D 76 -15.22 17.29 6.93
CA ALA D 76 -15.06 15.87 6.66
C ALA D 76 -14.48 15.58 5.27
N SER D 77 -14.52 16.55 4.38
CA SER D 77 -14.01 16.35 3.03
C SER D 77 -12.49 16.63 2.88
N ILE D 78 -11.88 17.24 3.88
CA ILE D 78 -10.43 17.42 3.93
C ILE D 78 -9.77 16.04 4.03
N PRO D 79 -8.85 15.74 3.10
CA PRO D 79 -8.14 14.46 3.12
C PRO D 79 -7.28 14.30 4.38
N ARG D 80 -7.25 13.09 4.93
CA ARG D 80 -6.67 12.87 6.25
C ARG D 80 -5.20 13.28 6.38
N ASP D 81 -4.45 13.15 5.29
CA ASP D 81 -3.02 13.40 5.35
C ASP D 81 -2.68 14.89 5.42
N ILE D 82 -3.64 15.76 5.11
CA ILE D 82 -3.42 17.20 5.27
C ILE D 82 -4.32 17.87 6.28
N PHE D 83 -5.02 17.07 7.09
CA PHE D 83 -5.95 17.64 8.04
C PHE D 83 -5.31 18.67 8.96
N GLU D 84 -4.24 18.29 9.65
CA GLU D 84 -3.56 19.21 10.56
C GLU D 84 -3.10 20.45 9.80
N ALA D 85 -2.39 20.23 8.70
CA ALA D 85 -1.83 21.34 7.94
C ALA D 85 -2.91 22.36 7.60
N GLU D 86 -4.08 21.86 7.26
CA GLU D 86 -5.15 22.71 6.84
C GLU D 86 -5.84 23.44 8.01
N LEU D 87 -6.00 22.75 9.15
CA LEU D 87 -6.62 23.38 10.32
C LEU D 87 -5.66 24.20 11.15
N PHE D 88 -4.41 23.75 11.23
CA PHE D 88 -3.48 24.33 12.18
C PHE D 88 -2.30 25.00 11.51
N GLY D 89 -2.17 24.78 10.20
CA GLY D 89 -1.05 25.33 9.46
C GLY D 89 0.23 24.56 9.68
N TYR D 90 1.32 25.02 9.09
CA TYR D 90 2.57 24.32 9.28
C TYR D 90 3.71 25.30 9.37
N GLU D 91 4.78 24.90 10.06
CA GLU D 91 5.91 25.79 10.27
C GLU D 91 6.89 25.56 9.13
N LYS D 92 7.57 26.61 8.70
CA LYS D 92 8.63 26.44 7.71
C LYS D 92 9.64 25.50 8.34
N GLY D 93 10.12 24.56 7.56
CA GLY D 93 10.98 23.54 8.13
C GLY D 93 10.66 22.12 7.73
N ALA D 94 11.24 21.19 8.49
CA ALA D 94 11.55 19.84 8.00
C ALA D 94 10.42 18.81 7.94
N PHE D 95 9.39 18.98 8.75
CA PHE D 95 8.17 18.24 8.53
C PHE D 95 7.66 18.85 7.22
N THR D 96 7.71 18.09 6.12
CA THR D 96 7.48 18.62 4.77
C THR D 96 8.32 19.86 4.42
N GLY D 97 8.91 19.85 3.22
CA GLY D 97 9.90 20.85 2.84
C GLY D 97 9.55 22.13 2.10
N ALA D 98 8.33 22.69 2.30
CA ALA D 98 8.05 24.11 2.06
C ALA D 98 9.11 25.02 2.67
N VAL D 99 9.02 26.28 2.29
CA VAL D 99 10.01 27.30 2.54
C VAL D 99 9.56 28.14 3.74
N SER D 100 8.28 28.48 3.76
CA SER D 100 7.72 29.36 4.78
C SER D 100 6.50 28.79 5.50
N SER D 101 6.21 29.36 6.67
CA SER D 101 5.03 28.98 7.46
C SER D 101 3.73 29.35 6.76
N LYS D 102 2.65 28.67 7.11
CA LYS D 102 1.35 28.91 6.51
C LYS D 102 0.26 28.81 7.59
N GLU D 103 -0.61 29.81 7.66
CA GLU D 103 -1.73 29.81 8.60
C GLU D 103 -2.71 28.71 8.25
N GLY D 104 -3.29 28.06 9.24
CA GLY D 104 -4.39 27.15 8.98
C GLY D 104 -5.72 27.91 9.08
N PHE D 105 -6.83 27.21 8.95
CA PHE D 105 -8.13 27.87 9.03
C PHE D 105 -8.49 28.41 10.42
N PHE D 106 -8.00 27.80 11.50
CA PHE D 106 -8.28 28.33 12.83
C PHE D 106 -7.71 29.74 12.93
N GLU D 107 -6.47 29.93 12.50
CA GLU D 107 -5.90 31.29 12.53
C GLU D 107 -6.65 32.25 11.60
N LEU D 108 -7.01 31.77 10.42
CA LEU D 108 -7.70 32.60 9.43
C LEU D 108 -9.04 33.07 9.99
N ALA D 109 -9.55 32.36 10.98
CA ALA D 109 -10.82 32.71 11.56
C ALA D 109 -10.69 33.40 12.93
N ASP D 110 -9.45 33.59 13.38
CA ASP D 110 -9.19 34.30 14.64
C ASP D 110 -10.06 35.55 14.74
N GLY D 111 -10.75 35.70 15.87
CA GLY D 111 -11.61 36.84 16.09
C GLY D 111 -12.95 36.74 15.38
N GLY D 112 -13.13 35.66 14.64
CA GLY D 112 -14.34 35.50 13.85
C GLY D 112 -15.11 34.25 14.21
N THR D 113 -15.71 33.66 13.19
CA THR D 113 -16.51 32.47 13.36
C THR D 113 -16.06 31.37 12.40
N LEU D 114 -15.87 30.17 12.93
CA LEU D 114 -15.46 29.03 12.13
C LEU D 114 -16.60 28.04 12.10
N PHE D 115 -17.09 27.74 10.91
CA PHE D 115 -18.24 26.88 10.75
C PHE D 115 -17.78 25.51 10.24
N LEU D 116 -17.81 24.53 11.12
CA LEU D 116 -17.48 23.15 10.74
C LEU D 116 -18.73 22.43 10.22
N ASP D 117 -18.86 22.37 8.90
CA ASP D 117 -19.97 21.69 8.26
C ASP D 117 -19.66 20.20 8.09
N ALA D 118 -20.70 19.36 8.11
CA ALA D 118 -20.55 17.91 7.98
C ALA D 118 -19.75 17.29 9.15
N ILE D 119 -19.79 17.97 10.29
CA ILE D 119 -19.07 17.54 11.47
C ILE D 119 -19.29 16.07 11.80
N GLY D 120 -20.49 15.56 11.59
CA GLY D 120 -20.83 14.17 11.89
C GLY D 120 -20.24 13.13 10.93
N GLU D 121 -19.61 13.57 9.85
CA GLU D 121 -18.99 12.62 8.92
C GLU D 121 -17.49 12.59 9.13
N LEU D 122 -17.00 13.40 10.06
CA LEU D 122 -15.57 13.47 10.33
C LEU D 122 -15.11 12.10 10.84
N SER D 123 -13.89 11.70 10.46
CA SER D 123 -13.34 10.43 10.93
C SER D 123 -12.95 10.53 12.41
N LEU D 124 -12.98 9.37 13.07
CA LEU D 124 -12.54 9.30 14.45
C LEU D 124 -11.13 9.85 14.59
N GLU D 125 -10.26 9.53 13.63
CA GLU D 125 -8.90 10.03 13.67
C GLU D 125 -8.90 11.56 13.71
N ALA D 126 -9.72 12.18 12.87
CA ALA D 126 -9.75 13.63 12.75
C ALA D 126 -10.46 14.32 13.93
N GLN D 127 -11.53 13.68 14.46
CA GLN D 127 -12.24 14.23 15.62
C GLN D 127 -11.26 14.40 16.76
N ALA D 128 -10.37 13.43 16.93
CA ALA D 128 -9.42 13.44 18.02
C ALA D 128 -8.46 14.60 17.91
N LYS D 129 -8.06 14.92 16.67
CA LYS D 129 -7.19 16.09 16.43
C LYS D 129 -7.83 17.48 16.75
N LEU D 130 -9.16 17.53 16.74
CA LEU D 130 -9.90 18.76 16.97
C LEU D 130 -10.14 18.98 18.44
N LEU D 131 -10.05 17.90 19.21
CA LEU D 131 -10.47 17.86 20.61
C LEU D 131 -10.01 19.01 21.51
N ARG D 132 -8.69 19.20 21.61
CA ARG D 132 -8.15 20.17 22.56
C ARG D 132 -8.37 21.62 22.13
N VAL D 133 -8.48 21.84 20.83
CA VAL D 133 -8.65 23.20 20.31
C VAL D 133 -9.99 23.82 20.66
N ILE D 134 -11.05 23.02 20.62
CA ILE D 134 -12.39 23.53 20.83
C ILE D 134 -12.54 24.36 22.11
N GLU D 135 -12.03 23.85 23.22
CA GLU D 135 -12.20 24.59 24.49
C GLU D 135 -11.01 25.49 24.84
N SER D 136 -9.80 25.12 24.45
CA SER D 136 -8.62 25.91 24.87
C SER D 136 -8.16 26.94 23.86
N GLY D 137 -8.62 26.83 22.62
CA GLY D 137 -8.20 27.74 21.57
C GLY D 137 -6.72 27.67 21.28
N LYS D 138 -6.07 26.59 21.71
CA LYS D 138 -4.62 26.47 21.58
C LYS D 138 -4.22 25.24 20.78
N PHE D 139 -3.14 25.36 20.03
CA PHE D 139 -2.62 24.23 19.24
C PHE D 139 -1.20 24.51 18.77
N TYR D 140 -0.51 23.47 18.33
CA TYR D 140 0.78 23.65 17.69
C TYR D 140 0.61 23.49 16.19
N ARG D 141 1.38 24.26 15.42
CA ARG D 141 1.34 24.06 13.97
C ARG D 141 2.05 22.76 13.68
N LEU D 142 1.65 22.11 12.60
CA LEU D 142 2.37 20.96 12.10
C LEU D 142 3.86 21.32 12.02
N GLY D 143 4.67 20.68 12.85
CA GLY D 143 6.10 20.92 12.85
C GLY D 143 6.61 22.06 13.71
N GLY D 144 5.70 22.73 14.40
CA GLY D 144 6.08 23.91 15.19
C GLY D 144 6.21 23.58 16.66
N ARG D 145 6.92 24.45 17.38
CA ARG D 145 7.11 24.25 18.81
C ARG D 145 6.63 25.46 19.63
N LYS D 146 5.81 26.31 19.03
CA LYS D 146 5.23 27.44 19.74
C LYS D 146 3.73 27.26 19.82
N GLU D 147 3.18 27.20 21.03
CA GLU D 147 1.74 27.12 21.15
C GLU D 147 1.11 28.38 20.54
N ILE D 148 0.13 28.18 19.69
CA ILE D 148 -0.59 29.29 19.11
C ILE D 148 -1.95 29.40 19.77
N GLU D 149 -2.41 30.62 20.00
CA GLU D 149 -3.71 30.81 20.64
C GLU D 149 -4.62 31.65 19.76
N VAL D 150 -5.87 31.23 19.60
CA VAL D 150 -6.81 31.97 18.77
C VAL D 150 -8.10 32.07 19.53
N ASN D 151 -8.93 33.02 19.11
CA ASN D 151 -10.20 33.22 19.75
C ASN D 151 -11.26 33.06 18.69
N VAL D 152 -11.78 31.84 18.58
CA VAL D 152 -12.66 31.52 17.48
C VAL D 152 -14.00 31.02 17.99
N ARG D 153 -15.09 31.59 17.48
CA ARG D 153 -16.38 31.04 17.83
C ARG D 153 -16.73 29.90 16.89
N ILE D 154 -17.06 28.75 17.47
CA ILE D 154 -17.34 27.56 16.70
C ILE D 154 -18.81 27.29 16.44
N LEU D 155 -19.16 27.01 15.19
CA LEU D 155 -20.49 26.52 14.87
C LEU D 155 -20.25 25.22 14.15
N ALA D 156 -21.15 24.25 14.31
CA ALA D 156 -21.05 22.99 13.57
C ALA D 156 -22.44 22.51 13.13
N ALA D 157 -22.50 21.87 11.97
CA ALA D 157 -23.75 21.33 11.48
C ALA D 157 -23.54 19.92 10.91
N THR D 158 -24.59 19.11 10.93
CA THR D 158 -24.56 17.85 10.24
C THR D 158 -25.96 17.31 10.01
N ASN D 159 -26.14 16.58 8.93
CA ASN D 159 -27.40 15.92 8.64
C ASN D 159 -27.37 14.46 9.04
N ARG D 160 -26.35 14.12 9.82
CA ARG D 160 -26.23 12.76 10.36
C ARG D 160 -26.87 12.73 11.74
N ASN D 161 -27.35 11.55 12.13
CA ASN D 161 -27.93 11.36 13.44
C ASN D 161 -26.82 11.35 14.50
N ILE D 162 -26.45 12.52 15.03
CA ILE D 162 -25.20 12.60 15.81
C ILE D 162 -25.28 11.94 17.18
N LYS D 163 -26.47 11.92 17.76
CA LYS D 163 -26.64 11.22 19.02
C LYS D 163 -26.49 9.70 18.84
N GLU D 164 -26.99 9.16 17.73
CA GLU D 164 -26.80 7.75 17.44
C GLU D 164 -25.33 7.43 17.20
N LEU D 165 -24.62 8.34 16.54
CA LEU D 165 -23.22 8.12 16.22
C LEU D 165 -22.40 8.04 17.51
N VAL D 166 -22.77 8.86 18.49
CA VAL D 166 -22.10 8.78 19.77
C VAL D 166 -22.37 7.42 20.42
N LYS D 167 -23.64 7.00 20.44
CA LYS D 167 -23.99 5.72 21.04
C LYS D 167 -23.23 4.57 20.37
N GLU D 168 -23.01 4.67 19.07
CA GLU D 168 -22.38 3.58 18.33
C GLU D 168 -20.86 3.71 18.34
N GLY D 169 -20.36 4.71 19.05
CA GLY D 169 -18.93 4.94 19.09
C GLY D 169 -18.33 5.49 17.81
N LYS D 170 -19.18 5.90 16.86
CA LYS D 170 -18.69 6.45 15.60
C LYS D 170 -18.34 7.92 15.77
N PHE D 171 -18.74 8.52 16.88
CA PHE D 171 -18.41 9.91 17.16
C PHE D 171 -18.06 10.01 18.64
N ARG D 172 -16.96 10.68 18.93
CA ARG D 172 -16.45 10.77 20.29
C ARG D 172 -17.39 11.48 21.24
N GLU D 173 -17.66 10.85 22.38
CA GLU D 173 -18.45 11.48 23.44
C GLU D 173 -17.83 12.80 23.92
N ASP D 174 -16.53 12.80 24.17
CA ASP D 174 -15.89 14.01 24.63
C ASP D 174 -15.92 15.19 23.63
N LEU D 175 -15.99 14.90 22.33
CA LEU D 175 -16.07 16.00 21.36
C LEU D 175 -17.51 16.49 21.32
N TYR D 176 -18.47 15.57 21.44
CA TYR D 176 -19.88 15.93 21.44
C TYR D 176 -20.24 16.93 22.55
N TYR D 177 -19.79 16.67 23.78
CA TYR D 177 -20.10 17.60 24.87
C TYR D 177 -19.35 18.93 24.72
N ARG D 178 -18.31 18.96 23.88
CA ARG D 178 -17.61 20.23 23.67
C ARG D 178 -18.33 21.08 22.62
N LEU D 179 -18.94 20.41 21.65
CA LEU D 179 -19.49 21.10 20.50
C LEU D 179 -20.91 21.53 20.82
N GLY D 180 -21.64 20.63 21.48
CA GLY D 180 -23.06 20.83 21.73
C GLY D 180 -23.43 21.57 23.01
N VAL D 181 -22.75 22.67 23.28
CA VAL D 181 -23.08 23.53 24.40
C VAL D 181 -24.49 24.09 24.16
N ILE D 182 -24.73 24.69 23.00
CA ILE D 182 -26.10 25.01 22.57
C ILE D 182 -26.50 24.04 21.46
N GLU D 183 -27.67 23.42 21.56
CA GLU D 183 -28.11 22.45 20.54
C GLU D 183 -29.40 22.84 19.82
N ILE D 184 -29.31 23.05 18.52
CA ILE D 184 -30.48 23.39 17.72
C ILE D 184 -30.77 22.26 16.76
N GLU D 185 -31.86 21.54 17.02
CA GLU D 185 -32.27 20.44 16.16
C GLU D 185 -33.43 20.93 15.30
N ILE D 186 -33.17 21.20 14.03
CA ILE D 186 -34.20 21.71 13.14
C ILE D 186 -35.03 20.58 12.57
N PRO D 187 -36.35 20.63 12.76
CA PRO D 187 -37.21 19.53 12.32
C PRO D 187 -37.40 19.50 10.80
N PRO D 188 -37.77 18.33 10.26
CA PRO D 188 -38.06 18.23 8.82
C PRO D 188 -39.28 19.09 8.46
N LEU D 189 -39.39 19.47 7.19
CA LEU D 189 -40.48 20.32 6.74
C LEU D 189 -41.83 19.66 7.01
N ARG D 190 -41.89 18.35 6.84
CA ARG D 190 -43.14 17.62 7.04
C ARG D 190 -43.70 17.66 8.50
N GLU D 191 -42.88 18.11 9.45
CA GLU D 191 -43.33 18.31 10.82
C GLU D 191 -43.39 19.80 11.18
N ARG D 192 -43.45 20.64 10.15
CA ARG D 192 -43.54 22.08 10.34
C ARG D 192 -44.53 22.59 9.31
N LYS D 193 -45.67 21.90 9.18
CA LYS D 193 -46.63 22.24 8.13
C LYS D 193 -47.01 23.72 8.06
N GLU D 194 -46.93 24.42 9.20
CA GLU D 194 -47.24 25.85 9.21
C GLU D 194 -46.24 26.66 8.39
N ASP D 195 -45.08 26.10 8.11
CA ASP D 195 -44.04 26.79 7.32
C ASP D 195 -44.26 26.62 5.82
N ILE D 196 -44.88 25.52 5.42
CA ILE D 196 -44.97 25.16 4.02
C ILE D 196 -45.55 26.25 3.11
N ILE D 197 -46.79 26.67 3.36
CA ILE D 197 -47.43 27.68 2.52
C ILE D 197 -46.70 29.04 2.55
N PRO D 198 -46.35 29.54 3.75
CA PRO D 198 -45.57 30.79 3.71
C PRO D 198 -44.25 30.66 2.93
N LEU D 199 -43.59 29.50 3.03
CA LEU D 199 -42.37 29.25 2.26
C LEU D 199 -42.66 29.25 0.78
N ALA D 200 -43.63 28.43 0.36
CA ALA D 200 -44.01 28.42 -1.05
C ALA D 200 -44.33 29.81 -1.56
N ASN D 201 -45.09 30.57 -0.77
CA ASN D 201 -45.46 31.93 -1.18
C ASN D 201 -44.22 32.79 -1.34
N HIS D 202 -43.30 32.68 -0.38
CA HIS D 202 -42.06 33.45 -0.41
C HIS D 202 -41.27 33.16 -1.69
N PHE D 203 -41.17 31.89 -2.08
CA PHE D 203 -40.44 31.54 -3.28
C PHE D 203 -41.17 31.99 -4.54
N LEU D 204 -42.49 31.82 -4.53
CA LEU D 204 -43.28 32.23 -5.68
C LEU D 204 -43.08 33.71 -5.95
N LYS D 205 -43.04 34.51 -4.90
CA LYS D 205 -42.82 35.94 -5.07
C LYS D 205 -41.43 36.20 -5.62
N LYS D 206 -40.43 35.53 -5.04
CA LYS D 206 -39.04 35.71 -5.42
C LYS D 206 -38.79 35.34 -6.89
N PHE D 207 -39.20 34.14 -7.28
CA PHE D 207 -38.98 33.70 -8.65
C PHE D 207 -39.84 34.42 -9.69
N SER D 208 -41.08 34.74 -9.33
CA SER D 208 -41.96 35.46 -10.25
C SER D 208 -41.32 36.81 -10.62
N ARG D 209 -40.74 37.47 -9.63
CA ARG D 209 -40.03 38.71 -9.86
C ARG D 209 -38.81 38.44 -10.73
N LYS D 210 -37.95 37.54 -10.25
CA LYS D 210 -36.71 37.19 -10.95
C LYS D 210 -36.88 36.82 -12.41
N TYR D 211 -37.88 36.04 -12.74
CA TYR D 211 -38.07 35.58 -14.13
C TYR D 211 -39.16 36.33 -14.88
N ALA D 212 -39.55 37.49 -14.34
CA ALA D 212 -40.55 38.37 -14.95
C ALA D 212 -41.81 37.61 -15.39
N LYS D 213 -42.45 36.93 -14.45
CA LYS D 213 -43.66 36.19 -14.77
C LYS D 213 -44.85 36.79 -14.01
N GLU D 214 -46.05 36.34 -14.38
CA GLU D 214 -47.24 36.94 -13.80
C GLU D 214 -47.90 36.04 -12.75
N VAL D 215 -47.17 35.06 -12.24
CA VAL D 215 -47.75 34.18 -11.23
C VAL D 215 -47.87 34.94 -9.92
N GLU D 216 -48.96 34.67 -9.18
CA GLU D 216 -49.33 35.46 -8.02
C GLU D 216 -49.58 34.59 -6.83
N GLY D 217 -50.00 33.34 -7.08
CA GLY D 217 -50.39 32.46 -5.99
C GLY D 217 -50.76 31.06 -6.43
N PHE D 218 -51.19 30.25 -5.46
CA PHE D 218 -51.58 28.87 -5.73
C PHE D 218 -53.08 28.68 -5.54
N THR D 219 -53.67 27.77 -6.32
CA THR D 219 -55.05 27.41 -6.06
C THR D 219 -55.16 26.67 -4.74
N LYS D 220 -56.37 26.47 -4.26
CA LYS D 220 -56.60 25.84 -2.98
C LYS D 220 -56.19 24.38 -3.11
N SER D 221 -56.38 23.85 -4.30
CA SER D 221 -56.03 22.47 -4.62
C SER D 221 -54.52 22.23 -4.57
N ALA D 222 -53.78 23.18 -5.13
CA ALA D 222 -52.33 23.12 -5.14
C ALA D 222 -51.81 23.21 -3.71
N GLN D 223 -52.38 24.10 -2.93
CA GLN D 223 -51.95 24.24 -1.54
C GLN D 223 -52.13 22.93 -0.74
N GLU D 224 -53.18 22.17 -1.03
CA GLU D 224 -53.40 20.92 -0.33
C GLU D 224 -52.26 19.98 -0.66
N LEU D 225 -51.87 19.99 -1.92
CA LEU D 225 -50.80 19.15 -2.39
C LEU D 225 -49.50 19.48 -1.68
N LEU D 226 -49.15 20.76 -1.64
CA LEU D 226 -47.95 21.20 -0.94
C LEU D 226 -47.93 20.74 0.51
N LEU D 227 -49.08 20.70 1.17
CA LEU D 227 -49.10 20.38 2.60
C LEU D 227 -48.97 18.88 2.88
N SER D 228 -49.30 18.05 1.89
CA SER D 228 -49.38 16.61 2.10
C SER D 228 -48.14 15.88 1.56
N TYR D 229 -47.39 16.55 0.70
CA TYR D 229 -46.17 16.01 0.17
C TYR D 229 -45.12 16.00 1.29
N PRO D 230 -44.35 14.89 1.38
CA PRO D 230 -43.40 14.65 2.48
C PRO D 230 -42.19 15.58 2.51
N TRP D 231 -41.77 16.07 1.35
CA TRP D 231 -40.61 16.98 1.25
C TRP D 231 -39.32 16.35 1.80
N TYR D 232 -38.91 15.26 1.16
CA TYR D 232 -37.74 14.55 1.61
C TYR D 232 -36.47 15.38 1.48
N GLY D 233 -36.50 16.35 0.56
CA GLY D 233 -35.42 17.31 0.41
C GLY D 233 -35.68 18.59 1.18
N ASN D 234 -36.74 18.55 2.00
CA ASN D 234 -37.15 19.69 2.82
C ASN D 234 -37.21 21.07 2.12
N VAL D 235 -36.75 22.13 2.78
CA VAL D 235 -36.93 23.46 2.22
C VAL D 235 -36.32 23.59 0.84
N ARG D 236 -35.20 22.92 0.62
CA ARG D 236 -34.54 22.97 -0.69
C ARG D 236 -35.38 22.32 -1.77
N GLU D 237 -35.96 21.15 -1.48
CA GLU D 237 -36.85 20.54 -2.45
C GLU D 237 -38.04 21.45 -2.76
N LEU D 238 -38.60 22.08 -1.72
CA LEU D 238 -39.74 22.96 -1.89
C LEU D 238 -39.35 24.12 -2.80
N LYS D 239 -38.26 24.80 -2.46
CA LYS D 239 -37.74 25.85 -3.32
C LYS D 239 -37.52 25.39 -4.78
N ASN D 240 -37.08 24.16 -4.99
CA ASN D 240 -36.87 23.71 -6.36
C ASN D 240 -38.19 23.56 -7.07
N VAL D 241 -39.17 22.98 -6.39
CA VAL D 241 -40.47 22.73 -6.99
C VAL D 241 -41.14 24.05 -7.36
N ILE D 242 -41.03 25.06 -6.50
CA ILE D 242 -41.63 26.35 -6.81
C ILE D 242 -40.89 27.00 -7.98
N GLU D 243 -39.55 26.97 -7.95
CA GLU D 243 -38.79 27.49 -9.08
C GLU D 243 -39.22 26.84 -10.42
N ARG D 244 -39.48 25.53 -10.43
CA ARG D 244 -40.02 24.88 -11.63
C ARG D 244 -41.42 25.38 -11.99
N ALA D 245 -42.31 25.42 -11.00
CA ALA D 245 -43.69 25.84 -11.23
C ALA D 245 -43.72 27.23 -11.88
N VAL D 246 -42.92 28.14 -11.37
CA VAL D 246 -42.88 29.49 -11.90
C VAL D 246 -42.34 29.53 -13.33
N LEU D 247 -41.23 28.85 -13.58
CA LEU D 247 -40.66 28.83 -14.94
C LEU D 247 -41.59 28.22 -16.01
N PHE D 248 -42.39 27.22 -15.63
CA PHE D 248 -43.25 26.50 -16.56
C PHE D 248 -44.71 26.99 -16.51
N SER D 249 -44.97 27.97 -15.65
CA SER D 249 -46.33 28.42 -15.41
C SER D 249 -46.89 29.23 -16.56
N GLU D 250 -48.21 29.20 -16.69
CA GLU D 250 -48.90 30.03 -17.67
C GLU D 250 -49.81 31.08 -17.01
N GLY D 251 -50.65 30.64 -16.09
CA GLY D 251 -51.68 31.50 -15.52
C GLY D 251 -51.18 32.65 -14.67
N LYS D 252 -52.03 33.09 -13.76
CA LYS D 252 -51.63 33.97 -12.70
C LYS D 252 -51.53 33.10 -11.47
N PHE D 253 -52.05 31.88 -11.60
CA PHE D 253 -52.10 30.96 -10.48
C PHE D 253 -51.59 29.58 -10.87
N ILE D 254 -50.96 28.92 -9.90
CA ILE D 254 -50.48 27.55 -10.08
C ILE D 254 -51.51 26.56 -9.56
N ASP D 255 -52.01 25.71 -10.46
CA ASP D 255 -53.02 24.72 -10.07
C ASP D 255 -52.37 23.37 -9.69
N ARG D 256 -53.16 22.49 -9.07
CA ARG D 256 -52.68 21.19 -8.63
C ARG D 256 -51.99 20.42 -9.75
N GLY D 257 -52.51 20.57 -10.97
CA GLY D 257 -51.96 19.83 -12.09
C GLY D 257 -50.53 20.19 -12.38
N GLU D 258 -50.21 21.47 -12.34
CA GLU D 258 -48.86 21.95 -12.62
C GLU D 258 -47.86 21.49 -11.56
N LEU D 259 -48.33 21.27 -10.34
CA LEU D 259 -47.47 20.78 -9.27
C LEU D 259 -47.32 19.27 -9.33
N SER D 260 -48.44 18.57 -9.50
CA SER D 260 -48.48 17.11 -9.47
C SER D 260 -47.49 16.47 -10.44
N CYS D 261 -47.28 17.11 -11.59
CA CYS D 261 -46.34 16.62 -12.56
C CYS D 261 -44.91 17.11 -12.26
N LEU D 262 -44.76 17.85 -11.15
CA LEU D 262 -43.46 18.33 -10.70
C LEU D 262 -42.95 17.60 -9.47
N VAL D 263 -43.81 16.80 -8.82
CA VAL D 263 -43.41 16.07 -7.61
C VAL D 263 -43.47 14.55 -7.80
N GLU E 17 -31.25 21.14 -36.63
CA GLU E 17 -31.06 19.83 -37.23
C GLU E 17 -31.21 18.69 -36.22
N TYR E 18 -31.80 18.98 -35.07
CA TYR E 18 -32.11 17.93 -34.11
C TYR E 18 -33.58 17.56 -34.19
N VAL E 19 -33.86 16.29 -33.97
CA VAL E 19 -35.22 15.79 -34.12
C VAL E 19 -35.95 15.63 -32.78
N PHE E 20 -37.07 16.34 -32.64
CA PHE E 20 -37.95 16.16 -31.50
C PHE E 20 -39.40 16.02 -31.96
N GLU E 21 -39.92 14.79 -32.00
CA GLU E 21 -41.24 14.54 -32.57
C GLU E 21 -42.23 13.91 -31.60
N SER E 22 -41.77 12.91 -30.85
CA SER E 22 -42.66 12.23 -29.91
C SER E 22 -43.16 13.23 -28.86
N PRO E 23 -44.26 12.87 -28.17
CA PRO E 23 -44.80 13.78 -27.14
C PRO E 23 -43.75 14.18 -26.11
N LYS E 24 -43.11 13.20 -25.45
CA LYS E 24 -42.14 13.51 -24.39
C LYS E 24 -40.98 14.38 -24.87
N MET E 25 -40.48 14.13 -26.08
CA MET E 25 -39.36 14.92 -26.60
C MET E 25 -39.81 16.35 -26.85
N LYS E 26 -41.04 16.52 -27.29
CA LYS E 26 -41.61 17.84 -27.49
C LYS E 26 -41.76 18.59 -26.16
N GLU E 27 -42.19 17.88 -25.11
CA GLU E 27 -42.26 18.49 -23.78
C GLU E 27 -40.89 18.93 -23.33
N ILE E 28 -39.92 18.02 -23.49
CA ILE E 28 -38.54 18.30 -23.10
C ILE E 28 -38.02 19.53 -23.84
N LEU E 29 -38.26 19.60 -25.14
CA LEU E 29 -37.86 20.77 -25.93
C LEU E 29 -38.49 22.05 -25.37
N GLU E 30 -39.74 21.96 -24.93
CA GLU E 30 -40.42 23.10 -24.33
C GLU E 30 -39.76 23.52 -23.02
N LYS E 31 -39.48 22.56 -22.14
CA LYS E 31 -38.80 22.88 -20.88
C LYS E 31 -37.50 23.59 -21.18
N ILE E 32 -36.78 23.11 -22.17
CA ILE E 32 -35.50 23.70 -22.51
C ILE E 32 -35.68 25.17 -22.84
N LYS E 33 -36.69 25.47 -23.65
CA LYS E 33 -36.98 26.87 -24.01
C LYS E 33 -37.42 27.69 -22.79
N LYS E 34 -38.31 27.13 -21.98
CA LYS E 34 -38.79 27.87 -20.81
C LYS E 34 -37.70 28.19 -19.78
N ILE E 35 -36.57 27.47 -19.79
CA ILE E 35 -35.53 27.75 -18.79
C ILE E 35 -34.41 28.64 -19.32
N SER E 36 -34.54 29.07 -20.57
CA SER E 36 -33.59 29.98 -21.21
C SER E 36 -33.19 31.17 -20.36
N CYS E 37 -34.18 31.71 -19.64
CA CYS E 37 -33.96 32.91 -18.82
C CYS E 37 -33.32 32.56 -17.49
N ALA E 38 -33.24 31.28 -17.18
CA ALA E 38 -32.72 30.84 -15.88
C ALA E 38 -31.29 30.31 -15.97
N GLU E 39 -30.68 30.15 -14.79
CA GLU E 39 -29.32 29.66 -14.68
C GLU E 39 -29.21 28.53 -13.66
N CYS E 40 -30.31 27.91 -13.31
CA CYS E 40 -30.30 26.92 -12.25
C CYS E 40 -29.77 25.58 -12.75
N PRO E 41 -29.21 24.80 -11.83
CA PRO E 41 -28.63 23.51 -12.22
C PRO E 41 -29.66 22.60 -12.90
N VAL E 42 -29.23 21.92 -13.96
CA VAL E 42 -30.09 20.96 -14.64
C VAL E 42 -29.46 19.58 -14.57
N LEU E 43 -30.28 18.57 -14.21
CA LEU E 43 -29.80 17.20 -14.07
C LEU E 43 -30.45 16.35 -15.13
N ILE E 44 -29.64 15.89 -16.08
CA ILE E 44 -30.14 15.18 -17.27
C ILE E 44 -29.83 13.68 -17.20
N THR E 45 -30.85 12.83 -17.25
CA THR E 45 -30.63 11.41 -17.07
C THR E 45 -31.26 10.60 -18.20
N GLY E 46 -30.84 9.35 -18.33
CA GLY E 46 -31.35 8.47 -19.36
C GLY E 46 -30.30 7.49 -19.87
N GLU E 47 -30.75 6.42 -20.50
CA GLU E 47 -29.89 5.39 -21.02
C GLU E 47 -28.89 5.94 -22.01
N SER E 48 -27.83 5.15 -22.24
CA SER E 48 -26.80 5.50 -23.21
C SER E 48 -27.38 5.73 -24.62
N GLY E 49 -27.07 6.89 -25.19
CA GLY E 49 -27.48 7.21 -26.54
C GLY E 49 -28.84 7.91 -26.67
N VAL E 50 -29.47 8.30 -25.57
CA VAL E 50 -30.81 8.90 -25.72
C VAL E 50 -30.75 10.37 -25.99
N GLY E 51 -29.56 10.96 -25.88
CA GLY E 51 -29.33 12.36 -26.24
C GLY E 51 -29.07 13.34 -25.10
N LYS E 52 -28.46 12.84 -24.02
CA LYS E 52 -28.20 13.69 -22.88
C LYS E 52 -27.23 14.83 -23.22
N GLU E 53 -26.18 14.52 -23.97
CA GLU E 53 -25.23 15.55 -24.36
C GLU E 53 -25.83 16.57 -25.34
N VAL E 54 -26.66 16.09 -26.25
CA VAL E 54 -27.39 16.98 -27.15
C VAL E 54 -28.25 17.95 -26.32
N VAL E 55 -29.01 17.41 -25.38
CA VAL E 55 -29.84 18.27 -24.54
C VAL E 55 -29.00 19.28 -23.75
N ALA E 56 -27.85 18.85 -23.23
CA ALA E 56 -27.04 19.73 -22.43
C ALA E 56 -26.50 20.87 -23.28
N ARG E 57 -26.06 20.56 -24.49
CA ARG E 57 -25.49 21.58 -25.36
C ARG E 57 -26.60 22.50 -25.90
N LEU E 58 -27.78 21.96 -26.14
CA LEU E 58 -28.95 22.77 -26.53
C LEU E 58 -29.34 23.78 -25.43
N ILE E 59 -29.42 23.30 -24.18
CA ILE E 59 -29.71 24.18 -23.06
C ILE E 59 -28.73 25.33 -23.04
N HIS E 60 -27.48 25.02 -23.39
CA HIS E 60 -26.43 26.03 -23.36
C HIS E 60 -26.65 27.05 -24.47
N LYS E 61 -26.86 26.56 -25.69
CA LYS E 61 -27.09 27.41 -26.86
C LYS E 61 -28.30 28.36 -26.69
N LEU E 62 -29.37 27.88 -26.06
CA LEU E 62 -30.57 28.72 -25.84
C LEU E 62 -30.50 29.60 -24.60
N SER E 63 -29.43 29.49 -23.84
CA SER E 63 -29.35 30.18 -22.57
C SER E 63 -28.70 31.54 -22.74
N ASP E 64 -28.60 32.27 -21.63
CA ASP E 64 -28.01 33.60 -21.63
C ASP E 64 -26.50 33.54 -21.68
N ARG E 65 -25.94 32.33 -21.68
CA ARG E 65 -24.49 32.16 -21.74
C ARG E 65 -24.04 31.54 -23.04
N SER E 66 -24.91 31.52 -24.05
CA SER E 66 -24.63 30.81 -25.29
C SER E 66 -23.25 31.17 -25.84
N LYS E 67 -22.80 32.38 -25.56
CA LYS E 67 -21.58 32.90 -26.15
C LYS E 67 -20.37 32.71 -25.23
N GLU E 68 -20.62 32.22 -24.01
CA GLU E 68 -19.56 31.93 -23.07
C GLU E 68 -19.13 30.47 -23.23
N PRO E 69 -18.02 30.09 -22.60
CA PRO E 69 -17.46 28.74 -22.75
C PRO E 69 -18.39 27.65 -22.23
N PHE E 70 -18.36 26.51 -22.90
CA PHE E 70 -19.06 25.31 -22.45
C PHE E 70 -18.00 24.25 -22.13
N VAL E 71 -17.60 24.17 -20.87
CA VAL E 71 -16.57 23.27 -20.41
C VAL E 71 -17.16 21.89 -20.05
N ALA E 72 -16.83 20.89 -20.88
CA ALA E 72 -17.23 19.51 -20.63
C ALA E 72 -16.17 18.75 -19.84
N LEU E 73 -16.63 17.90 -18.92
CA LEU E 73 -15.76 17.22 -17.99
C LEU E 73 -16.35 15.86 -17.56
N ASN E 74 -15.67 14.76 -17.87
CA ASN E 74 -16.11 13.47 -17.31
C ASN E 74 -15.66 13.44 -15.87
N VAL E 75 -16.53 13.87 -14.97
CA VAL E 75 -16.06 14.17 -13.62
C VAL E 75 -15.69 12.92 -12.83
N ALA E 76 -16.26 11.77 -13.20
CA ALA E 76 -15.96 10.53 -12.48
C ALA E 76 -14.62 9.88 -12.90
N SER E 77 -14.11 10.27 -14.07
CA SER E 77 -12.86 9.69 -14.54
C SER E 77 -11.59 10.41 -14.01
N ILE E 78 -11.75 11.58 -13.40
CA ILE E 78 -10.64 12.26 -12.73
C ILE E 78 -10.16 11.44 -11.53
N PRO E 79 -8.87 11.07 -11.50
CA PRO E 79 -8.32 10.28 -10.39
C PRO E 79 -8.44 11.00 -9.04
N ARG E 80 -8.77 10.26 -8.00
CA ARG E 80 -9.14 10.86 -6.72
C ARG E 80 -8.07 11.77 -6.11
N ASP E 81 -6.81 11.45 -6.34
CA ASP E 81 -5.72 12.19 -5.70
C ASP E 81 -5.50 13.57 -6.33
N ILE E 82 -6.06 13.81 -7.52
CA ILE E 82 -5.98 15.15 -8.11
C ILE E 82 -7.32 15.85 -8.28
N PHE E 83 -8.37 15.28 -7.70
CA PHE E 83 -9.70 15.83 -7.88
C PHE E 83 -9.78 17.33 -7.53
N GLU E 84 -9.39 17.68 -6.31
CA GLU E 84 -9.39 19.09 -5.90
C GLU E 84 -8.54 19.96 -6.82
N ALA E 85 -7.31 19.54 -7.06
CA ALA E 85 -6.41 20.29 -7.94
C ALA E 85 -7.08 20.62 -9.27
N GLU E 86 -7.81 19.65 -9.80
CA GLU E 86 -8.34 19.78 -11.12
C GLU E 86 -9.59 20.69 -11.12
N LEU E 87 -10.42 20.57 -10.09
CA LEU E 87 -11.65 21.35 -10.03
C LEU E 87 -11.41 22.73 -9.46
N PHE E 88 -10.52 22.83 -8.48
CA PHE E 88 -10.39 24.07 -7.73
C PHE E 88 -9.04 24.73 -7.93
N GLY E 89 -8.12 24.03 -8.60
CA GLY E 89 -6.77 24.54 -8.80
C GLY E 89 -5.92 24.45 -7.56
N TYR E 90 -4.71 24.98 -7.61
CA TYR E 90 -3.83 24.91 -6.45
C TYR E 90 -3.00 26.16 -6.35
N GLU E 91 -2.60 26.50 -5.14
CA GLU E 91 -1.83 27.73 -4.93
C GLU E 91 -0.36 27.39 -5.03
N LYS E 92 0.44 28.32 -5.53
CA LYS E 92 1.88 28.10 -5.53
C LYS E 92 2.31 27.95 -4.08
N GLY E 93 3.24 27.04 -3.83
CA GLY E 93 3.65 26.71 -2.48
C GLY E 93 3.14 25.32 -2.21
N ALA E 94 2.15 25.28 -1.33
CA ALA E 94 1.10 24.26 -1.34
C ALA E 94 1.49 22.92 -1.97
N PHE E 95 2.25 22.14 -1.21
CA PHE E 95 2.46 20.74 -1.53
C PHE E 95 3.11 20.50 -2.90
N THR E 96 4.42 20.18 -2.87
CA THR E 96 5.29 19.76 -3.99
C THR E 96 4.91 20.27 -5.36
N GLY E 97 3.64 20.12 -5.70
CA GLY E 97 3.11 20.88 -6.78
C GLY E 97 3.69 22.29 -6.77
N ALA E 98 4.86 22.42 -7.39
CA ALA E 98 4.92 23.52 -8.27
C ALA E 98 5.44 24.85 -7.77
N VAL E 99 5.63 25.70 -8.77
CA VAL E 99 6.20 27.01 -8.67
C VAL E 99 5.09 28.06 -8.60
N SER E 100 4.07 27.90 -9.44
CA SER E 100 3.01 28.89 -9.56
C SER E 100 1.60 28.32 -9.41
N SER E 101 0.65 29.20 -9.11
CA SER E 101 -0.76 28.83 -9.01
C SER E 101 -1.35 28.37 -10.35
N LYS E 102 -2.42 27.59 -10.28
CA LYS E 102 -3.07 27.03 -11.46
C LYS E 102 -4.59 27.06 -11.26
N GLU E 103 -5.31 27.63 -12.22
CA GLU E 103 -6.76 27.63 -12.20
C GLU E 103 -7.30 26.21 -12.30
N GLY E 104 -8.38 25.92 -11.58
CA GLY E 104 -9.13 24.69 -11.78
C GLY E 104 -10.20 24.88 -12.84
N PHE E 105 -10.96 23.83 -13.13
CA PHE E 105 -12.02 23.93 -14.12
C PHE E 105 -13.18 24.86 -13.72
N PHE E 106 -13.44 25.01 -12.42
CA PHE E 106 -14.48 25.94 -12.00
C PHE E 106 -14.12 27.35 -12.44
N GLU E 107 -12.88 27.76 -12.21
CA GLU E 107 -12.45 29.08 -12.66
C GLU E 107 -12.45 29.18 -14.19
N LEU E 108 -12.02 28.14 -14.85
CA LEU E 108 -11.94 28.16 -16.30
C LEU E 108 -13.34 28.37 -16.90
N ALA E 109 -14.36 28.05 -16.13
CA ALA E 109 -15.72 28.13 -16.63
C ALA E 109 -16.46 29.34 -16.07
N ASP E 110 -15.78 30.11 -15.23
CA ASP E 110 -16.37 31.34 -14.68
C ASP E 110 -17.11 32.12 -15.78
N GLY E 111 -18.35 32.49 -15.50
CA GLY E 111 -19.17 33.22 -16.43
C GLY E 111 -19.74 32.37 -17.54
N GLY E 112 -19.43 31.08 -17.50
CA GLY E 112 -19.88 30.17 -18.54
C GLY E 112 -20.70 29.02 -17.98
N THR E 113 -20.59 27.89 -18.64
CA THR E 113 -21.30 26.70 -18.25
C THR E 113 -20.32 25.53 -18.01
N LEU E 114 -20.51 24.82 -16.90
CA LEU E 114 -19.68 23.67 -16.56
C LEU E 114 -20.54 22.41 -16.61
N PHE E 115 -20.20 21.49 -17.50
CA PHE E 115 -21.00 20.30 -17.69
C PHE E 115 -20.33 19.10 -17.02
N LEU E 116 -20.87 18.66 -15.89
CA LEU E 116 -20.37 17.51 -15.17
C LEU E 116 -21.02 16.23 -15.74
N ASP E 117 -20.31 15.55 -16.63
CA ASP E 117 -20.79 14.31 -17.25
C ASP E 117 -20.41 13.09 -16.39
N ALA E 118 -21.22 12.03 -16.44
CA ALA E 118 -21.05 10.85 -15.60
C ALA E 118 -21.15 11.15 -14.11
N ILE E 119 -21.94 12.15 -13.75
CA ILE E 119 -22.09 12.61 -12.38
C ILE E 119 -22.46 11.46 -11.46
N GLY E 120 -23.23 10.52 -11.96
CA GLY E 120 -23.69 9.39 -11.15
C GLY E 120 -22.64 8.32 -10.85
N GLU E 121 -21.46 8.45 -11.45
CA GLU E 121 -20.40 7.49 -11.22
C GLU E 121 -19.36 8.06 -10.26
N LEU E 122 -19.54 9.31 -9.88
CA LEU E 122 -18.61 9.99 -9.00
C LEU E 122 -18.57 9.26 -7.67
N SER E 123 -17.39 9.22 -7.05
CA SER E 123 -17.25 8.56 -5.75
C SER E 123 -17.86 9.40 -4.64
N LEU E 124 -18.32 8.74 -3.60
CA LEU E 124 -18.81 9.43 -2.42
C LEU E 124 -17.80 10.44 -1.93
N GLU E 125 -16.53 10.05 -1.93
CA GLU E 125 -15.50 10.98 -1.47
C GLU E 125 -15.53 12.26 -2.31
N ALA E 126 -15.69 12.10 -3.62
CA ALA E 126 -15.59 13.24 -4.51
C ALA E 126 -16.88 14.06 -4.51
N GLN E 127 -18.04 13.39 -4.40
CA GLN E 127 -19.32 14.10 -4.30
C GLN E 127 -19.28 15.11 -3.14
N ALA E 128 -18.70 14.71 -2.03
CA ALA E 128 -18.67 15.56 -0.86
C ALA E 128 -17.84 16.80 -1.10
N LYS E 129 -16.77 16.67 -1.88
CA LYS E 129 -15.91 17.83 -2.22
C LYS E 129 -16.60 18.87 -3.13
N LEU E 130 -17.64 18.44 -3.84
CA LEU E 130 -18.35 19.30 -4.79
C LEU E 130 -19.48 20.06 -4.10
N LEU E 131 -19.88 19.54 -2.93
CA LEU E 131 -21.09 19.95 -2.23
C LEU E 131 -21.30 21.46 -2.04
N ARG E 132 -20.34 22.13 -1.39
CA ARG E 132 -20.53 23.55 -1.06
C ARG E 132 -20.42 24.47 -2.27
N VAL E 133 -19.70 24.04 -3.30
CA VAL E 133 -19.48 24.88 -4.48
C VAL E 133 -20.75 25.07 -5.30
N ILE E 134 -21.57 24.02 -5.41
CA ILE E 134 -22.74 24.04 -6.27
C ILE E 134 -23.67 25.22 -5.98
N GLU E 135 -23.96 25.47 -4.71
CA GLU E 135 -24.85 26.57 -4.39
C GLU E 135 -24.14 27.91 -4.07
N SER E 136 -22.95 27.87 -3.49
CA SER E 136 -22.31 29.12 -3.04
C SER E 136 -21.33 29.70 -4.05
N GLY E 137 -20.93 28.91 -5.04
CA GLY E 137 -19.95 29.34 -6.01
C GLY E 137 -18.59 29.67 -5.38
N LYS E 138 -18.36 29.21 -4.16
CA LYS E 138 -17.14 29.54 -3.43
C LYS E 138 -16.33 28.30 -3.03
N PHE E 139 -15.00 28.44 -3.04
CA PHE E 139 -14.10 27.36 -2.65
C PHE E 139 -12.71 27.90 -2.38
N TYR E 140 -11.89 27.09 -1.72
CA TYR E 140 -10.47 27.41 -1.58
C TYR E 140 -9.67 26.58 -2.56
N ARG E 141 -8.59 27.13 -3.09
CA ARG E 141 -7.71 26.33 -3.92
C ARG E 141 -6.98 25.37 -3.02
N LEU E 142 -6.62 24.22 -3.57
CA LEU E 142 -5.76 23.29 -2.85
C LEU E 142 -4.56 24.10 -2.34
N GLY E 143 -4.45 24.21 -1.01
CA GLY E 143 -3.34 24.89 -0.39
C GLY E 143 -3.45 26.39 -0.22
N GLY E 144 -4.59 26.94 -0.61
CA GLY E 144 -4.78 28.38 -0.60
C GLY E 144 -5.59 28.83 0.60
N ARG E 145 -5.49 30.12 0.93
CA ARG E 145 -6.22 30.64 2.08
C ARG E 145 -7.11 31.84 1.68
N LYS E 146 -7.37 31.98 0.39
CA LYS E 146 -8.27 33.02 -0.09
C LYS E 146 -9.48 32.35 -0.71
N GLU E 147 -10.67 32.63 -0.18
CA GLU E 147 -11.89 32.14 -0.81
C GLU E 147 -12.02 32.71 -2.22
N ILE E 148 -12.26 31.84 -3.18
CA ILE E 148 -12.45 32.25 -4.56
C ILE E 148 -13.91 32.13 -4.89
N GLU E 149 -14.41 33.08 -5.67
CA GLU E 149 -15.82 33.04 -6.03
C GLU E 149 -16.00 33.05 -7.54
N VAL E 150 -16.87 32.19 -8.04
CA VAL E 150 -17.09 32.09 -9.47
C VAL E 150 -18.58 32.05 -9.71
N ASN E 151 -18.97 32.35 -10.94
CA ASN E 151 -20.36 32.33 -11.31
C ASN E 151 -20.50 31.36 -12.44
N VAL E 152 -20.87 30.14 -12.09
CA VAL E 152 -20.87 29.08 -13.07
C VAL E 152 -22.22 28.42 -13.17
N ARG E 153 -22.72 28.27 -14.38
CA ARG E 153 -23.94 27.50 -14.50
C ARG E 153 -23.65 26.01 -14.65
N ILE E 154 -24.23 25.21 -13.77
CA ILE E 154 -24.00 23.78 -13.75
C ILE E 154 -25.00 22.93 -14.52
N LEU E 155 -24.49 22.06 -15.38
CA LEU E 155 -25.32 21.05 -16.00
C LEU E 155 -24.68 19.73 -15.58
N ALA E 156 -25.50 18.68 -15.41
CA ALA E 156 -24.97 17.35 -15.12
C ALA E 156 -25.77 16.26 -15.83
N ALA E 157 -25.09 15.20 -16.22
CA ALA E 157 -25.75 14.10 -16.91
C ALA E 157 -25.22 12.77 -16.40
N THR E 158 -26.06 11.74 -16.46
CA THR E 158 -25.59 10.39 -16.17
C THR E 158 -26.55 9.37 -16.76
N ASN E 159 -26.01 8.22 -17.13
CA ASN E 159 -26.83 7.11 -17.60
C ASN E 159 -27.06 6.10 -16.48
N ARG E 160 -26.73 6.51 -15.26
CA ARG E 160 -26.99 5.66 -14.10
C ARG E 160 -28.34 6.02 -13.51
N ASN E 161 -28.98 5.06 -12.87
CA ASN E 161 -30.23 5.26 -12.17
C ASN E 161 -30.02 6.11 -10.91
N ILE E 162 -30.02 7.43 -11.04
CA ILE E 162 -29.56 8.26 -9.93
C ILE E 162 -30.48 8.28 -8.72
N LYS E 163 -31.77 8.10 -8.95
CA LYS E 163 -32.69 8.03 -7.84
C LYS E 163 -32.46 6.75 -7.02
N GLU E 164 -32.19 5.66 -7.72
CA GLU E 164 -31.83 4.44 -7.02
C GLU E 164 -30.50 4.57 -6.22
N LEU E 165 -29.54 5.28 -6.79
CA LEU E 165 -28.25 5.49 -6.13
C LEU E 165 -28.44 6.27 -4.83
N VAL E 166 -29.34 7.23 -4.86
CA VAL E 166 -29.65 7.97 -3.65
C VAL E 166 -30.25 7.06 -2.58
N LYS E 167 -31.22 6.23 -2.98
CA LYS E 167 -31.88 5.33 -2.04
C LYS E 167 -30.87 4.35 -1.45
N GLU E 168 -29.88 3.95 -2.22
CA GLU E 168 -28.94 2.95 -1.75
C GLU E 168 -27.77 3.59 -1.04
N GLY E 169 -27.82 4.91 -0.88
CA GLY E 169 -26.72 5.62 -0.27
C GLY E 169 -25.44 5.73 -1.11
N LYS E 170 -25.52 5.36 -2.39
CA LYS E 170 -24.35 5.42 -3.25
C LYS E 170 -24.13 6.84 -3.78
N PHE E 171 -25.14 7.68 -3.62
CA PHE E 171 -25.09 9.06 -4.07
C PHE E 171 -25.75 9.90 -3.00
N ARG E 172 -25.08 10.98 -2.60
CA ARG E 172 -25.55 11.84 -1.50
C ARG E 172 -26.89 12.52 -1.80
N GLU E 173 -27.79 12.42 -0.86
CA GLU E 173 -29.07 13.11 -0.93
C GLU E 173 -28.84 14.62 -1.07
N ASP E 174 -28.00 15.18 -0.23
CA ASP E 174 -27.80 16.62 -0.28
C ASP E 174 -27.17 17.16 -1.57
N LEU E 175 -26.42 16.33 -2.28
CA LEU E 175 -25.91 16.77 -3.58
C LEU E 175 -27.01 16.64 -4.63
N TYR E 176 -27.81 15.58 -4.55
CA TYR E 176 -28.91 15.39 -5.48
C TYR E 176 -29.91 16.56 -5.48
N TYR E 177 -30.31 17.04 -4.32
CA TYR E 177 -31.21 18.18 -4.29
C TYR E 177 -30.55 19.49 -4.75
N ARG E 178 -29.22 19.53 -4.75
CA ARG E 178 -28.53 20.71 -5.25
C ARG E 178 -28.44 20.70 -6.77
N LEU E 179 -28.29 19.51 -7.35
CA LEU E 179 -28.05 19.36 -8.78
C LEU E 179 -29.34 19.32 -9.54
N GLY E 180 -30.33 18.65 -8.97
CA GLY E 180 -31.58 18.45 -9.67
C GLY E 180 -32.65 19.49 -9.40
N VAL E 181 -32.31 20.76 -9.55
CA VAL E 181 -33.30 21.85 -9.48
C VAL E 181 -34.25 21.70 -10.67
N ILE E 182 -33.71 21.56 -11.87
CA ILE E 182 -34.49 21.17 -13.02
C ILE E 182 -34.09 19.74 -13.41
N GLU E 183 -35.06 18.87 -13.62
CA GLU E 183 -34.78 17.48 -13.95
C GLU E 183 -35.34 17.04 -15.30
N ILE E 184 -34.45 16.72 -16.21
CA ILE E 184 -34.85 16.19 -17.51
C ILE E 184 -34.50 14.72 -17.64
N GLU E 185 -35.53 13.86 -17.64
CA GLU E 185 -35.33 12.43 -17.78
C GLU E 185 -35.72 12.05 -19.20
N ILE E 186 -34.72 11.79 -20.03
CA ILE E 186 -34.97 11.46 -21.41
C ILE E 186 -35.27 9.98 -21.58
N PRO E 187 -36.41 9.66 -22.18
CA PRO E 187 -36.80 8.25 -22.29
C PRO E 187 -36.02 7.49 -23.34
N PRO E 188 -35.97 6.16 -23.23
CA PRO E 188 -35.32 5.33 -24.25
C PRO E 188 -36.03 5.46 -25.59
N LEU E 189 -35.33 5.20 -26.68
CA LEU E 189 -35.91 5.32 -28.00
C LEU E 189 -37.14 4.42 -28.13
N ARG E 190 -37.09 3.26 -27.47
CA ARG E 190 -38.17 2.28 -27.62
C ARG E 190 -39.51 2.74 -27.03
N GLU E 191 -39.48 3.83 -26.28
CA GLU E 191 -40.69 4.44 -25.71
C GLU E 191 -40.90 5.81 -26.35
N ARG E 192 -40.33 6.01 -27.53
CA ARG E 192 -40.51 7.27 -28.25
C ARG E 192 -40.69 6.90 -29.71
N LYS E 193 -41.48 5.87 -29.99
CA LYS E 193 -41.56 5.32 -31.34
C LYS E 193 -41.81 6.37 -32.41
N GLU E 194 -42.48 7.47 -32.05
CA GLU E 194 -42.71 8.56 -33.01
C GLU E 194 -41.41 9.21 -33.50
N ASP E 195 -40.33 9.02 -32.74
CA ASP E 195 -39.04 9.63 -33.12
C ASP E 195 -38.28 8.76 -34.11
N ILE E 196 -38.54 7.45 -34.07
CA ILE E 196 -37.72 6.49 -34.81
C ILE E 196 -37.58 6.79 -36.30
N ILE E 197 -38.71 6.79 -37.02
CA ILE E 197 -38.67 7.05 -38.45
C ILE E 197 -38.12 8.46 -38.81
N PRO E 198 -38.58 9.52 -38.12
CA PRO E 198 -37.98 10.80 -38.48
C PRO E 198 -36.46 10.83 -38.23
N LEU E 199 -36.00 10.21 -37.15
CA LEU E 199 -34.57 10.06 -36.90
C LEU E 199 -33.89 9.27 -38.02
N ALA E 200 -34.40 8.09 -38.33
CA ALA E 200 -33.81 7.31 -39.41
C ALA E 200 -33.72 8.12 -40.70
N ASN E 201 -34.81 8.82 -41.04
CA ASN E 201 -34.82 9.64 -42.26
C ASN E 201 -33.75 10.72 -42.19
N HIS E 202 -33.66 11.40 -41.05
CA HIS E 202 -32.68 12.46 -40.86
C HIS E 202 -31.26 11.95 -41.14
N PHE E 203 -30.95 10.74 -40.64
CA PHE E 203 -29.61 10.18 -40.81
C PHE E 203 -29.40 9.73 -42.24
N LEU E 204 -30.42 9.08 -42.79
CA LEU E 204 -30.35 8.66 -44.19
C LEU E 204 -30.01 9.85 -45.10
N LYS E 205 -30.63 10.99 -44.84
CA LYS E 205 -30.36 12.15 -45.65
C LYS E 205 -28.91 12.60 -45.43
N LYS E 206 -28.53 12.73 -44.16
CA LYS E 206 -27.18 13.17 -43.80
C LYS E 206 -26.07 12.30 -44.43
N PHE E 207 -26.15 10.98 -44.24
CA PHE E 207 -25.13 10.08 -44.75
C PHE E 207 -25.15 9.91 -46.27
N SER E 208 -26.35 9.87 -46.85
CA SER E 208 -26.46 9.78 -48.31
C SER E 208 -25.74 10.97 -48.97
N ARG E 209 -25.96 12.16 -48.43
CA ARG E 209 -25.22 13.33 -48.88
C ARG E 209 -23.73 13.16 -48.66
N LYS E 210 -23.34 12.89 -47.40
CA LYS E 210 -21.94 12.74 -47.02
C LYS E 210 -21.14 11.73 -47.86
N TYR E 211 -21.72 10.57 -48.13
CA TYR E 211 -21.00 9.54 -48.87
C TYR E 211 -21.40 9.45 -50.35
N ALA E 212 -22.03 10.51 -50.84
CA ALA E 212 -22.42 10.61 -52.25
C ALA E 212 -23.10 9.33 -52.75
N LYS E 213 -24.19 8.95 -52.09
CA LYS E 213 -24.95 7.79 -52.51
C LYS E 213 -26.36 8.20 -52.96
N GLU E 214 -27.08 7.24 -53.55
CA GLU E 214 -28.37 7.57 -54.13
C GLU E 214 -29.54 7.05 -53.30
N VAL E 215 -29.29 6.72 -52.04
CA VAL E 215 -30.38 6.25 -51.19
C VAL E 215 -31.30 7.41 -50.84
N GLU E 216 -32.60 7.12 -50.76
CA GLU E 216 -33.61 8.16 -50.64
C GLU E 216 -34.55 7.90 -49.47
N GLY E 217 -34.77 6.61 -49.18
CA GLY E 217 -35.75 6.24 -48.18
C GLY E 217 -35.77 4.75 -47.87
N PHE E 218 -36.68 4.34 -46.99
CA PHE E 218 -36.80 2.95 -46.59
C PHE E 218 -38.09 2.36 -47.12
N THR E 219 -38.09 1.08 -47.46
CA THR E 219 -39.33 0.40 -47.79
C THR E 219 -40.22 0.34 -46.56
N LYS E 220 -41.48 -0.01 -46.76
CA LYS E 220 -42.44 -0.09 -45.68
C LYS E 220 -42.03 -1.22 -44.75
N SER E 221 -41.43 -2.25 -45.34
CA SER E 221 -40.99 -3.43 -44.59
C SER E 221 -39.84 -3.05 -43.64
N ALA E 222 -38.91 -2.26 -44.16
CA ALA E 222 -37.78 -1.78 -43.38
C ALA E 222 -38.26 -0.93 -42.21
N GLN E 223 -39.18 -0.01 -42.49
CA GLN E 223 -39.73 0.85 -41.46
C GLN E 223 -40.36 0.06 -40.31
N GLU E 224 -41.06 -1.01 -40.61
CA GLU E 224 -41.61 -1.85 -39.55
C GLU E 224 -40.49 -2.38 -38.65
N LEU E 225 -39.40 -2.82 -39.28
CA LEU E 225 -38.27 -3.34 -38.55
C LEU E 225 -37.72 -2.28 -37.59
N LEU E 226 -37.40 -1.11 -38.13
CA LEU E 226 -36.93 -0.01 -37.32
C LEU E 226 -37.82 0.28 -36.10
N LEU E 227 -39.13 0.13 -36.25
CA LEU E 227 -40.03 0.49 -35.14
C LEU E 227 -40.13 -0.59 -34.07
N SER E 228 -39.79 -1.82 -34.42
CA SER E 228 -39.95 -2.96 -33.50
C SER E 228 -38.65 -3.38 -32.81
N TYR E 229 -37.53 -2.92 -33.34
CA TYR E 229 -36.23 -3.16 -32.74
C TYR E 229 -36.10 -2.31 -31.46
N PRO E 230 -35.60 -2.92 -30.37
CA PRO E 230 -35.52 -2.31 -29.03
C PRO E 230 -34.58 -1.09 -28.94
N TRP E 231 -33.55 -1.02 -29.78
CA TRP E 231 -32.57 0.07 -29.74
C TRP E 231 -31.92 0.25 -28.36
N TYR E 232 -31.20 -0.79 -27.94
CA TYR E 232 -30.56 -0.74 -26.63
C TYR E 232 -29.48 0.32 -26.53
N GLY E 233 -28.90 0.68 -27.68
CA GLY E 233 -27.99 1.81 -27.77
C GLY E 233 -28.68 3.10 -28.16
N ASN E 234 -30.01 3.06 -28.19
CA ASN E 234 -30.84 4.22 -28.50
C ASN E 234 -30.46 5.04 -29.75
N VAL E 235 -30.52 6.36 -29.67
CA VAL E 235 -30.30 7.15 -30.88
C VAL E 235 -28.95 6.85 -31.54
N ARG E 236 -27.92 6.63 -30.72
CA ARG E 236 -26.60 6.32 -31.25
C ARG E 236 -26.59 4.99 -32.01
N GLU E 237 -27.22 3.96 -31.45
CA GLU E 237 -27.29 2.70 -32.20
C GLU E 237 -28.04 2.90 -33.52
N LEU E 238 -29.14 3.64 -33.47
CA LEU E 238 -29.91 3.91 -34.68
C LEU E 238 -29.02 4.59 -35.72
N LYS E 239 -28.42 5.71 -35.32
CA LYS E 239 -27.46 6.39 -36.19
C LYS E 239 -26.39 5.45 -36.79
N ASN E 240 -25.86 4.51 -36.00
CA ASN E 240 -24.87 3.60 -36.52
C ASN E 240 -25.48 2.71 -37.59
N VAL E 241 -26.65 2.14 -37.29
CA VAL E 241 -27.31 1.23 -38.23
C VAL E 241 -27.63 1.91 -39.56
N ILE E 242 -28.11 3.16 -39.52
CA ILE E 242 -28.36 3.88 -40.76
C ILE E 242 -27.05 4.16 -41.48
N GLU E 243 -26.01 4.59 -40.75
CA GLU E 243 -24.72 4.83 -41.38
C GLU E 243 -24.22 3.56 -42.11
N ARG E 244 -24.43 2.39 -41.53
CA ARG E 244 -24.09 1.13 -42.21
C ARG E 244 -24.93 0.90 -43.46
N ALA E 245 -26.25 1.00 -43.28
CA ALA E 245 -27.18 0.79 -44.38
C ALA E 245 -26.83 1.65 -45.59
N VAL E 246 -26.56 2.93 -45.36
CA VAL E 246 -26.16 3.80 -46.47
C VAL E 246 -24.84 3.39 -47.12
N LEU E 247 -23.81 3.10 -46.33
CA LEU E 247 -22.53 2.69 -46.89
C LEU E 247 -22.60 1.39 -47.71
N PHE E 248 -23.44 0.46 -47.29
CA PHE E 248 -23.54 -0.85 -47.94
C PHE E 248 -24.70 -0.95 -48.93
N SER E 249 -25.45 0.15 -49.09
CA SER E 249 -26.66 0.16 -49.90
C SER E 249 -26.37 0.15 -51.39
N GLU E 250 -27.33 -0.39 -52.14
CA GLU E 250 -27.27 -0.40 -53.59
C GLU E 250 -28.39 0.44 -54.22
N GLY E 251 -29.63 0.15 -53.83
CA GLY E 251 -30.77 0.77 -54.47
C GLY E 251 -30.90 2.29 -54.34
N LYS E 252 -32.15 2.74 -54.41
CA LYS E 252 -32.51 4.11 -54.00
C LYS E 252 -33.23 3.96 -52.67
N PHE E 253 -33.53 2.71 -52.34
CA PHE E 253 -34.26 2.39 -51.12
C PHE E 253 -33.62 1.27 -50.33
N ILE E 254 -33.73 1.36 -49.01
CA ILE E 254 -33.22 0.34 -48.12
C ILE E 254 -34.36 -0.61 -47.74
N ASP E 255 -34.19 -1.88 -48.05
CA ASP E 255 -35.24 -2.89 -47.79
C ASP E 255 -34.96 -3.63 -46.48
N ARG E 256 -35.96 -4.36 -46.00
CA ARG E 256 -35.84 -5.09 -44.74
C ARG E 256 -34.62 -5.99 -44.67
N GLY E 257 -34.24 -6.57 -45.80
CA GLY E 257 -33.12 -7.49 -45.83
C GLY E 257 -31.81 -6.81 -45.46
N GLU E 258 -31.60 -5.61 -46.02
CA GLU E 258 -30.38 -4.85 -45.77
C GLU E 258 -30.25 -4.43 -44.30
N LEU E 259 -31.38 -4.23 -43.62
CA LEU E 259 -31.39 -3.86 -42.20
C LEU E 259 -31.23 -5.08 -41.31
N SER E 260 -31.99 -6.12 -41.60
CA SER E 260 -32.03 -7.34 -40.79
C SER E 260 -30.65 -7.93 -40.55
N CYS E 261 -29.78 -7.83 -41.55
CA CYS E 261 -28.41 -8.33 -41.41
C CYS E 261 -27.49 -7.29 -40.76
N LEU E 262 -28.06 -6.14 -40.39
CA LEU E 262 -27.33 -5.09 -39.69
C LEU E 262 -27.70 -4.97 -38.21
N VAL E 263 -28.77 -5.64 -37.78
CA VAL E 263 -29.21 -5.58 -36.39
C VAL E 263 -29.13 -6.94 -35.70
N GLU F 17 -1.48 -9.80 -51.61
CA GLU F 17 -0.91 -11.06 -51.16
C GLU F 17 -1.65 -11.60 -49.93
N TYR F 18 -2.83 -11.08 -49.66
CA TYR F 18 -3.66 -11.65 -48.60
C TYR F 18 -4.76 -12.51 -49.20
N VAL F 19 -5.10 -13.57 -48.50
CA VAL F 19 -6.06 -14.55 -48.98
C VAL F 19 -7.47 -14.39 -48.40
N PHE F 20 -8.45 -14.18 -49.27
CA PHE F 20 -9.86 -14.13 -48.87
C PHE F 20 -10.68 -14.97 -49.84
N GLU F 21 -11.02 -16.20 -49.45
CA GLU F 21 -11.67 -17.14 -50.36
C GLU F 21 -13.02 -17.64 -49.88
N SER F 22 -13.12 -17.97 -48.60
CA SER F 22 -14.41 -18.39 -48.04
C SER F 22 -15.48 -17.30 -48.17
N PRO F 23 -16.75 -17.72 -48.11
CA PRO F 23 -17.81 -16.72 -48.26
C PRO F 23 -17.66 -15.57 -47.26
N LYS F 24 -17.55 -15.85 -45.96
CA LYS F 24 -17.50 -14.78 -44.95
C LYS F 24 -16.33 -13.83 -45.15
N MET F 25 -15.17 -14.39 -45.49
CA MET F 25 -13.99 -13.56 -45.74
C MET F 25 -14.20 -12.66 -46.96
N LYS F 26 -14.89 -13.17 -47.97
CA LYS F 26 -15.22 -12.37 -49.13
C LYS F 26 -16.20 -11.23 -48.79
N GLU F 27 -17.21 -11.52 -47.97
CA GLU F 27 -18.08 -10.46 -47.45
C GLU F 27 -17.29 -9.41 -46.69
N ILE F 28 -16.41 -9.89 -45.80
CA ILE F 28 -15.60 -8.97 -45.00
C ILE F 28 -14.79 -8.06 -45.92
N LEU F 29 -14.11 -8.66 -46.90
CA LEU F 29 -13.36 -7.88 -47.88
C LEU F 29 -14.22 -6.83 -48.58
N GLU F 30 -15.46 -7.19 -48.89
CA GLU F 30 -16.39 -6.24 -49.49
C GLU F 30 -16.69 -5.07 -48.53
N LYS F 31 -17.02 -5.37 -47.28
CA LYS F 31 -17.30 -4.31 -46.31
C LYS F 31 -16.12 -3.36 -46.20
N ILE F 32 -14.92 -3.93 -46.23
CA ILE F 32 -13.72 -3.11 -46.11
C ILE F 32 -13.68 -2.11 -47.25
N LYS F 33 -13.97 -2.58 -48.45
CA LYS F 33 -13.98 -1.71 -49.64
C LYS F 33 -15.10 -0.67 -49.55
N LYS F 34 -16.29 -1.11 -49.16
CA LYS F 34 -17.41 -0.19 -49.07
C LYS F 34 -17.21 0.94 -48.03
N ILE F 35 -16.33 0.75 -47.05
CA ILE F 35 -16.15 1.79 -46.04
C ILE F 35 -14.93 2.71 -46.31
N SER F 36 -14.28 2.47 -47.45
CA SER F 36 -13.14 3.30 -47.87
C SER F 36 -13.41 4.80 -47.79
N CYS F 37 -14.60 5.22 -48.21
CA CYS F 37 -14.98 6.63 -48.19
C CYS F 37 -15.32 7.16 -46.79
N ALA F 38 -15.43 6.26 -45.83
CA ALA F 38 -15.85 6.63 -44.48
C ALA F 38 -14.69 6.69 -43.50
N GLU F 39 -14.96 7.24 -42.33
CA GLU F 39 -13.94 7.40 -41.29
C GLU F 39 -14.49 6.97 -39.94
N CYS F 40 -15.56 6.20 -39.94
CA CYS F 40 -16.20 5.87 -38.67
C CYS F 40 -15.46 4.75 -37.97
N PRO F 41 -15.58 4.70 -36.64
CA PRO F 41 -14.87 3.68 -35.86
C PRO F 41 -15.22 2.27 -36.32
N VAL F 42 -14.21 1.40 -36.40
CA VAL F 42 -14.42 -0.01 -36.72
C VAL F 42 -13.94 -0.91 -35.58
N LEU F 43 -14.78 -1.86 -35.19
CA LEU F 43 -14.48 -2.75 -34.08
C LEU F 43 -14.32 -4.15 -34.61
N ILE F 44 -13.09 -4.66 -34.54
CA ILE F 44 -12.72 -5.92 -35.16
C ILE F 44 -12.51 -6.97 -34.09
N THR F 45 -13.28 -8.05 -34.14
CA THR F 45 -13.17 -9.10 -33.14
C THR F 45 -12.93 -10.49 -33.73
N GLY F 46 -12.46 -11.41 -32.89
CA GLY F 46 -12.23 -12.79 -33.31
C GLY F 46 -11.09 -13.44 -32.54
N GLU F 47 -11.02 -14.75 -32.59
CA GLU F 47 -9.98 -15.51 -31.91
C GLU F 47 -8.58 -15.10 -32.33
N SER F 48 -7.61 -15.48 -31.51
CA SER F 48 -6.21 -15.21 -31.80
C SER F 48 -5.81 -15.82 -33.15
N GLY F 49 -5.24 -15.00 -34.02
CA GLY F 49 -4.70 -15.48 -35.28
C GLY F 49 -5.67 -15.50 -36.45
N VAL F 50 -6.85 -14.91 -36.30
CA VAL F 50 -7.81 -14.97 -37.38
C VAL F 50 -7.63 -13.84 -38.37
N GLY F 51 -6.79 -12.87 -38.03
CA GLY F 51 -6.41 -11.81 -38.98
C GLY F 51 -6.90 -10.40 -38.65
N LYS F 52 -7.09 -10.13 -37.36
CA LYS F 52 -7.65 -8.85 -36.96
C LYS F 52 -6.72 -7.70 -37.35
N GLU F 53 -5.43 -7.85 -37.08
CA GLU F 53 -4.49 -6.82 -37.43
C GLU F 53 -4.36 -6.64 -38.96
N VAL F 54 -4.43 -7.76 -39.69
CA VAL F 54 -4.39 -7.68 -41.14
C VAL F 54 -5.59 -6.84 -41.60
N VAL F 55 -6.77 -7.16 -41.06
CA VAL F 55 -7.94 -6.40 -41.45
C VAL F 55 -7.80 -4.92 -41.09
N ALA F 56 -7.21 -4.63 -39.95
CA ALA F 56 -7.12 -3.25 -39.53
C ALA F 56 -6.18 -2.50 -40.46
N ARG F 57 -5.05 -3.10 -40.80
CA ARG F 57 -4.09 -2.41 -41.66
C ARG F 57 -4.64 -2.28 -43.09
N LEU F 58 -5.42 -3.27 -43.53
CA LEU F 58 -6.09 -3.21 -44.83
C LEU F 58 -7.10 -2.06 -44.91
N ILE F 59 -7.90 -1.91 -43.85
CA ILE F 59 -8.86 -0.83 -43.80
C ILE F 59 -8.13 0.49 -43.93
N HIS F 60 -6.99 0.59 -43.28
CA HIS F 60 -6.17 1.79 -43.35
C HIS F 60 -5.68 2.04 -44.77
N LYS F 61 -5.06 1.02 -45.39
CA LYS F 61 -4.52 1.13 -46.73
C LYS F 61 -5.56 1.54 -47.78
N LEU F 62 -6.79 1.03 -47.67
CA LEU F 62 -7.86 1.37 -48.62
C LEU F 62 -8.62 2.66 -48.26
N SER F 63 -8.27 3.29 -47.15
CA SER F 63 -9.01 4.45 -46.70
C SER F 63 -8.41 5.75 -47.22
N ASP F 64 -9.06 6.86 -46.92
CA ASP F 64 -8.61 8.17 -47.36
C ASP F 64 -7.41 8.65 -46.57
N ARG F 65 -6.94 7.85 -45.61
CA ARG F 65 -5.77 8.20 -44.82
C ARG F 65 -4.59 7.28 -45.06
N SER F 66 -4.63 6.53 -46.15
CA SER F 66 -3.60 5.53 -46.42
C SER F 66 -2.21 6.10 -46.30
N LYS F 67 -2.09 7.40 -46.52
CA LYS F 67 -0.77 8.02 -46.58
C LYS F 67 -0.42 8.70 -45.28
N GLU F 68 -1.36 8.71 -44.34
CA GLU F 68 -1.12 9.27 -43.01
C GLU F 68 -0.67 8.15 -42.07
N PRO F 69 -0.16 8.53 -40.89
CA PRO F 69 0.38 7.55 -39.94
C PRO F 69 -0.66 6.53 -39.46
N PHE F 70 -0.20 5.31 -39.24
CA PHE F 70 -1.00 4.25 -38.61
C PHE F 70 -0.37 3.89 -37.27
N VAL F 71 -0.85 4.54 -36.20
CA VAL F 71 -0.32 4.39 -34.84
C VAL F 71 -0.96 3.21 -34.11
N ALA F 72 -0.20 2.14 -33.92
CA ALA F 72 -0.66 0.95 -33.18
C ALA F 72 -0.31 1.07 -31.71
N LEU F 73 -1.20 0.57 -30.87
CA LEU F 73 -1.08 0.75 -29.44
C LEU F 73 -1.79 -0.41 -28.73
N ASN F 74 -1.08 -1.20 -27.92
CA ASN F 74 -1.77 -2.18 -27.07
C ASN F 74 -2.30 -1.45 -25.86
N VAL F 75 -3.55 -1.02 -25.95
CA VAL F 75 -4.05 0.01 -25.05
C VAL F 75 -4.24 -0.52 -23.65
N ALA F 76 -4.46 -1.83 -23.51
CA ALA F 76 -4.63 -2.43 -22.19
C ALA F 76 -3.31 -2.65 -21.42
N SER F 77 -2.19 -2.66 -22.13
CA SER F 77 -0.89 -2.89 -21.48
C SER F 77 -0.25 -1.60 -20.88
N ILE F 78 -0.82 -0.44 -21.20
CA ILE F 78 -0.37 0.82 -20.59
C ILE F 78 -0.75 0.83 -19.12
N PRO F 79 0.25 1.03 -18.24
CA PRO F 79 0.00 1.03 -16.80
C PRO F 79 -0.94 2.17 -16.40
N ARG F 80 -1.85 1.89 -15.48
CA ARG F 80 -2.95 2.80 -15.15
C ARG F 80 -2.51 4.20 -14.73
N ASP F 81 -1.39 4.29 -14.04
CA ASP F 81 -0.96 5.58 -13.52
C ASP F 81 -0.42 6.53 -14.59
N ILE F 82 -0.13 6.01 -15.77
CA ILE F 82 0.29 6.88 -16.87
C ILE F 82 -0.64 6.89 -18.08
N PHE F 83 -1.82 6.30 -17.92
CA PHE F 83 -2.75 6.18 -19.03
C PHE F 83 -3.07 7.54 -19.69
N GLU F 84 -3.51 8.51 -18.89
CA GLU F 84 -3.80 9.83 -19.44
C GLU F 84 -2.57 10.45 -20.10
N ALA F 85 -1.45 10.40 -19.40
CA ALA F 85 -0.24 11.05 -19.91
C ALA F 85 0.09 10.50 -21.28
N GLU F 86 -0.11 9.20 -21.45
CA GLU F 86 0.29 8.54 -22.66
C GLU F 86 -0.70 8.79 -23.80
N LEU F 87 -2.00 8.80 -23.50
CA LEU F 87 -3.00 9.07 -24.53
C LEU F 87 -3.20 10.55 -24.81
N PHE F 88 -3.13 11.38 -23.78
CA PHE F 88 -3.50 12.78 -23.92
C PHE F 88 -2.33 13.74 -23.76
N GLY F 89 -1.21 13.23 -23.29
CA GLY F 89 -0.04 14.05 -23.04
C GLY F 89 -0.14 14.80 -21.75
N TYR F 90 0.83 15.67 -21.48
CA TYR F 90 0.77 16.43 -20.24
C TYR F 90 1.35 17.81 -20.47
N GLU F 91 0.89 18.78 -19.69
CA GLU F 91 1.32 20.16 -19.86
C GLU F 91 2.53 20.38 -18.97
N LYS F 92 3.45 21.23 -19.40
CA LYS F 92 4.57 21.58 -18.54
C LYS F 92 3.96 22.24 -17.31
N GLY F 93 4.53 21.93 -16.14
CA GLY F 93 3.95 22.37 -14.88
C GLY F 93 3.50 21.10 -14.21
N ALA F 94 2.21 20.85 -14.25
CA ALA F 94 1.68 19.48 -14.09
C ALA F 94 2.41 18.63 -13.06
N PHE F 95 2.32 19.07 -11.80
CA PHE F 95 2.87 18.31 -10.68
C PHE F 95 4.32 17.88 -10.93
N THR F 96 5.20 18.89 -10.94
CA THR F 96 6.64 18.77 -11.19
C THR F 96 7.11 17.63 -12.09
N GLY F 97 8.36 17.23 -11.89
CA GLY F 97 8.96 16.24 -12.74
C GLY F 97 9.35 16.86 -14.05
N ALA F 98 8.35 17.26 -14.85
CA ALA F 98 8.66 17.78 -16.17
C ALA F 98 8.74 19.29 -16.35
N VAL F 99 9.53 19.62 -17.36
CA VAL F 99 9.92 20.95 -17.75
C VAL F 99 9.01 21.42 -18.87
N SER F 100 8.74 20.53 -19.83
CA SER F 100 7.97 20.90 -21.01
C SER F 100 6.79 19.95 -21.31
N SER F 101 5.84 20.46 -22.11
CA SER F 101 4.69 19.68 -22.54
C SER F 101 5.09 18.51 -23.45
N LYS F 102 4.23 17.51 -23.52
CA LYS F 102 4.48 16.32 -24.31
C LYS F 102 3.18 15.85 -24.96
N GLU F 103 3.22 15.61 -26.27
CA GLU F 103 2.09 15.11 -27.00
C GLU F 103 1.75 13.71 -26.54
N GLY F 104 0.46 13.38 -26.47
CA GLY F 104 0.02 12.02 -26.26
C GLY F 104 -0.16 11.31 -27.61
N PHE F 105 -0.60 10.06 -27.60
CA PHE F 105 -0.77 9.33 -28.83
C PHE F 105 -1.94 9.81 -29.69
N PHE F 106 -2.96 10.40 -29.07
CA PHE F 106 -4.05 10.95 -29.87
C PHE F 106 -3.52 12.05 -30.78
N GLU F 107 -2.70 12.96 -30.24
CA GLU F 107 -2.10 14.02 -31.05
C GLU F 107 -1.14 13.48 -32.08
N LEU F 108 -0.35 12.49 -31.69
CA LEU F 108 0.61 11.89 -32.61
C LEU F 108 -0.08 11.30 -33.82
N ALA F 109 -1.36 10.97 -33.67
CA ALA F 109 -2.09 10.32 -34.75
C ALA F 109 -3.06 11.30 -35.42
N ASP F 110 -3.05 12.55 -34.98
CA ASP F 110 -3.89 13.58 -35.62
C ASP F 110 -3.78 13.46 -37.14
N GLY F 111 -4.94 13.42 -37.79
CA GLY F 111 -5.00 13.34 -39.24
C GLY F 111 -4.75 11.95 -39.75
N GLY F 112 -4.45 11.05 -38.83
CA GLY F 112 -4.17 9.68 -39.18
C GLY F 112 -5.15 8.66 -38.62
N THR F 113 -4.63 7.49 -38.33
CA THR F 113 -5.41 6.40 -37.81
C THR F 113 -4.79 5.91 -36.51
N LEU F 114 -5.62 5.69 -35.50
CA LEU F 114 -5.18 5.22 -34.20
C LEU F 114 -5.81 3.87 -33.95
N PHE F 115 -4.98 2.86 -33.77
CA PHE F 115 -5.44 1.48 -33.68
C PHE F 115 -5.33 1.02 -32.24
N LEU F 116 -6.46 0.92 -31.55
CA LEU F 116 -6.49 0.49 -30.17
C LEU F 116 -6.63 -1.04 -30.13
N ASP F 117 -5.50 -1.73 -29.97
CA ASP F 117 -5.45 -3.18 -29.90
C ASP F 117 -5.72 -3.64 -28.45
N ALA F 118 -6.27 -4.84 -28.30
CA ALA F 118 -6.63 -5.41 -27.01
C ALA F 118 -7.63 -4.55 -26.23
N ILE F 119 -8.49 -3.87 -26.99
CA ILE F 119 -9.47 -2.95 -26.43
C ILE F 119 -10.33 -3.63 -25.36
N GLY F 120 -10.59 -4.92 -25.54
CA GLY F 120 -11.44 -5.66 -24.63
C GLY F 120 -10.82 -6.00 -23.30
N GLU F 121 -9.53 -5.72 -23.15
CA GLU F 121 -8.84 -6.07 -21.91
C GLU F 121 -8.62 -4.82 -21.10
N LEU F 122 -9.04 -3.68 -21.65
CA LEU F 122 -8.90 -2.38 -21.00
C LEU F 122 -9.69 -2.37 -19.71
N SER F 123 -9.13 -1.77 -18.67
CA SER F 123 -9.80 -1.67 -17.38
C SER F 123 -11.00 -0.72 -17.46
N LEU F 124 -11.99 -0.97 -16.62
CA LEU F 124 -13.15 -0.09 -16.53
C LEU F 124 -12.69 1.35 -16.28
N GLU F 125 -11.72 1.51 -15.41
CA GLU F 125 -11.21 2.83 -15.11
C GLU F 125 -10.72 3.50 -16.40
N ALA F 126 -10.01 2.74 -17.22
CA ALA F 126 -9.41 3.34 -18.40
C ALA F 126 -10.43 3.57 -19.52
N GLN F 127 -11.39 2.65 -19.65
CA GLN F 127 -12.44 2.78 -20.64
C GLN F 127 -13.12 4.13 -20.44
N ALA F 128 -13.36 4.50 -19.20
CA ALA F 128 -14.10 5.70 -18.89
C ALA F 128 -13.32 6.94 -19.33
N LYS F 129 -11.99 6.90 -19.19
CA LYS F 129 -11.15 8.00 -19.66
C LYS F 129 -11.09 8.18 -21.19
N LEU F 130 -11.48 7.16 -21.94
CA LEU F 130 -11.47 7.19 -23.39
C LEU F 130 -12.81 7.68 -23.96
N LEU F 131 -13.84 7.60 -23.13
CA LEU F 131 -15.22 7.83 -23.53
C LEU F 131 -15.50 9.07 -24.38
N ARG F 132 -15.16 10.25 -23.86
CA ARG F 132 -15.54 11.50 -24.51
C ARG F 132 -14.71 11.77 -25.77
N VAL F 133 -13.51 11.24 -25.82
CA VAL F 133 -12.62 11.49 -26.96
C VAL F 133 -13.11 10.86 -28.24
N ILE F 134 -13.62 9.63 -28.14
CA ILE F 134 -14.00 8.86 -29.31
C ILE F 134 -14.91 9.62 -30.25
N GLU F 135 -15.96 10.25 -29.73
CA GLU F 135 -16.89 10.98 -30.60
C GLU F 135 -16.56 12.47 -30.80
N SER F 136 -16.01 13.13 -29.79
CA SER F 136 -15.79 14.58 -29.87
C SER F 136 -14.40 14.99 -30.34
N GLY F 137 -13.45 14.07 -30.32
CA GLY F 137 -12.08 14.37 -30.69
C GLY F 137 -11.43 15.41 -29.79
N LYS F 138 -11.99 15.65 -28.63
CA LYS F 138 -11.52 16.69 -27.74
C LYS F 138 -11.14 16.13 -26.37
N PHE F 139 -10.12 16.74 -25.75
CA PHE F 139 -9.64 16.33 -24.44
C PHE F 139 -8.72 17.39 -23.87
N TYR F 140 -8.48 17.33 -22.56
CA TYR F 140 -7.49 18.19 -21.95
C TYR F 140 -6.23 17.36 -21.68
N ARG F 141 -5.07 17.99 -21.77
CA ARG F 141 -3.86 17.28 -21.39
C ARG F 141 -3.83 17.16 -19.89
N LEU F 142 -3.21 16.11 -19.41
CA LEU F 142 -2.97 15.97 -17.98
C LEU F 142 -2.37 17.27 -17.49
N GLY F 143 -3.12 18.00 -16.66
CA GLY F 143 -2.62 19.23 -16.07
C GLY F 143 -2.88 20.51 -16.87
N GLY F 144 -3.52 20.36 -18.04
CA GLY F 144 -3.71 21.50 -18.92
C GLY F 144 -5.09 22.08 -18.80
N ARG F 145 -5.24 23.32 -19.27
CA ARG F 145 -6.53 23.98 -19.21
C ARG F 145 -7.00 24.46 -20.59
N LYS F 146 -6.41 23.89 -21.64
CA LYS F 146 -6.82 24.22 -23.00
C LYS F 146 -7.36 22.97 -23.68
N GLU F 147 -8.63 23.00 -24.09
CA GLU F 147 -9.16 21.86 -24.80
C GLU F 147 -8.37 21.68 -26.09
N ILE F 148 -7.98 20.45 -26.37
CA ILE F 148 -7.24 20.14 -27.57
C ILE F 148 -8.16 19.37 -28.47
N GLU F 149 -8.10 19.64 -29.77
CA GLU F 149 -8.96 18.93 -30.72
C GLU F 149 -8.13 18.22 -31.79
N VAL F 150 -8.46 16.96 -32.06
CA VAL F 150 -7.75 16.19 -33.06
C VAL F 150 -8.75 15.50 -33.94
N ASN F 151 -8.30 15.06 -35.09
CA ASN F 151 -9.18 14.41 -36.03
C ASN F 151 -8.57 13.05 -36.30
N VAL F 152 -9.03 12.06 -35.56
CA VAL F 152 -8.38 10.76 -35.57
C VAL F 152 -9.35 9.68 -35.95
N ARG F 153 -8.99 8.86 -36.93
CA ARG F 153 -9.87 7.73 -37.21
C ARG F 153 -9.51 6.56 -36.31
N ILE F 154 -10.51 6.01 -35.63
CA ILE F 154 -10.28 4.96 -34.65
C ILE F 154 -10.56 3.56 -35.17
N LEU F 155 -9.62 2.65 -34.93
CA LEU F 155 -9.87 1.24 -35.18
C LEU F 155 -9.62 0.54 -33.84
N ALA F 156 -10.31 -0.56 -33.58
CA ALA F 156 -10.08 -1.30 -32.37
C ALA F 156 -10.25 -2.78 -32.62
N ALA F 157 -9.44 -3.58 -31.94
CA ALA F 157 -9.53 -5.02 -32.09
C ALA F 157 -9.41 -5.69 -30.73
N THR F 158 -10.03 -6.85 -30.60
CA THR F 158 -9.82 -7.69 -29.43
C THR F 158 -10.16 -9.13 -29.72
N ASN F 159 -9.47 -10.05 -29.03
CA ASN F 159 -9.78 -11.47 -29.10
C ASN F 159 -10.64 -11.92 -27.92
N ARG F 160 -11.17 -10.95 -27.19
CA ARG F 160 -12.10 -11.23 -26.09
C ARG F 160 -13.52 -11.20 -26.62
N ASN F 161 -14.40 -11.92 -25.94
CA ASN F 161 -15.81 -11.92 -26.29
C ASN F 161 -16.47 -10.60 -25.85
N ILE F 162 -16.46 -9.58 -26.72
CA ILE F 162 -16.77 -8.23 -26.24
C ILE F 162 -18.24 -8.00 -25.94
N LYS F 163 -19.09 -8.73 -26.65
CA LYS F 163 -20.51 -8.67 -26.34
C LYS F 163 -20.83 -9.28 -24.98
N GLU F 164 -20.16 -10.37 -24.63
CA GLU F 164 -20.32 -10.94 -23.31
C GLU F 164 -19.80 -9.98 -22.23
N LEU F 165 -18.71 -9.30 -22.53
CA LEU F 165 -18.10 -8.41 -21.55
C LEU F 165 -19.07 -7.27 -21.25
N VAL F 166 -19.77 -6.80 -22.27
CA VAL F 166 -20.78 -5.78 -22.04
C VAL F 166 -21.90 -6.30 -21.15
N LYS F 167 -22.41 -7.49 -21.47
CA LYS F 167 -23.47 -8.10 -20.65
C LYS F 167 -23.06 -8.27 -19.19
N GLU F 168 -21.79 -8.59 -18.95
CA GLU F 168 -21.32 -8.85 -17.61
C GLU F 168 -20.86 -7.58 -16.93
N GLY F 169 -21.03 -6.46 -17.59
CA GLY F 169 -20.58 -5.19 -17.01
C GLY F 169 -19.07 -5.01 -16.94
N LYS F 170 -18.30 -5.89 -17.60
CA LYS F 170 -16.86 -5.75 -17.60
C LYS F 170 -16.41 -4.75 -18.68
N PHE F 171 -17.32 -4.38 -19.56
CA PHE F 171 -17.02 -3.39 -20.59
C PHE F 171 -18.21 -2.47 -20.73
N ARG F 172 -17.95 -1.17 -20.70
CA ARG F 172 -18.99 -0.15 -20.76
C ARG F 172 -19.87 -0.22 -22.02
N GLU F 173 -21.18 -0.25 -21.82
CA GLU F 173 -22.12 -0.16 -22.92
C GLU F 173 -21.90 1.13 -23.72
N ASP F 174 -21.72 2.24 -23.04
CA ASP F 174 -21.60 3.48 -23.80
C ASP F 174 -20.33 3.57 -24.65
N LEU F 175 -19.28 2.86 -24.28
CA LEU F 175 -18.07 2.86 -25.09
C LEU F 175 -18.26 1.90 -26.25
N TYR F 176 -18.92 0.78 -25.99
CA TYR F 176 -19.21 -0.19 -27.04
C TYR F 176 -19.99 0.42 -28.21
N TYR F 177 -21.02 1.20 -27.92
CA TYR F 177 -21.76 1.80 -29.03
C TYR F 177 -20.98 2.90 -29.74
N ARG F 178 -19.95 3.42 -29.08
CA ARG F 178 -19.13 4.43 -29.75
C ARG F 178 -18.11 3.77 -30.67
N LEU F 179 -17.64 2.59 -30.29
CA LEU F 179 -16.52 1.97 -31.01
C LEU F 179 -17.04 1.15 -32.16
N GLY F 180 -18.15 0.47 -31.92
CA GLY F 180 -18.67 -0.48 -32.89
C GLY F 180 -19.69 0.09 -33.87
N VAL F 181 -19.32 1.21 -34.48
CA VAL F 181 -20.14 1.77 -35.54
C VAL F 181 -20.15 0.79 -36.70
N ILE F 182 -18.98 0.38 -37.16
CA ILE F 182 -18.88 -0.75 -38.08
C ILE F 182 -18.29 -1.94 -37.32
N GLU F 183 -18.93 -3.10 -37.41
CA GLU F 183 -18.45 -4.28 -36.69
C GLU F 183 -18.03 -5.43 -37.58
N ILE F 184 -16.76 -5.80 -37.52
CA ILE F 184 -16.26 -6.91 -38.30
C ILE F 184 -15.86 -8.09 -37.40
N GLU F 185 -16.64 -9.16 -37.45
CA GLU F 185 -16.37 -10.30 -36.60
C GLU F 185 -15.78 -11.38 -37.47
N ILE F 186 -14.47 -11.61 -37.35
CA ILE F 186 -13.78 -12.55 -38.21
C ILE F 186 -13.88 -13.93 -37.63
N PRO F 187 -14.39 -14.88 -38.38
CA PRO F 187 -14.59 -16.23 -37.84
C PRO F 187 -13.30 -17.01 -37.72
N PRO F 188 -13.30 -18.04 -36.87
CA PRO F 188 -12.15 -18.93 -36.73
C PRO F 188 -11.87 -19.70 -38.03
N LEU F 189 -10.63 -20.12 -38.22
CA LEU F 189 -10.24 -20.79 -39.44
C LEU F 189 -11.07 -22.04 -39.65
N ARG F 190 -11.43 -22.70 -38.56
CA ARG F 190 -12.18 -23.96 -38.63
C ARG F 190 -13.61 -23.80 -39.18
N GLU F 191 -14.08 -22.57 -39.30
CA GLU F 191 -15.37 -22.28 -39.89
C GLU F 191 -15.19 -21.53 -41.21
N ARG F 192 -13.99 -21.63 -41.77
CA ARG F 192 -13.66 -21.00 -43.06
C ARG F 192 -12.85 -21.99 -43.87
N LYS F 193 -13.27 -23.26 -43.86
CA LYS F 193 -12.48 -24.31 -44.49
C LYS F 193 -12.06 -23.99 -45.93
N GLU F 194 -12.84 -23.20 -46.66
CA GLU F 194 -12.45 -22.79 -48.00
C GLU F 194 -11.16 -21.97 -48.02
N ASP F 195 -10.81 -21.39 -46.87
CA ASP F 195 -9.57 -20.60 -46.78
C ASP F 195 -8.32 -21.45 -46.52
N ILE F 196 -8.51 -22.61 -45.89
CA ILE F 196 -7.38 -23.44 -45.45
C ILE F 196 -6.36 -23.80 -46.53
N ILE F 197 -6.77 -24.53 -47.55
CA ILE F 197 -5.84 -24.90 -48.61
C ILE F 197 -5.20 -23.68 -49.33
N PRO F 198 -6.01 -22.67 -49.71
CA PRO F 198 -5.36 -21.54 -50.36
C PRO F 198 -4.33 -20.88 -49.46
N LEU F 199 -4.63 -20.77 -48.17
CA LEU F 199 -3.68 -20.24 -47.21
C LEU F 199 -2.42 -21.11 -47.14
N ALA F 200 -2.61 -22.40 -46.95
CA ALA F 200 -1.46 -23.30 -46.89
C ALA F 200 -0.59 -23.17 -48.14
N ASN F 201 -1.24 -23.12 -49.31
CA ASN F 201 -0.53 -22.96 -50.57
C ASN F 201 0.25 -21.65 -50.61
N HIS F 202 -0.40 -20.56 -50.20
CA HIS F 202 0.23 -19.26 -50.16
C HIS F 202 1.50 -19.29 -49.30
N PHE F 203 1.44 -19.92 -48.13
CA PHE F 203 2.61 -19.98 -47.25
C PHE F 203 3.69 -20.89 -47.80
N LEU F 204 3.27 -22.04 -48.33
CA LEU F 204 4.21 -22.95 -48.96
C LEU F 204 5.02 -22.24 -50.05
N LYS F 205 4.35 -21.41 -50.85
CA LYS F 205 5.04 -20.70 -51.91
C LYS F 205 6.03 -19.71 -51.30
N LYS F 206 5.56 -18.95 -50.32
CA LYS F 206 6.35 -17.92 -49.66
C LYS F 206 7.60 -18.49 -48.99
N PHE F 207 7.45 -19.53 -48.19
CA PHE F 207 8.58 -20.09 -47.48
C PHE F 207 9.52 -20.89 -48.37
N SER F 208 8.97 -21.60 -49.35
CA SER F 208 9.80 -22.35 -50.29
C SER F 208 10.74 -21.42 -51.02
N ARG F 209 10.22 -20.26 -51.42
CA ARG F 209 11.06 -19.24 -52.02
C ARG F 209 12.09 -18.73 -51.01
N LYS F 210 11.60 -18.26 -49.87
CA LYS F 210 12.44 -17.71 -48.82
C LYS F 210 13.59 -18.62 -48.38
N TYR F 211 13.32 -19.91 -48.18
CA TYR F 211 14.38 -20.81 -47.72
C TYR F 211 15.02 -21.66 -48.83
N ALA F 212 14.79 -21.25 -50.07
CA ALA F 212 15.37 -21.92 -51.24
C ALA F 212 15.17 -23.42 -51.22
N LYS F 213 13.91 -23.84 -51.14
CA LYS F 213 13.60 -25.26 -51.10
C LYS F 213 12.79 -25.64 -52.34
N GLU F 214 12.65 -26.94 -52.57
CA GLU F 214 12.01 -27.40 -53.80
C GLU F 214 10.59 -27.89 -53.55
N VAL F 215 9.99 -27.53 -52.42
CA VAL F 215 8.63 -27.97 -52.16
C VAL F 215 7.67 -27.18 -53.06
N GLU F 216 6.62 -27.86 -53.51
CA GLU F 216 5.74 -27.33 -54.54
C GLU F 216 4.30 -27.39 -54.10
N GLY F 217 3.97 -28.36 -53.24
CA GLY F 217 2.59 -28.61 -52.87
C GLY F 217 2.41 -29.73 -51.87
N PHE F 218 1.15 -30.07 -51.60
CA PHE F 218 0.82 -31.08 -50.61
C PHE F 218 0.16 -32.26 -51.28
N THR F 219 0.42 -33.46 -50.78
CA THR F 219 -0.36 -34.63 -51.21
C THR F 219 -1.84 -34.47 -50.83
N LYS F 220 -2.68 -35.31 -51.42
CA LYS F 220 -4.11 -35.26 -51.16
C LYS F 220 -4.36 -35.64 -49.71
N SER F 221 -3.52 -36.54 -49.20
CA SER F 221 -3.60 -36.99 -47.82
C SER F 221 -3.29 -35.85 -46.83
N ALA F 222 -2.27 -35.06 -47.16
CA ALA F 222 -1.88 -33.94 -46.32
C ALA F 222 -2.98 -32.91 -46.31
N GLN F 223 -3.55 -32.65 -47.48
CA GLN F 223 -4.63 -31.68 -47.57
C GLN F 223 -5.83 -32.06 -46.70
N GLU F 224 -6.16 -33.34 -46.62
CA GLU F 224 -7.27 -33.78 -45.76
C GLU F 224 -6.96 -33.42 -44.32
N LEU F 225 -5.71 -33.62 -43.93
CA LEU F 225 -5.28 -33.33 -42.58
C LEU F 225 -5.45 -31.86 -42.26
N LEU F 226 -4.93 -31.01 -43.13
CA LEU F 226 -5.09 -29.58 -42.98
C LEU F 226 -6.56 -29.14 -42.82
N LEU F 227 -7.48 -29.81 -43.49
CA LEU F 227 -8.87 -29.37 -43.44
C LEU F 227 -9.60 -29.83 -42.17
N SER F 228 -9.06 -30.85 -41.52
CA SER F 228 -9.76 -31.47 -40.39
C SER F 228 -9.19 -31.03 -39.04
N TYR F 229 -7.99 -30.48 -39.06
CA TYR F 229 -7.37 -29.94 -37.88
C TYR F 229 -8.09 -28.64 -37.48
N PRO F 230 -8.36 -28.48 -36.18
CA PRO F 230 -9.15 -27.37 -35.61
C PRO F 230 -8.51 -25.99 -35.76
N TRP F 231 -7.18 -25.92 -35.77
CA TRP F 231 -6.46 -24.63 -35.88
C TRP F 231 -6.82 -23.65 -34.76
N TYR F 232 -6.52 -24.05 -33.54
CA TYR F 232 -6.84 -23.23 -32.39
C TYR F 232 -6.07 -21.91 -32.38
N GLY F 233 -4.92 -21.90 -33.06
CA GLY F 233 -4.13 -20.68 -33.28
C GLY F 233 -4.47 -20.00 -34.60
N ASN F 234 -5.49 -20.54 -35.28
CA ASN F 234 -5.96 -20.01 -36.55
C ASN F 234 -4.91 -19.73 -37.61
N VAL F 235 -4.99 -18.62 -38.33
CA VAL F 235 -4.11 -18.45 -39.48
C VAL F 235 -2.64 -18.46 -39.04
N ARG F 236 -2.37 -17.95 -37.85
CA ARG F 236 -1.00 -17.94 -37.36
C ARG F 236 -0.50 -19.37 -37.12
N GLU F 237 -1.32 -20.22 -36.49
CA GLU F 237 -0.90 -21.61 -36.31
C GLU F 237 -0.65 -22.28 -37.65
N LEU F 238 -1.53 -22.04 -38.62
CA LEU F 238 -1.38 -22.59 -39.94
C LEU F 238 -0.03 -22.17 -40.54
N LYS F 239 0.22 -20.87 -40.56
CA LYS F 239 1.49 -20.34 -41.04
C LYS F 239 2.70 -20.97 -40.35
N ASN F 240 2.60 -21.20 -39.05
CA ASN F 240 3.72 -21.82 -38.34
C ASN F 240 3.96 -23.24 -38.81
N VAL F 241 2.87 -24.00 -38.94
CA VAL F 241 2.96 -25.40 -39.37
C VAL F 241 3.55 -25.50 -40.77
N ILE F 242 3.13 -24.64 -41.69
CA ILE F 242 3.67 -24.69 -43.03
C ILE F 242 5.14 -24.30 -43.01
N GLU F 243 5.48 -23.25 -42.25
CA GLU F 243 6.88 -22.84 -42.12
C GLU F 243 7.75 -24.01 -41.59
N ARG F 244 7.22 -24.81 -40.66
CA ARG F 244 7.95 -26.00 -40.24
C ARG F 244 8.08 -27.03 -41.36
N ALA F 245 6.96 -27.35 -42.01
CA ALA F 245 6.92 -28.37 -43.05
C ALA F 245 7.94 -28.06 -44.14
N VAL F 246 8.00 -26.80 -44.54
CA VAL F 246 8.97 -26.40 -45.55
C VAL F 246 10.41 -26.55 -45.09
N LEU F 247 10.75 -26.03 -43.90
CA LEU F 247 12.10 -26.16 -43.38
C LEU F 247 12.58 -27.62 -43.20
N PHE F 248 11.67 -28.53 -42.85
CA PHE F 248 12.05 -29.91 -42.55
C PHE F 248 11.77 -30.83 -43.74
N SER F 249 11.25 -30.26 -44.83
CA SER F 249 10.81 -31.05 -45.99
C SER F 249 11.95 -31.62 -46.81
N GLU F 250 11.69 -32.73 -47.48
CA GLU F 250 12.68 -33.34 -48.36
C GLU F 250 12.19 -33.34 -49.80
N GLY F 251 10.98 -33.84 -50.02
CA GLY F 251 10.50 -34.03 -51.38
C GLY F 251 10.26 -32.77 -52.21
N LYS F 252 9.35 -32.90 -53.16
CA LYS F 252 8.78 -31.75 -53.84
C LYS F 252 7.39 -31.57 -53.25
N PHE F 253 6.96 -32.57 -52.50
CA PHE F 253 5.64 -32.56 -51.90
C PHE F 253 5.66 -32.90 -50.43
N ILE F 254 4.75 -32.27 -49.67
CA ILE F 254 4.59 -32.56 -48.26
C ILE F 254 3.50 -33.61 -48.10
N ASP F 255 3.84 -34.74 -47.48
CA ASP F 255 2.87 -35.82 -47.26
C ASP F 255 2.26 -35.76 -45.84
N ARG F 256 1.20 -36.52 -45.62
CA ARG F 256 0.51 -36.54 -44.35
C ARG F 256 1.45 -36.79 -43.18
N GLY F 257 2.46 -37.62 -43.39
CA GLY F 257 3.39 -37.97 -42.33
C GLY F 257 4.14 -36.77 -41.81
N GLU F 258 4.63 -35.95 -42.72
CA GLU F 258 5.41 -34.76 -42.36
C GLU F 258 4.57 -33.73 -41.57
N LEU F 259 3.26 -33.72 -41.83
CA LEU F 259 2.35 -32.81 -41.14
C LEU F 259 1.94 -33.36 -39.79
N SER F 260 1.57 -34.64 -39.76
CA SER F 260 1.03 -35.29 -38.58
C SER F 260 1.96 -35.16 -37.38
N CYS F 261 3.27 -35.21 -37.63
CA CYS F 261 4.24 -35.06 -36.57
C CYS F 261 4.53 -33.58 -36.27
N LEU F 262 3.83 -32.68 -36.97
CA LEU F 262 3.96 -31.24 -36.72
C LEU F 262 2.73 -30.66 -36.01
N VAL F 263 1.64 -31.41 -35.91
CA VAL F 263 0.42 -30.92 -35.28
C VAL F 263 0.05 -31.71 -34.03
N GLU G 17 31.61 -30.85 -28.59
CA GLU G 17 31.78 -31.51 -27.31
C GLU G 17 30.45 -31.67 -26.60
N TYR G 18 29.35 -31.58 -27.33
CA TYR G 18 28.05 -31.87 -26.77
C TYR G 18 27.58 -33.25 -27.22
N VAL G 19 26.87 -33.96 -26.35
CA VAL G 19 26.45 -35.33 -26.63
C VAL G 19 25.00 -35.45 -27.07
N PHE G 20 24.80 -35.96 -28.27
CA PHE G 20 23.46 -36.28 -28.76
C PHE G 20 23.44 -37.70 -29.33
N GLU G 21 22.91 -38.66 -28.57
CA GLU G 21 22.98 -40.07 -28.99
C GLU G 21 21.63 -40.75 -29.11
N SER G 22 20.75 -40.52 -28.15
CA SER G 22 19.43 -41.11 -28.21
C SER G 22 18.69 -40.66 -29.47
N PRO G 23 17.64 -41.42 -29.85
CA PRO G 23 16.90 -41.04 -31.03
C PRO G 23 16.36 -39.60 -30.97
N LYS G 24 15.65 -39.24 -29.90
CA LYS G 24 15.04 -37.90 -29.84
C LYS G 24 16.07 -36.78 -29.87
N MET G 25 17.20 -36.97 -29.20
CA MET G 25 18.23 -35.95 -29.22
C MET G 25 18.81 -35.80 -30.62
N LYS G 26 18.93 -36.92 -31.33
CA LYS G 26 19.43 -36.86 -32.69
C LYS G 26 18.46 -36.12 -33.59
N GLU G 27 17.16 -36.35 -33.40
CA GLU G 27 16.15 -35.59 -34.14
C GLU G 27 16.27 -34.11 -33.84
N ILE G 28 16.40 -33.78 -32.55
CA ILE G 28 16.50 -32.40 -32.14
C ILE G 28 17.70 -31.75 -32.80
N LEU G 29 18.85 -32.41 -32.75
CA LEU G 29 20.04 -31.92 -33.43
C LEU G 29 19.80 -31.67 -34.92
N GLU G 30 19.02 -32.53 -35.55
CA GLU G 30 18.69 -32.34 -36.96
C GLU G 30 17.84 -31.10 -37.20
N LYS G 31 16.77 -30.93 -36.40
CA LYS G 31 15.95 -29.72 -36.47
C LYS G 31 16.82 -28.49 -36.33
N ILE G 32 17.73 -28.53 -35.38
CA ILE G 32 18.60 -27.38 -35.16
C ILE G 32 19.32 -27.03 -36.45
N LYS G 33 19.88 -28.04 -37.10
CA LYS G 33 20.61 -27.82 -38.36
C LYS G 33 19.69 -27.35 -39.46
N LYS G 34 18.51 -27.94 -39.58
CA LYS G 34 17.59 -27.53 -40.63
C LYS G 34 17.06 -26.10 -40.48
N ILE G 35 17.11 -25.52 -39.28
CA ILE G 35 16.61 -24.14 -39.13
C ILE G 35 17.71 -23.07 -39.19
N SER G 36 18.95 -23.49 -39.44
CA SER G 36 20.08 -22.58 -39.58
C SER G 36 19.82 -21.40 -40.51
N CYS G 37 19.11 -21.67 -41.59
CA CYS G 37 18.81 -20.65 -42.60
C CYS G 37 17.67 -19.73 -42.17
N ALA G 38 17.00 -20.09 -41.08
CA ALA G 38 15.83 -19.33 -40.64
C ALA G 38 16.10 -18.47 -39.42
N GLU G 39 15.16 -17.59 -39.13
CA GLU G 39 15.27 -16.65 -38.02
C GLU G 39 14.02 -16.63 -37.19
N CYS G 40 13.18 -17.65 -37.32
CA CYS G 40 11.90 -17.59 -36.66
C CYS G 40 12.05 -17.95 -35.18
N PRO G 41 11.10 -17.49 -34.37
CA PRO G 41 11.18 -17.75 -32.93
C PRO G 41 11.21 -19.24 -32.62
N VAL G 42 12.05 -19.63 -31.67
CA VAL G 42 12.09 -20.99 -31.20
C VAL G 42 11.73 -21.05 -29.72
N LEU G 43 10.81 -21.95 -29.37
CA LEU G 43 10.38 -22.14 -28.00
C LEU G 43 10.86 -23.50 -27.48
N ILE G 44 11.77 -23.44 -26.50
CA ILE G 44 12.48 -24.62 -25.98
C ILE G 44 12.00 -24.98 -24.58
N THR G 45 11.47 -26.18 -24.38
CA THR G 45 10.90 -26.56 -23.10
C THR G 45 11.47 -27.88 -22.62
N GLY G 46 11.29 -28.16 -21.35
CA GLY G 46 11.80 -29.35 -20.71
C GLY G 46 12.16 -29.14 -19.24
N GLU G 47 12.27 -30.23 -18.50
CA GLU G 47 12.64 -30.19 -17.11
C GLU G 47 14.01 -29.54 -16.86
N SER G 48 14.23 -29.17 -15.60
CA SER G 48 15.48 -28.56 -15.22
C SER G 48 16.66 -29.50 -15.51
N GLY G 49 17.62 -29.00 -16.25
CA GLY G 49 18.84 -29.74 -16.51
C GLY G 49 18.87 -30.58 -17.78
N VAL G 50 17.84 -30.48 -18.62
CA VAL G 50 17.80 -31.32 -19.80
C VAL G 50 18.55 -30.74 -20.97
N GLY G 51 18.97 -29.49 -20.85
CA GLY G 51 19.83 -28.86 -21.85
C GLY G 51 19.24 -27.74 -22.69
N LYS G 52 18.27 -27.03 -22.12
CA LYS G 52 17.57 -26.00 -22.88
C LYS G 52 18.52 -24.89 -23.28
N GLU G 53 19.37 -24.45 -22.37
CA GLU G 53 20.32 -23.40 -22.68
C GLU G 53 21.39 -23.86 -23.69
N VAL G 54 21.82 -25.10 -23.56
CA VAL G 54 22.73 -25.68 -24.53
C VAL G 54 22.11 -25.63 -25.93
N VAL G 55 20.85 -26.06 -26.03
CA VAL G 55 20.16 -26.00 -27.31
C VAL G 55 20.01 -24.57 -27.82
N ALA G 56 19.73 -23.63 -26.93
CA ALA G 56 19.55 -22.26 -27.38
C ALA G 56 20.86 -21.71 -27.93
N ARG G 57 21.96 -21.96 -27.23
CA ARG G 57 23.24 -21.41 -27.66
C ARG G 57 23.74 -22.11 -28.94
N LEU G 58 23.40 -23.39 -29.10
CA LEU G 58 23.70 -24.15 -30.32
C LEU G 58 22.95 -23.60 -31.53
N ILE G 59 21.66 -23.34 -31.36
CA ILE G 59 20.86 -22.74 -32.42
C ILE G 59 21.50 -21.44 -32.88
N HIS G 60 22.03 -20.69 -31.91
CA HIS G 60 22.67 -19.43 -32.19
C HIS G 60 23.96 -19.60 -32.98
N LYS G 61 24.84 -20.48 -32.51
CA LYS G 61 26.11 -20.80 -33.15
C LYS G 61 25.96 -21.31 -34.60
N LEU G 62 24.91 -22.08 -34.88
CA LEU G 62 24.67 -22.62 -36.23
C LEU G 62 23.87 -21.67 -37.12
N SER G 63 23.44 -20.54 -36.58
CA SER G 63 22.56 -19.67 -37.31
C SER G 63 23.35 -18.61 -38.08
N ASP G 64 22.63 -17.77 -38.84
CA ASP G 64 23.23 -16.72 -39.64
C ASP G 64 23.69 -15.54 -38.77
N ARG G 65 23.44 -15.61 -37.47
CA ARG G 65 23.84 -14.54 -36.54
C ARG G 65 24.92 -15.00 -35.58
N SER G 66 25.57 -16.12 -35.88
CA SER G 66 26.52 -16.70 -34.95
C SER G 66 27.53 -15.66 -34.44
N LYS G 67 27.78 -14.64 -35.25
CA LYS G 67 28.82 -13.67 -34.94
C LYS G 67 28.28 -12.41 -34.30
N GLU G 68 26.95 -12.34 -34.19
CA GLU G 68 26.29 -11.22 -33.53
C GLU G 68 26.06 -11.59 -32.06
N PRO G 69 25.67 -10.59 -31.25
CA PRO G 69 25.53 -10.80 -29.81
C PRO G 69 24.43 -11.81 -29.47
N PHE G 70 24.66 -12.57 -28.41
CA PHE G 70 23.66 -13.46 -27.82
C PHE G 70 23.31 -12.92 -26.43
N VAL G 71 22.24 -12.12 -26.35
CA VAL G 71 21.80 -11.49 -25.12
C VAL G 71 20.85 -12.38 -24.33
N ALA G 72 21.34 -12.92 -23.21
CA ALA G 72 20.53 -13.75 -22.30
C ALA G 72 19.87 -12.91 -21.21
N LEU G 73 18.66 -13.28 -20.84
CA LEU G 73 17.82 -12.47 -19.97
C LEU G 73 16.81 -13.34 -19.24
N ASN G 74 16.88 -13.42 -17.91
CA ASN G 74 15.83 -14.10 -17.16
C ASN G 74 14.66 -13.15 -17.11
N VAL G 75 13.73 -13.29 -18.04
CA VAL G 75 12.76 -12.24 -18.27
C VAL G 75 11.72 -12.16 -17.16
N ALA G 76 11.53 -13.25 -16.42
CA ALA G 76 10.52 -13.25 -15.35
C ALA G 76 11.05 -12.63 -14.05
N SER G 77 12.37 -12.52 -13.92
CA SER G 77 12.97 -11.97 -12.70
C SER G 77 13.07 -10.42 -12.71
N ILE G 78 12.88 -9.80 -13.86
CA ILE G 78 12.79 -8.35 -13.94
C ILE G 78 11.57 -7.84 -13.18
N PRO G 79 11.77 -6.93 -12.22
CA PRO G 79 10.66 -6.39 -11.42
C PRO G 79 9.68 -5.63 -12.29
N ARG G 80 8.40 -5.79 -12.02
CA ARG G 80 7.33 -5.30 -12.89
C ARG G 80 7.38 -3.80 -13.18
N ASP G 81 7.83 -3.02 -12.21
CA ASP G 81 7.82 -1.57 -12.36
C ASP G 81 8.91 -1.05 -13.30
N ILE G 82 9.90 -1.89 -13.62
CA ILE G 82 10.91 -1.49 -14.59
C ILE G 82 10.93 -2.35 -15.84
N PHE G 83 9.93 -3.21 -16.00
CA PHE G 83 9.89 -4.08 -17.16
C PHE G 83 10.07 -3.35 -18.51
N GLU G 84 9.21 -2.38 -18.79
CA GLU G 84 9.31 -1.61 -20.04
C GLU G 84 10.66 -0.95 -20.17
N ALA G 85 11.08 -0.24 -19.12
CA ALA G 85 12.36 0.47 -19.13
C ALA G 85 13.49 -0.46 -19.55
N GLU G 86 13.46 -1.67 -19.03
CA GLU G 86 14.53 -2.60 -19.26
C GLU G 86 14.49 -3.25 -20.66
N LEU G 87 13.29 -3.53 -21.16
CA LEU G 87 13.15 -4.13 -22.48
C LEU G 87 13.17 -3.10 -23.61
N PHE G 88 12.54 -1.96 -23.36
CA PHE G 88 12.33 -0.98 -24.42
C PHE G 88 13.11 0.32 -24.25
N GLY G 89 13.73 0.47 -23.08
CA GLY G 89 14.47 1.68 -22.78
C GLY G 89 13.55 2.83 -22.44
N TYR G 90 14.12 4.01 -22.23
CA TYR G 90 13.31 5.17 -21.88
C TYR G 90 13.89 6.41 -22.51
N GLU G 91 13.03 7.38 -22.78
CA GLU G 91 13.44 8.61 -23.43
C GLU G 91 13.80 9.61 -22.34
N LYS G 92 14.81 10.44 -22.60
CA LYS G 92 15.13 11.52 -21.67
C LYS G 92 13.87 12.37 -21.57
N GLY G 93 13.54 12.81 -20.37
CA GLY G 93 12.25 13.43 -20.13
C GLY G 93 11.56 12.53 -19.12
N ALA G 94 10.54 11.77 -19.52
CA ALA G 94 9.91 10.77 -18.59
C ALA G 94 9.86 11.22 -17.13
N PHE G 95 11.05 11.26 -16.51
CA PHE G 95 11.37 12.16 -15.38
C PHE G 95 11.78 11.47 -14.09
N THR G 96 12.77 10.60 -14.20
CA THR G 96 13.24 9.93 -13.01
C THR G 96 14.72 10.13 -12.79
N GLY G 97 15.44 9.04 -12.77
CA GLY G 97 16.86 9.24 -12.83
C GLY G 97 17.11 9.77 -14.20
N ALA G 98 16.20 10.51 -14.86
CA ALA G 98 16.85 10.82 -16.07
C ALA G 98 16.94 12.05 -16.89
N VAL G 99 18.20 12.21 -17.28
CA VAL G 99 18.76 13.27 -18.05
C VAL G 99 18.77 12.84 -19.51
N SER G 100 19.19 11.59 -19.75
CA SER G 100 19.33 11.09 -21.12
C SER G 100 18.62 9.77 -21.41
N SER G 101 18.38 9.51 -22.70
CA SER G 101 17.77 8.27 -23.15
C SER G 101 18.66 7.05 -22.87
N LYS G 102 18.04 5.88 -22.80
CA LYS G 102 18.75 4.65 -22.51
C LYS G 102 18.15 3.52 -23.36
N GLU G 103 19.01 2.76 -24.04
CA GLU G 103 18.58 1.61 -24.81
C GLU G 103 18.05 0.54 -23.89
N GLY G 104 17.01 -0.17 -24.32
CA GLY G 104 16.59 -1.37 -23.63
C GLY G 104 17.29 -2.59 -24.24
N PHE G 105 16.96 -3.77 -23.74
CA PHE G 105 17.62 -4.97 -24.24
C PHE G 105 17.24 -5.34 -25.68
N PHE G 106 16.03 -4.98 -26.13
CA PHE G 106 15.69 -5.24 -27.52
C PHE G 106 16.67 -4.53 -28.44
N GLU G 107 16.96 -3.25 -28.18
CA GLU G 107 17.91 -2.51 -29.00
C GLU G 107 19.32 -3.08 -28.86
N LEU G 108 19.69 -3.47 -27.64
CA LEU G 108 21.03 -3.98 -27.40
C LEU G 108 21.25 -5.26 -28.21
N ALA G 109 20.16 -5.91 -28.59
CA ALA G 109 20.27 -7.16 -29.31
C ALA G 109 19.95 -7.00 -30.78
N ASP G 110 19.68 -5.77 -31.21
CA ASP G 110 19.42 -5.50 -32.61
C ASP G 110 20.46 -6.21 -33.47
N GLY G 111 19.98 -6.93 -34.49
CA GLY G 111 20.86 -7.64 -35.40
C GLY G 111 21.39 -8.93 -34.82
N GLY G 112 21.06 -9.19 -33.57
CA GLY G 112 21.53 -10.39 -32.92
C GLY G 112 20.40 -11.30 -32.47
N THR G 113 20.61 -11.97 -31.36
CA THR G 113 19.68 -12.93 -30.82
C THR G 113 19.35 -12.55 -29.38
N LEU G 114 18.07 -12.56 -29.05
CA LEU G 114 17.61 -12.24 -27.70
C LEU G 114 17.00 -13.51 -27.11
N PHE G 115 17.57 -13.99 -26.02
CA PHE G 115 17.13 -15.24 -25.41
C PHE G 115 16.31 -14.94 -24.15
N LEU G 116 14.99 -15.11 -24.24
CA LEU G 116 14.10 -14.93 -23.12
C LEU G 116 14.00 -16.23 -22.30
N ASP G 117 14.79 -16.32 -21.24
CA ASP G 117 14.78 -17.47 -20.34
C ASP G 117 13.67 -17.34 -19.26
N ALA G 118 13.16 -18.47 -18.79
CA ALA G 118 12.05 -18.49 -17.83
C ALA G 118 10.76 -17.81 -18.36
N ILE G 119 10.59 -17.84 -19.68
CA ILE G 119 9.45 -17.22 -20.34
C ILE G 119 8.13 -17.65 -19.71
N GLY G 120 8.05 -18.90 -19.25
CA GLY G 120 6.84 -19.45 -18.67
C GLY G 120 6.47 -18.90 -17.29
N GLU G 121 7.37 -18.15 -16.69
CA GLU G 121 7.14 -17.64 -15.35
C GLU G 121 6.78 -16.18 -15.41
N LEU G 122 6.79 -15.63 -16.62
CA LEU G 122 6.45 -14.24 -16.83
C LEU G 122 5.03 -13.99 -16.40
N SER G 123 4.79 -12.82 -15.82
CA SER G 123 3.44 -12.43 -15.39
C SER G 123 2.57 -12.11 -16.59
N LEU G 124 1.27 -12.29 -16.41
CA LEU G 124 0.33 -11.95 -17.45
C LEU G 124 0.50 -10.49 -17.86
N GLU G 125 0.74 -9.63 -16.87
CA GLU G 125 0.91 -8.23 -17.17
C GLU G 125 2.09 -8.03 -18.11
N ALA G 126 3.17 -8.77 -17.88
CA ALA G 126 4.37 -8.57 -18.64
C ALA G 126 4.29 -9.24 -20.02
N GLN G 127 3.64 -10.40 -20.08
CA GLN G 127 3.44 -11.08 -21.35
C GLN G 127 2.77 -10.14 -22.34
N ALA G 128 1.77 -9.42 -21.86
CA ALA G 128 1.01 -8.52 -22.73
C ALA G 128 1.88 -7.43 -23.29
N LYS G 129 2.81 -6.91 -22.50
CA LYS G 129 3.76 -5.88 -22.98
C LYS G 129 4.74 -6.36 -24.07
N LEU G 130 4.91 -7.67 -24.19
CA LEU G 130 5.88 -8.25 -25.13
C LEU G 130 5.22 -8.56 -26.45
N LEU G 131 3.90 -8.62 -26.39
CA LEU G 131 3.08 -9.14 -27.48
C LEU G 131 3.37 -8.57 -28.87
N ARG G 132 3.29 -7.25 -29.03
CA ARG G 132 3.41 -6.64 -30.34
C ARG G 132 4.84 -6.64 -30.89
N VAL G 133 5.81 -6.67 -30.00
CA VAL G 133 7.21 -6.63 -30.40
C VAL G 133 7.65 -7.89 -31.12
N ILE G 134 7.18 -9.05 -30.64
CA ILE G 134 7.64 -10.32 -31.16
C ILE G 134 7.52 -10.43 -32.67
N GLU G 135 6.38 -10.03 -33.22
CA GLU G 135 6.21 -10.16 -34.68
C GLU G 135 6.58 -8.89 -35.46
N SER G 136 6.34 -7.71 -34.91
CA SER G 136 6.55 -6.47 -35.68
C SER G 136 7.92 -5.84 -35.47
N GLY G 137 8.62 -6.24 -34.40
CA GLY G 137 9.93 -5.69 -34.10
C GLY G 137 9.86 -4.21 -33.79
N LYS G 138 8.68 -3.72 -33.47
CA LYS G 138 8.48 -2.31 -33.24
C LYS G 138 7.95 -2.04 -31.84
N PHE G 139 8.36 -0.90 -31.27
CA PHE G 139 7.89 -0.49 -29.94
C PHE G 139 8.20 0.97 -29.71
N TYR G 140 7.59 1.55 -28.67
CA TYR G 140 7.94 2.89 -28.24
C TYR G 140 8.74 2.78 -26.96
N ARG G 141 9.73 3.65 -26.79
CA ARG G 141 10.43 3.69 -25.51
C ARG G 141 9.50 4.23 -24.46
N LEU G 142 9.70 3.79 -23.23
CA LEU G 142 8.99 4.40 -22.11
C LEU G 142 9.12 5.92 -22.23
N GLY G 143 8.00 6.59 -22.45
CA GLY G 143 7.99 8.03 -22.53
C GLY G 143 8.28 8.64 -23.88
N GLY G 144 8.54 7.81 -24.87
CA GLY G 144 8.95 8.28 -26.17
C GLY G 144 7.80 8.31 -27.15
N ARG G 145 7.95 9.09 -28.21
CA ARG G 145 6.90 9.20 -29.22
C ARG G 145 7.41 8.84 -30.62
N LYS G 146 8.55 8.15 -30.69
CA LYS G 146 9.09 7.68 -31.97
C LYS G 146 9.10 6.17 -31.98
N GLU G 147 8.41 5.56 -32.93
CA GLU G 147 8.44 4.11 -33.03
C GLU G 147 9.86 3.67 -33.35
N ILE G 148 10.35 2.69 -32.62
CA ILE G 148 11.69 2.17 -32.85
C ILE G 148 11.55 0.81 -33.48
N GLU G 149 12.42 0.50 -34.43
CA GLU G 149 12.35 -0.79 -35.08
C GLU G 149 13.68 -1.55 -34.93
N VAL G 150 13.59 -2.83 -34.61
CA VAL G 150 14.79 -3.63 -34.43
C VAL G 150 14.57 -4.93 -35.13
N ASN G 151 15.66 -5.61 -35.41
CA ASN G 151 15.59 -6.88 -36.08
C ASN G 151 16.25 -7.92 -35.17
N VAL G 152 15.44 -8.59 -34.38
CA VAL G 152 15.97 -9.42 -33.33
C VAL G 152 15.45 -10.83 -33.46
N ARG G 153 16.36 -11.80 -33.42
CA ARG G 153 15.87 -13.16 -33.45
C ARG G 153 15.59 -13.62 -32.03
N ILE G 154 14.37 -14.12 -31.82
CA ILE G 154 13.95 -14.51 -30.49
C ILE G 154 14.07 -15.99 -30.19
N LEU G 155 14.71 -16.32 -29.07
CA LEU G 155 14.67 -17.67 -28.54
C LEU G 155 14.03 -17.59 -27.17
N ALA G 156 13.32 -18.63 -26.75
CA ALA G 156 12.73 -18.63 -25.41
C ALA G 156 12.78 -20.02 -24.82
N ALA G 157 13.01 -20.11 -23.52
CA ALA G 157 13.02 -21.39 -22.82
C ALA G 157 12.23 -21.34 -21.52
N THR G 158 11.73 -22.48 -21.09
CA THR G 158 11.17 -22.58 -19.75
C THR G 158 11.08 -24.02 -19.32
N ASN G 159 11.13 -24.25 -18.02
CA ASN G 159 10.96 -25.57 -17.47
C ASN G 159 9.57 -25.74 -16.91
N ARG G 160 8.68 -24.83 -17.28
CA ARG G 160 7.29 -24.93 -16.84
C ARG G 160 6.52 -25.61 -17.94
N ASN G 161 5.44 -26.26 -17.57
CA ASN G 161 4.54 -26.90 -18.51
C ASN G 161 3.75 -25.84 -19.29
N ILE G 162 4.31 -25.35 -20.40
CA ILE G 162 3.74 -24.15 -21.03
C ILE G 162 2.38 -24.36 -21.72
N LYS G 163 2.16 -25.58 -22.23
CA LYS G 163 0.88 -25.91 -22.81
C LYS G 163 -0.23 -25.97 -21.75
N GLU G 164 0.10 -26.47 -20.56
CA GLU G 164 -0.84 -26.42 -19.46
C GLU G 164 -1.14 -24.97 -19.02
N LEU G 165 -0.11 -24.15 -19.01
CA LEU G 165 -0.29 -22.77 -18.58
C LEU G 165 -1.24 -22.05 -19.54
N VAL G 166 -1.14 -22.36 -20.83
CA VAL G 166 -2.05 -21.77 -21.78
C VAL G 166 -3.48 -22.24 -21.50
N LYS G 167 -3.66 -23.54 -21.28
CA LYS G 167 -4.99 -24.07 -20.98
C LYS G 167 -5.59 -23.45 -19.73
N GLU G 168 -4.77 -23.16 -18.74
CA GLU G 168 -5.27 -22.61 -17.47
C GLU G 168 -5.37 -21.09 -17.51
N GLY G 169 -5.08 -20.49 -18.66
CA GLY G 169 -5.08 -19.05 -18.78
C GLY G 169 -3.93 -18.32 -18.06
N LYS G 170 -2.94 -19.07 -17.58
CA LYS G 170 -1.83 -18.44 -16.88
C LYS G 170 -0.80 -17.91 -17.89
N PHE G 171 -0.95 -18.30 -19.15
CA PHE G 171 -0.08 -17.83 -20.22
C PHE G 171 -0.93 -17.55 -21.44
N ARG G 172 -0.73 -16.38 -22.05
CA ARG G 172 -1.55 -15.95 -23.17
C ARG G 172 -1.43 -16.85 -24.39
N GLU G 173 -2.57 -17.26 -24.93
CA GLU G 173 -2.62 -17.99 -26.20
C GLU G 173 -1.94 -17.20 -27.33
N ASP G 174 -2.23 -15.92 -27.44
CA ASP G 174 -1.65 -15.18 -28.53
C ASP G 174 -0.13 -14.99 -28.44
N LEU G 175 0.43 -15.04 -27.25
CA LEU G 175 1.89 -14.94 -27.16
C LEU G 175 2.51 -16.31 -27.45
N TYR G 176 1.84 -17.37 -26.99
CA TYR G 176 2.29 -18.72 -27.31
C TYR G 176 2.44 -18.98 -28.82
N TYR G 177 1.43 -18.64 -29.60
CA TYR G 177 1.53 -18.87 -31.04
C TYR G 177 2.56 -17.97 -31.71
N ARG G 178 2.99 -16.89 -31.04
CA ARG G 178 4.02 -16.04 -31.61
C ARG G 178 5.40 -16.61 -31.30
N LEU G 179 5.54 -17.21 -30.13
CA LEU G 179 6.84 -17.65 -29.69
C LEU G 179 7.15 -19.02 -30.24
N GLY G 180 6.14 -19.88 -30.29
CA GLY G 180 6.36 -21.26 -30.66
C GLY G 180 6.19 -21.58 -32.14
N VAL G 181 6.83 -20.78 -32.99
CA VAL G 181 6.86 -21.07 -34.40
C VAL G 181 7.61 -22.39 -34.59
N ILE G 182 8.80 -22.50 -34.01
CA ILE G 182 9.50 -23.78 -33.94
C ILE G 182 9.47 -24.25 -32.51
N GLU G 183 9.07 -25.50 -32.26
CA GLU G 183 8.98 -26.01 -30.89
C GLU G 183 9.92 -27.19 -30.62
N ILE G 184 10.84 -27.00 -29.67
CA ILE G 184 11.73 -28.07 -29.28
C ILE G 184 11.47 -28.48 -27.85
N GLU G 185 10.91 -29.67 -27.68
CA GLU G 185 10.60 -30.20 -26.37
C GLU G 185 11.64 -31.25 -26.03
N ILE G 186 12.57 -30.91 -25.13
CA ILE G 186 13.65 -31.81 -24.79
C ILE G 186 13.24 -32.76 -23.70
N PRO G 187 13.36 -34.07 -23.93
CA PRO G 187 12.85 -35.03 -22.94
C PRO G 187 13.76 -35.15 -21.73
N PRO G 188 13.22 -35.64 -20.62
CA PRO G 188 14.03 -35.88 -19.41
C PRO G 188 15.09 -36.94 -19.70
N LEU G 189 16.16 -36.94 -18.92
CA LEU G 189 17.23 -37.89 -19.15
C LEU G 189 16.71 -39.32 -19.03
N ARG G 190 15.77 -39.53 -18.12
CA ARG G 190 15.26 -40.87 -17.85
C ARG G 190 14.52 -41.51 -19.05
N GLU G 191 14.21 -40.71 -20.06
CA GLU G 191 13.56 -41.17 -21.28
C GLU G 191 14.52 -41.05 -22.45
N ARG G 192 15.81 -40.95 -22.14
CA ARG G 192 16.86 -40.86 -23.15
C ARG G 192 18.01 -41.75 -22.72
N LYS G 193 17.69 -42.97 -22.26
CA LYS G 193 18.70 -43.80 -21.63
C LYS G 193 19.95 -44.00 -22.49
N GLU G 194 19.81 -43.91 -23.80
CA GLU G 194 20.98 -44.02 -24.68
C GLU G 194 21.99 -42.90 -24.48
N ASP G 195 21.56 -41.79 -23.88
CA ASP G 195 22.44 -40.64 -23.65
C ASP G 195 23.23 -40.79 -22.35
N ILE G 196 22.68 -41.53 -21.39
CA ILE G 196 23.27 -41.62 -20.06
C ILE G 196 24.75 -42.01 -20.01
N ILE G 197 25.08 -43.19 -20.51
CA ILE G 197 26.48 -43.65 -20.50
C ILE G 197 27.42 -42.74 -21.31
N PRO G 198 27.04 -42.38 -22.54
CA PRO G 198 27.97 -41.48 -23.23
C PRO G 198 28.18 -40.16 -22.49
N LEU G 199 27.12 -39.62 -21.87
CA LEU G 199 27.22 -38.42 -21.06
C LEU G 199 28.15 -38.65 -19.86
N ALA G 200 27.88 -39.68 -19.08
CA ALA G 200 28.76 -40.01 -17.97
C ALA G 200 30.23 -40.14 -18.42
N ASN G 201 30.45 -40.84 -19.54
CA ASN G 201 31.81 -41.00 -20.05
C ASN G 201 32.41 -39.64 -20.39
N HIS G 202 31.65 -38.80 -21.08
CA HIS G 202 32.10 -37.47 -21.46
C HIS G 202 32.55 -36.66 -20.23
N PHE G 203 31.77 -36.70 -19.16
CA PHE G 203 32.14 -35.95 -17.95
C PHE G 203 33.33 -36.58 -17.26
N LEU G 204 33.34 -37.91 -17.17
CA LEU G 204 34.47 -38.60 -16.57
C LEU G 204 35.78 -38.19 -17.23
N LYS G 205 35.78 -38.10 -18.55
CA LYS G 205 36.98 -37.71 -19.26
C LYS G 205 37.32 -36.26 -18.91
N LYS G 206 36.31 -35.38 -18.97
CA LYS G 206 36.51 -33.95 -18.69
C LYS G 206 37.08 -33.69 -17.30
N PHE G 207 36.45 -34.23 -16.28
CA PHE G 207 36.88 -33.99 -14.91
C PHE G 207 38.18 -34.70 -14.54
N SER G 208 38.39 -35.89 -15.08
CA SER G 208 39.62 -36.63 -14.82
C SER G 208 40.80 -35.81 -15.31
N ARG G 209 40.67 -35.23 -16.50
CA ARG G 209 41.69 -34.36 -17.03
C ARG G 209 41.83 -33.13 -16.14
N LYS G 210 40.72 -32.44 -15.92
CA LYS G 210 40.70 -31.22 -15.11
C LYS G 210 41.33 -31.37 -13.73
N TYR G 211 41.02 -32.46 -13.03
CA TYR G 211 41.54 -32.62 -11.67
C TYR G 211 42.72 -33.59 -11.56
N ALA G 212 43.36 -33.85 -12.71
CA ALA G 212 44.55 -34.69 -12.78
C ALA G 212 44.37 -35.99 -12.01
N LYS G 213 43.36 -36.76 -12.39
CA LYS G 213 43.13 -38.04 -11.75
C LYS G 213 43.27 -39.18 -12.76
N GLU G 214 43.31 -40.40 -12.24
CA GLU G 214 43.58 -41.55 -13.11
C GLU G 214 42.35 -42.36 -13.42
N VAL G 215 41.17 -41.79 -13.22
CA VAL G 215 39.95 -42.53 -13.49
C VAL G 215 39.77 -42.61 -15.00
N GLU G 216 39.28 -43.75 -15.45
CA GLU G 216 39.22 -44.07 -16.87
C GLU G 216 37.82 -44.47 -17.30
N GLY G 217 37.05 -45.06 -16.39
CA GLY G 217 35.75 -45.59 -16.76
C GLY G 217 34.94 -46.10 -15.57
N PHE G 218 33.78 -46.67 -15.87
CA PHE G 218 32.93 -47.23 -14.84
C PHE G 218 32.85 -48.75 -14.94
N THR G 219 32.70 -49.43 -13.81
CA THR G 219 32.43 -50.86 -13.82
C THR G 219 31.05 -51.09 -14.41
N LYS G 220 30.76 -52.35 -14.73
CA LYS G 220 29.50 -52.72 -15.36
C LYS G 220 28.40 -52.49 -14.36
N SER G 221 28.74 -52.69 -13.09
CA SER G 221 27.80 -52.52 -11.99
C SER G 221 27.40 -51.05 -11.83
N ALA G 222 28.39 -50.17 -11.94
CA ALA G 222 28.15 -48.74 -11.85
C ALA G 222 27.29 -48.28 -13.01
N GLN G 223 27.57 -48.78 -14.22
CA GLN G 223 26.80 -48.38 -15.38
C GLN G 223 25.32 -48.76 -15.23
N GLU G 224 25.04 -49.88 -14.58
CA GLU G 224 23.65 -50.29 -14.38
C GLU G 224 22.97 -49.26 -13.51
N LEU G 225 23.68 -48.82 -12.49
CA LEU G 225 23.16 -47.84 -11.56
C LEU G 225 22.83 -46.54 -12.28
N LEU G 226 23.76 -46.03 -13.06
CA LEU G 226 23.54 -44.83 -13.83
C LEU G 226 22.30 -44.94 -14.71
N LEU G 227 22.04 -46.12 -15.28
CA LEU G 227 20.92 -46.23 -16.20
C LEU G 227 19.55 -46.32 -15.52
N SER G 228 19.54 -46.73 -14.25
CA SER G 228 18.29 -46.98 -13.55
C SER G 228 17.87 -45.83 -12.63
N TYR G 229 18.82 -44.95 -12.31
CA TYR G 229 18.56 -43.76 -11.52
C TYR G 229 17.73 -42.78 -12.36
N PRO G 230 16.70 -42.18 -11.74
CA PRO G 230 15.73 -41.31 -12.42
C PRO G 230 16.30 -40.00 -12.94
N TRP G 231 17.34 -39.47 -12.30
CA TRP G 231 17.95 -38.20 -12.72
C TRP G 231 16.94 -37.05 -12.74
N TYR G 232 16.44 -36.72 -11.56
CA TYR G 232 15.44 -35.68 -11.46
C TYR G 232 16.01 -34.30 -11.82
N GLY G 233 17.32 -34.15 -11.68
CA GLY G 233 18.01 -32.95 -12.10
C GLY G 233 18.62 -33.09 -13.48
N ASN G 234 18.28 -34.19 -14.13
CA ASN G 234 18.72 -34.46 -15.50
C ASN G 234 20.21 -34.32 -15.80
N VAL G 235 20.57 -33.75 -16.93
CA VAL G 235 21.98 -33.73 -17.28
C VAL G 235 22.85 -33.05 -16.22
N ARG G 236 22.31 -32.02 -15.60
CA ARG G 236 23.07 -31.31 -14.58
C ARG G 236 23.32 -32.18 -13.37
N GLU G 237 22.30 -32.91 -12.91
CA GLU G 237 22.51 -33.85 -11.81
C GLU G 237 23.57 -34.92 -12.17
N LEU G 238 23.49 -35.45 -13.39
CA LEU G 238 24.43 -36.45 -13.83
C LEU G 238 25.84 -35.87 -13.78
N LYS G 239 26.03 -34.71 -14.40
CA LYS G 239 27.32 -34.02 -14.35
C LYS G 239 27.82 -33.78 -12.90
N ASN G 240 26.93 -33.48 -11.96
CA ASN G 240 27.37 -33.26 -10.60
C ASN G 240 27.85 -34.56 -10.00
N VAL G 241 27.09 -35.63 -10.20
CA VAL G 241 27.45 -36.94 -9.66
C VAL G 241 28.81 -37.43 -10.21
N ILE G 242 29.05 -37.25 -11.50
CA ILE G 242 30.33 -37.65 -12.04
C ILE G 242 31.44 -36.77 -11.48
N GLU G 243 31.18 -35.47 -11.38
CA GLU G 243 32.18 -34.58 -10.79
C GLU G 243 32.56 -35.01 -9.35
N ARG G 244 31.59 -35.44 -8.57
CA ARG G 244 31.89 -36.00 -7.25
C ARG G 244 32.68 -37.29 -7.34
N ALA G 245 32.22 -38.21 -8.20
CA ALA G 245 32.86 -39.52 -8.30
C ALA G 245 34.34 -39.39 -8.63
N VAL G 246 34.65 -38.51 -9.57
CA VAL G 246 36.03 -38.26 -9.94
C VAL G 246 36.85 -37.65 -8.80
N LEU G 247 36.34 -36.64 -8.14
CA LEU G 247 37.07 -36.00 -7.04
C LEU G 247 37.34 -36.93 -5.85
N PHE G 248 36.41 -37.85 -5.59
CA PHE G 248 36.53 -38.77 -4.45
C PHE G 248 37.05 -40.15 -4.84
N SER G 249 37.35 -40.33 -6.12
CA SER G 249 37.75 -41.63 -6.64
C SER G 249 39.16 -42.03 -6.25
N GLU G 250 39.39 -43.34 -6.18
CA GLU G 250 40.73 -43.88 -5.94
C GLU G 250 41.27 -44.69 -7.12
N GLY G 251 40.47 -45.65 -7.59
CA GLY G 251 40.94 -46.54 -8.63
C GLY G 251 41.24 -45.93 -9.99
N LYS G 252 41.14 -46.76 -11.02
CA LYS G 252 41.16 -46.31 -12.38
C LYS G 252 39.71 -46.39 -12.83
N PHE G 253 38.91 -47.04 -12.01
CA PHE G 253 37.52 -47.28 -12.32
C PHE G 253 36.60 -46.90 -11.15
N ILE G 254 35.41 -46.41 -11.48
CA ILE G 254 34.40 -46.09 -10.50
C ILE G 254 33.44 -47.26 -10.38
N ASP G 255 33.34 -47.83 -9.18
CA ASP G 255 32.48 -48.98 -8.95
C ASP G 255 31.10 -48.53 -8.40
N ARG G 256 30.14 -49.46 -8.37
CA ARG G 256 28.79 -49.16 -7.90
C ARG G 256 28.78 -48.53 -6.51
N GLY G 257 29.69 -48.97 -5.65
CA GLY G 257 29.73 -48.45 -4.29
C GLY G 257 30.00 -46.98 -4.22
N GLU G 258 30.93 -46.51 -5.03
CA GLU G 258 31.32 -45.10 -5.04
C GLU G 258 30.17 -44.23 -5.54
N LEU G 259 29.33 -44.77 -6.42
CA LEU G 259 28.18 -44.02 -6.94
C LEU G 259 27.00 -44.06 -5.97
N SER G 260 26.70 -45.25 -5.47
CA SER G 260 25.54 -45.47 -4.61
C SER G 260 25.50 -44.51 -3.42
N CYS G 261 26.67 -44.19 -2.88
CA CYS G 261 26.76 -43.25 -1.76
C CYS G 261 26.79 -41.79 -2.25
N LEU G 262 26.67 -41.61 -3.56
CA LEU G 262 26.60 -40.27 -4.16
C LEU G 262 25.21 -39.92 -4.67
N VAL G 263 24.30 -40.90 -4.74
CA VAL G 263 22.95 -40.66 -5.25
C VAL G 263 21.87 -40.88 -4.18
#